data_7TE6
#
_entry.id   7TE6
#
_cell.length_a   124.922
_cell.length_b   124.922
_cell.length_c   407.119
_cell.angle_alpha   90.000
_cell.angle_beta   90.000
_cell.angle_gamma   90.000
#
_symmetry.space_group_name_H-M   'P 41 21 2'
#
loop_
_entity.id
_entity.type
_entity.pdbx_description
1 polymer 'Glutamate receptor ionotropic, NMDA 1'
2 polymer 'Glutamate receptor ionotropic, NMDA 2B'
3 polymer 'Fab5 heavy chain'
4 polymer 'Fab5 light chain'
#
loop_
_entity_poly.entity_id
_entity_poly.type
_entity_poly.pdbx_seq_one_letter_code
_entity_poly.pdbx_strand_id
1 'polypeptide(L)'
;DPKIVNIGAVLSTKKHEQIFREAVNQANKRHFTRKIQLQATSVTHRPNAIQMALSVCEDLISSQVYAILVSHPPAPTDHL
TPTPISYTAGFYRIPVIGLTTRMSIYSDKSIHLSFLRTVPPYSHQALVWFEMMRLFNWNHVILIVSDDHEGRAAQKKLET
LLEGKESKSKKRNYENLDQLSYDNKRGPKADKVLQFEPGTKNLTALLLEAKELEARVIILSASEDDATAVYKSAAMLDMT
GAGYVWLVGEREISGSALRYAPDGIIGLQLINGKNESAHISDAVAVVAQAIHELFEMENITDPPRGCVGNTNIWKTGPLF
KRVLMSSKYPDGVTGRIEFNEDGDRKFAQYSIMNLQNRKLVQVGIFNGSYIIQNDRKIIWPGG
;
A,E
2 'polypeptide(L)'
;SPPSIGIAVILVGTSDEVAIKDAHEKDDFHHLSVVPRVELVAMNETDPKSIITRICDLMSDRKIQGVVFADDTDQEAIAQ
ILDFISAQTLTPILGIHGGSSMIMADKDESSMFFQFGPSIEQQASVMLNIMEEYDWYIFSIVTTYFPGYQDFVNKIRSTI
ENSFVGWELEEVLLLDMSLDDGDSKIQNQLKKLQSPIILLYCTKEEATYIFEVANSVGLTGYGYTWIVPSLVAGDTDTVP
SEFPTGLISVSYDEWDYGLPARVRDGIAIITTAASDMLSEHSFIPEPKSSCYNTHEKRIYQSNMLNRYLINVTFEGRDLS
FSEDGYQMHPKLVIILLNKERKWERVGKWKDKSLQMKYYVWPRM
;
B,F
3 'polypeptide(L)'
;DVKLQESGGGSVKLGGSLKLSCVVSGFTFSTYYMSWVRQTPEKRLELVAVINSNGGNTYYPDNVKGRFTISRDNAENTLY
LQMSSLKSEDTALYYCARRDYDGFAMDYWGQGTSVTVSSAKTTPPSVYPLAPGSAAQTNSMVTLGCLVKGYFPEPVTVTW
NSGSLSSGVHTFPAVLQSDLYTLSSSVTVPSSTWPSETVTCNVAHPASSTKVDKKIVPRDC
;
C,G
4 'polypeptide(L)'
;DIQLTQSPASLAVSLGQRATISCRASQSVSTSRYSYMHWYQHKPGQPPKLLIKYASNLESGVPARFSGSGSGTDFTLNIH
PVEEEDTATYYCQHSWENPYTFGGGTKLEIKRADAAPTVSIFPPSSEQLTSGGASVVCFLNNFYPKDINVKWKIDGSERQ
NGVLNSWTDQDSKDSTYSMSSTLTLTKDEYERHNSYTCEATHKTSTSPIVKSFNR
;
D,H
#
# COMPACT_ATOMS: atom_id res chain seq x y z
N ASP A 1 -85.60 7.06 -26.92
CA ASP A 1 -84.63 7.54 -25.95
C ASP A 1 -83.29 7.83 -26.62
N PRO A 2 -82.61 8.89 -26.17
CA PRO A 2 -81.26 9.14 -26.69
C PRO A 2 -80.28 8.10 -26.16
N LYS A 3 -79.49 7.51 -27.06
CA LYS A 3 -78.45 6.61 -26.61
C LYS A 3 -77.34 7.41 -25.94
N ILE A 4 -76.87 6.89 -24.82
CA ILE A 4 -76.01 7.63 -23.90
C ILE A 4 -74.57 7.21 -24.11
N VAL A 5 -73.68 8.20 -24.24
CA VAL A 5 -72.26 7.97 -24.54
C VAL A 5 -71.48 8.14 -23.26
N ASN A 6 -70.59 7.18 -22.98
CA ASN A 6 -69.73 7.24 -21.80
C ASN A 6 -68.35 7.80 -22.16
N ILE A 7 -67.96 8.84 -21.43
CA ILE A 7 -66.67 9.50 -21.61
C ILE A 7 -65.97 9.48 -20.25
N GLY A 8 -64.74 8.95 -20.21
CA GLY A 8 -64.06 8.70 -18.96
C GLY A 8 -62.78 9.50 -18.83
N ALA A 9 -62.30 9.58 -17.59
CA ALA A 9 -61.09 10.31 -17.30
C ALA A 9 -60.36 9.70 -16.12
N VAL A 10 -59.04 9.77 -16.16
CA VAL A 10 -58.13 9.41 -15.09
C VAL A 10 -57.34 10.68 -14.79
N LEU A 11 -57.71 11.37 -13.72
CA LEU A 11 -57.21 12.71 -13.47
C LEU A 11 -56.39 12.74 -12.18
N SER A 12 -56.01 13.95 -11.76
CA SER A 12 -55.15 14.10 -10.59
C SER A 12 -55.96 14.01 -9.30
N THR A 13 -56.80 15.00 -9.03
CA THR A 13 -57.43 15.15 -7.73
C THR A 13 -58.96 15.10 -7.85
N LYS A 14 -59.62 15.05 -6.68
CA LYS A 14 -61.07 15.13 -6.65
C LYS A 14 -61.57 16.37 -7.39
N LYS A 15 -60.89 17.50 -7.15
CA LYS A 15 -61.27 18.75 -7.81
C LYS A 15 -61.42 18.58 -9.32
N HIS A 16 -60.44 17.91 -9.94
CA HIS A 16 -60.50 17.72 -11.38
C HIS A 16 -61.56 16.72 -11.78
N GLU A 17 -61.87 15.75 -10.92
CA GLU A 17 -63.08 14.95 -11.10
C GLU A 17 -64.27 15.86 -11.36
N GLN A 18 -64.46 16.85 -10.48
CA GLN A 18 -65.62 17.73 -10.65
C GLN A 18 -65.50 18.60 -11.88
N ILE A 19 -64.29 19.11 -12.20
CA ILE A 19 -64.12 19.91 -13.41
C ILE A 19 -64.52 19.11 -14.64
N PHE A 20 -64.15 17.82 -14.68
CA PHE A 20 -64.47 16.99 -15.83
C PHE A 20 -65.97 16.71 -15.92
N ARG A 21 -66.57 16.30 -14.80
CA ARG A 21 -68.03 16.15 -14.76
C ARG A 21 -68.71 17.40 -15.33
N GLU A 22 -68.21 18.56 -14.91
CA GLU A 22 -68.78 19.85 -15.31
C GLU A 22 -68.70 20.03 -16.82
N ALA A 23 -67.47 20.00 -17.34
CA ALA A 23 -67.24 20.24 -18.76
C ALA A 23 -68.04 19.27 -19.62
N VAL A 24 -68.22 18.04 -19.15
CA VAL A 24 -69.02 17.07 -19.91
C VAL A 24 -70.48 17.51 -19.96
N ASN A 25 -71.05 17.87 -18.82
CA ASN A 25 -72.44 18.32 -18.83
C ASN A 25 -72.62 19.56 -19.71
N GLN A 26 -71.62 20.44 -19.75
CA GLN A 26 -71.71 21.61 -20.63
C GLN A 26 -71.61 21.21 -22.10
N ALA A 27 -70.77 20.20 -22.39
CA ALA A 27 -70.66 19.68 -23.75
C ALA A 27 -71.99 19.14 -24.24
N ASN A 28 -72.84 18.65 -23.34
CA ASN A 28 -74.21 18.35 -23.76
C ASN A 28 -74.98 19.59 -24.20
N LYS A 29 -74.56 20.77 -23.74
CA LYS A 29 -75.32 22.00 -23.95
C LYS A 29 -74.69 22.90 -24.99
N ARG A 30 -73.80 22.32 -25.78
CA ARG A 30 -73.08 23.12 -26.77
C ARG A 30 -73.63 22.90 -28.18
N HIS A 31 -74.33 21.78 -28.40
CA HIS A 31 -75.08 21.45 -29.61
C HIS A 31 -76.27 20.56 -29.26
N PHE A 32 -77.37 20.63 -30.05
CA PHE A 32 -78.47 19.69 -29.96
C PHE A 32 -78.03 18.24 -29.96
N THR A 33 -78.16 17.73 -28.75
CA THR A 33 -77.66 16.40 -28.56
C THR A 33 -78.66 15.68 -29.44
N ARG A 34 -78.45 15.81 -30.76
CA ARG A 34 -79.48 15.48 -31.72
C ARG A 34 -79.69 13.99 -31.71
N LYS A 35 -78.62 13.26 -31.37
CA LYS A 35 -78.66 11.81 -31.28
C LYS A 35 -77.96 11.24 -30.06
N ILE A 36 -77.27 12.03 -29.23
CA ILE A 36 -76.33 11.49 -28.26
C ILE A 36 -76.49 12.18 -26.91
N GLN A 37 -76.26 11.44 -25.81
CA GLN A 37 -76.07 12.11 -24.53
C GLN A 37 -74.67 11.80 -24.01
N LEU A 38 -74.11 12.74 -23.24
CA LEU A 38 -72.75 12.65 -22.72
C LEU A 38 -72.79 12.44 -21.21
N GLN A 39 -72.21 11.33 -20.75
CA GLN A 39 -72.18 10.96 -19.34
C GLN A 39 -70.72 10.86 -18.87
N ALA A 40 -70.44 11.42 -17.69
CA ALA A 40 -69.09 11.54 -17.19
C ALA A 40 -68.83 10.52 -16.09
N THR A 41 -67.82 9.68 -16.29
CA THR A 41 -67.33 8.75 -15.28
C THR A 41 -65.85 9.01 -15.09
N SER A 42 -65.43 9.27 -13.84
CA SER A 42 -64.09 9.75 -13.59
C SER A 42 -63.48 9.08 -12.37
N VAL A 43 -62.17 8.82 -12.45
CA VAL A 43 -61.37 8.29 -11.35
C VAL A 43 -60.05 9.04 -11.31
N THR A 44 -59.27 8.79 -10.26
CA THR A 44 -57.96 9.40 -10.10
C THR A 44 -56.87 8.35 -10.16
N HIS A 45 -55.62 8.83 -10.18
CA HIS A 45 -54.47 7.95 -10.37
C HIS A 45 -54.39 6.90 -9.27
N ARG A 46 -53.84 5.74 -9.63
CA ARG A 46 -53.63 4.62 -8.73
C ARG A 46 -52.14 4.39 -8.51
N PRO A 47 -51.75 3.70 -7.41
CA PRO A 47 -50.32 3.61 -7.05
C PRO A 47 -49.43 3.03 -8.13
N ASN A 48 -49.43 1.71 -8.31
CA ASN A 48 -48.56 1.06 -9.28
C ASN A 48 -49.33 0.77 -10.57
N ALA A 49 -48.57 0.47 -11.62
CA ALA A 49 -49.14 0.36 -12.96
C ALA A 49 -50.18 -0.76 -13.06
N ILE A 50 -50.03 -1.81 -12.26
CA ILE A 50 -51.00 -2.91 -12.27
C ILE A 50 -52.37 -2.42 -11.84
N GLN A 51 -52.44 -1.74 -10.69
CA GLN A 51 -53.71 -1.18 -10.25
C GLN A 51 -54.23 -0.14 -11.23
N MET A 52 -53.34 0.60 -11.89
CA MET A 52 -53.77 1.56 -12.91
C MET A 52 -54.53 0.85 -14.03
N ALA A 53 -53.92 -0.19 -14.60
CA ALA A 53 -54.55 -0.93 -15.69
C ALA A 53 -55.86 -1.56 -15.23
N LEU A 54 -55.82 -2.30 -14.12
CA LEU A 54 -57.03 -2.99 -13.65
C LEU A 54 -58.12 -1.99 -13.28
N SER A 55 -57.77 -0.82 -12.76
CA SER A 55 -58.76 0.17 -12.39
C SER A 55 -59.41 0.78 -13.62
N VAL A 56 -58.68 0.92 -14.73
CA VAL A 56 -59.32 1.36 -15.96
C VAL A 56 -60.30 0.30 -16.44
N CYS A 57 -59.94 -0.98 -16.32
CA CYS A 57 -60.88 -2.04 -16.68
C CYS A 57 -62.12 -2.02 -15.78
N GLU A 58 -61.92 -1.74 -14.49
CA GLU A 58 -62.98 -1.85 -13.50
C GLU A 58 -63.91 -0.65 -13.49
N ASP A 59 -63.39 0.54 -13.77
CA ASP A 59 -64.12 1.79 -13.66
C ASP A 59 -64.61 2.31 -15.00
N LEU A 60 -63.79 2.20 -16.03
CA LEU A 60 -64.04 2.85 -17.31
C LEU A 60 -64.39 1.87 -18.44
N ILE A 61 -63.55 0.88 -18.69
CA ILE A 61 -63.93 -0.17 -19.64
C ILE A 61 -65.23 -0.84 -19.20
N SER A 62 -65.40 -0.99 -17.89
CA SER A 62 -66.61 -1.60 -17.34
C SER A 62 -67.88 -0.88 -17.76
N SER A 63 -67.78 0.35 -18.24
CA SER A 63 -68.97 1.13 -18.56
C SER A 63 -68.92 1.69 -19.99
N GLN A 64 -68.22 0.99 -20.88
CA GLN A 64 -68.24 1.28 -22.32
C GLN A 64 -67.69 2.67 -22.64
N VAL A 65 -66.49 2.97 -22.13
CA VAL A 65 -65.89 4.26 -22.41
C VAL A 65 -65.50 4.34 -23.88
N TYR A 66 -65.79 5.48 -24.52
CA TYR A 66 -65.28 5.73 -25.85
C TYR A 66 -63.88 6.32 -25.83
N ALA A 67 -63.54 7.05 -24.77
CA ALA A 67 -62.24 7.70 -24.67
C ALA A 67 -61.95 8.00 -23.21
N ILE A 68 -60.66 8.10 -22.91
CA ILE A 68 -60.16 8.38 -21.56
C ILE A 68 -59.25 9.59 -21.64
N LEU A 69 -59.44 10.53 -20.72
CA LEU A 69 -58.53 11.65 -20.53
C LEU A 69 -57.54 11.29 -19.42
N VAL A 70 -56.26 11.58 -19.62
CA VAL A 70 -55.26 11.23 -18.61
C VAL A 70 -54.37 12.44 -18.38
N SER A 71 -54.18 12.79 -17.10
CA SER A 71 -53.35 13.90 -16.69
C SER A 71 -52.14 13.40 -15.91
N HIS A 72 -51.34 14.35 -15.41
CA HIS A 72 -50.20 13.99 -14.57
C HIS A 72 -50.64 13.97 -13.11
N PRO A 73 -50.32 12.92 -12.36
CA PRO A 73 -50.83 12.76 -10.98
C PRO A 73 -50.27 13.85 -10.06
N PRO A 74 -50.76 13.91 -8.81
CA PRO A 74 -50.18 14.84 -7.84
C PRO A 74 -48.79 14.40 -7.36
N LEU A 80 -45.30 7.45 -11.67
CA LEU A 80 -45.98 6.71 -12.74
C LEU A 80 -46.72 7.65 -13.69
N THR A 81 -46.34 7.58 -14.96
CA THR A 81 -46.93 8.33 -16.05
C THR A 81 -47.92 7.46 -16.82
N PRO A 82 -48.78 8.08 -17.68
CA PRO A 82 -49.96 7.36 -18.21
C PRO A 82 -49.78 5.96 -18.81
N THR A 83 -48.55 5.48 -19.00
CA THR A 83 -48.29 4.26 -19.77
C THR A 83 -49.25 3.10 -19.50
N PRO A 84 -49.45 2.63 -18.26
CA PRO A 84 -50.31 1.45 -18.07
C PRO A 84 -51.72 1.60 -18.61
N ILE A 85 -52.24 2.83 -18.64
CA ILE A 85 -53.54 3.06 -19.25
C ILE A 85 -53.46 2.83 -20.76
N SER A 86 -52.49 3.46 -21.41
CA SER A 86 -52.23 3.19 -22.83
C SER A 86 -52.16 1.69 -23.07
N TYR A 87 -51.19 1.03 -22.43
CA TYR A 87 -50.99 -0.40 -22.55
C TYR A 87 -52.26 -1.22 -22.35
N THR A 88 -53.28 -0.66 -21.71
CA THR A 88 -54.57 -1.34 -21.61
C THR A 88 -55.57 -0.84 -22.64
N ALA A 89 -55.81 0.47 -22.70
CA ALA A 89 -56.79 0.97 -23.65
C ALA A 89 -56.28 0.80 -25.07
N GLY A 90 -54.96 0.90 -25.26
CA GLY A 90 -54.38 0.58 -26.55
C GLY A 90 -54.70 -0.83 -27.00
N PHE A 91 -54.82 -1.77 -26.05
CA PHE A 91 -55.25 -3.12 -26.42
C PHE A 91 -56.58 -3.09 -27.12
N TYR A 92 -57.53 -2.33 -26.60
CA TYR A 92 -58.86 -2.26 -27.21
C TYR A 92 -58.93 -1.20 -28.28
N ARG A 93 -57.79 -0.57 -28.60
CA ARG A 93 -57.72 0.52 -29.57
C ARG A 93 -58.65 1.67 -29.16
N ILE A 94 -58.83 1.84 -27.85
CA ILE A 94 -59.56 2.97 -27.29
C ILE A 94 -58.62 4.17 -27.23
N PRO A 95 -59.02 5.34 -27.72
CA PRO A 95 -58.11 6.50 -27.73
C PRO A 95 -57.81 6.97 -26.31
N VAL A 96 -56.52 7.05 -25.99
CA VAL A 96 -56.06 7.67 -24.75
C VAL A 96 -55.54 9.07 -25.07
N ILE A 97 -56.05 10.06 -24.36
CA ILE A 97 -55.77 11.46 -24.62
C ILE A 97 -55.16 12.05 -23.36
N GLY A 98 -53.88 12.39 -23.44
CA GLY A 98 -53.20 13.00 -22.32
C GLY A 98 -53.44 14.50 -22.28
N LEU A 99 -53.34 15.04 -21.06
CA LEU A 99 -53.55 16.46 -20.83
C LEU A 99 -52.29 17.19 -20.38
N THR A 100 -51.27 16.47 -19.90
CA THR A 100 -50.13 17.11 -19.28
C THR A 100 -48.78 16.47 -19.57
N THR A 101 -48.71 15.15 -19.79
CA THR A 101 -47.42 14.49 -19.97
C THR A 101 -46.89 14.77 -21.37
N ARG A 102 -45.67 15.29 -21.44
CA ARG A 102 -45.07 15.77 -22.68
C ARG A 102 -43.91 14.92 -23.16
N MET A 103 -43.74 13.71 -22.62
CA MET A 103 -42.61 12.88 -23.01
C MET A 103 -42.86 12.28 -24.38
N SER A 104 -41.91 12.50 -25.29
CA SER A 104 -42.12 12.20 -26.71
C SER A 104 -42.32 10.72 -26.98
N ILE A 105 -41.88 9.85 -26.07
CA ILE A 105 -42.06 8.41 -26.25
C ILE A 105 -43.51 8.05 -26.49
N TYR A 106 -44.44 8.86 -25.98
CA TYR A 106 -45.86 8.59 -26.10
C TYR A 106 -46.44 8.91 -27.47
N SER A 107 -45.71 9.63 -28.32
CA SER A 107 -46.20 9.85 -29.68
C SER A 107 -45.99 8.64 -30.57
N ASP A 108 -45.04 7.77 -30.22
CA ASP A 108 -44.68 6.61 -31.03
C ASP A 108 -45.74 5.55 -30.83
N LYS A 109 -46.78 5.58 -31.68
CA LYS A 109 -47.87 4.62 -31.56
C LYS A 109 -47.47 3.21 -31.95
N SER A 110 -46.20 2.97 -32.28
CA SER A 110 -45.72 1.59 -32.33
C SER A 110 -45.78 0.95 -30.96
N ILE A 111 -45.48 1.73 -29.91
CA ILE A 111 -45.56 1.26 -28.54
C ILE A 111 -46.89 1.63 -27.90
N HIS A 112 -47.35 2.87 -28.09
CA HIS A 112 -48.57 3.38 -27.49
C HIS A 112 -49.62 3.46 -28.59
N LEU A 113 -50.26 2.31 -28.85
CA LEU A 113 -50.95 2.05 -30.11
C LEU A 113 -52.03 3.06 -30.45
N SER A 114 -52.47 3.87 -29.48
CA SER A 114 -53.58 4.80 -29.71
C SER A 114 -53.46 5.95 -28.70
N PHE A 115 -52.50 6.83 -28.93
CA PHE A 115 -52.18 7.88 -27.97
C PHE A 115 -52.16 9.24 -28.63
N LEU A 116 -52.68 10.23 -27.93
CA LEU A 116 -52.71 11.62 -28.42
C LEU A 116 -52.78 12.52 -27.19
N ARG A 117 -52.57 13.83 -27.39
CA ARG A 117 -52.52 14.71 -26.24
C ARG A 117 -52.67 16.18 -26.66
N THR A 118 -52.99 17.02 -25.67
CA THR A 118 -53.15 18.46 -25.83
C THR A 118 -51.87 19.23 -25.54
N VAL A 119 -50.76 18.54 -25.30
CA VAL A 119 -49.49 19.19 -25.03
C VAL A 119 -48.47 18.74 -26.06
N PRO A 120 -47.57 19.61 -26.51
CA PRO A 120 -46.52 19.17 -27.41
C PRO A 120 -45.51 18.34 -26.66
N PRO A 121 -44.84 17.40 -27.32
CA PRO A 121 -43.71 16.74 -26.68
C PRO A 121 -42.57 17.73 -26.48
N TYR A 122 -41.68 17.40 -25.54
CA TYR A 122 -40.46 18.16 -25.42
C TYR A 122 -39.72 18.21 -26.76
N SER A 123 -39.73 17.09 -27.48
CA SER A 123 -39.09 17.03 -28.80
C SER A 123 -39.66 18.06 -29.76
N HIS A 124 -40.91 18.47 -29.57
CA HIS A 124 -41.53 19.42 -30.49
C HIS A 124 -41.11 20.87 -30.23
N GLN A 125 -40.66 21.17 -29.00
CA GLN A 125 -40.18 22.52 -28.69
C GLN A 125 -39.32 23.08 -29.81
N ALA A 126 -38.59 22.20 -30.50
CA ALA A 126 -37.60 22.60 -31.50
C ALA A 126 -38.14 23.56 -32.54
N LEU A 127 -39.44 23.51 -32.84
CA LEU A 127 -39.94 24.40 -33.88
C LEU A 127 -39.62 25.85 -33.55
N VAL A 128 -39.86 26.26 -32.30
CA VAL A 128 -39.53 27.64 -31.92
C VAL A 128 -38.06 27.92 -32.18
N TRP A 129 -37.18 26.98 -31.80
CA TRP A 129 -35.77 27.11 -32.09
C TRP A 129 -35.55 27.53 -33.53
N PHE A 130 -36.13 26.80 -34.49
CA PHE A 130 -35.97 27.16 -35.90
C PHE A 130 -36.39 28.61 -36.14
N GLU A 131 -37.60 28.97 -35.70
CA GLU A 131 -38.11 30.29 -36.03
C GLU A 131 -37.17 31.38 -35.54
N MET A 132 -36.56 31.19 -34.36
CA MET A 132 -35.67 32.23 -33.86
C MET A 132 -34.41 32.32 -34.71
N MET A 133 -33.89 31.18 -35.16
CA MET A 133 -32.76 31.18 -36.09
C MET A 133 -33.09 31.97 -37.36
N ARG A 134 -34.37 32.00 -37.74
CA ARG A 134 -34.76 32.74 -38.94
C ARG A 134 -34.71 34.25 -38.70
N LEU A 135 -34.93 34.68 -37.45
CA LEU A 135 -35.01 36.10 -37.14
C LEU A 135 -33.67 36.71 -36.75
N PHE A 136 -32.67 35.90 -36.45
CA PHE A 136 -31.33 36.38 -36.17
C PHE A 136 -30.29 35.81 -37.12
N ASN A 137 -30.73 35.04 -38.13
CA ASN A 137 -29.85 34.47 -39.15
C ASN A 137 -28.79 33.57 -38.52
N TRP A 138 -29.25 32.60 -37.73
CA TRP A 138 -28.37 31.65 -37.05
C TRP A 138 -28.30 30.36 -37.87
N ASN A 139 -27.63 30.45 -39.03
CA ASN A 139 -27.65 29.33 -39.97
C ASN A 139 -26.77 28.16 -39.55
N HIS A 140 -25.94 28.33 -38.51
CA HIS A 140 -25.11 27.24 -38.01
C HIS A 140 -25.34 27.07 -36.52
N VAL A 141 -25.58 25.82 -36.09
CA VAL A 141 -25.85 25.50 -34.70
C VAL A 141 -25.10 24.24 -34.28
N ILE A 142 -24.85 24.14 -32.99
CA ILE A 142 -24.29 22.95 -32.36
C ILE A 142 -25.37 22.36 -31.45
N LEU A 143 -25.88 21.19 -31.81
CA LEU A 143 -26.92 20.53 -31.02
C LEU A 143 -26.27 19.58 -30.02
N ILE A 144 -26.66 19.70 -28.76
CA ILE A 144 -26.16 18.86 -27.68
C ILE A 144 -27.39 18.26 -27.00
N VAL A 145 -27.64 16.99 -27.28
CA VAL A 145 -28.77 16.27 -26.70
C VAL A 145 -28.24 15.25 -25.71
N SER A 146 -29.03 14.98 -24.68
CA SER A 146 -28.80 13.80 -23.87
C SER A 146 -29.16 12.57 -24.68
N ASP A 147 -28.50 11.46 -24.35
CA ASP A 147 -28.79 10.19 -25.02
C ASP A 147 -29.89 9.40 -24.32
N ASP A 148 -30.82 10.07 -23.65
CA ASP A 148 -32.09 9.45 -23.32
C ASP A 148 -33.05 9.65 -24.49
N HIS A 149 -34.13 8.86 -24.51
CA HIS A 149 -34.96 8.82 -25.70
C HIS A 149 -35.56 10.17 -26.04
N GLU A 150 -35.81 11.02 -25.05
CA GLU A 150 -36.34 12.34 -25.33
C GLU A 150 -35.32 13.20 -26.07
N GLY A 151 -34.05 13.15 -25.67
CA GLY A 151 -33.02 13.86 -26.40
C GLY A 151 -32.82 13.33 -27.81
N ARG A 152 -32.84 12.00 -27.95
CA ARG A 152 -32.75 11.40 -29.28
C ARG A 152 -33.88 11.89 -30.19
N ALA A 153 -35.10 11.96 -29.65
CA ALA A 153 -36.23 12.47 -30.42
C ALA A 153 -36.03 13.93 -30.80
N ALA A 154 -35.55 14.75 -29.86
CA ALA A 154 -35.23 16.14 -30.18
C ALA A 154 -34.27 16.23 -31.36
N GLN A 155 -33.24 15.36 -31.36
CA GLN A 155 -32.28 15.32 -32.47
C GLN A 155 -32.98 15.19 -33.83
N LYS A 156 -33.81 14.15 -33.95
CA LYS A 156 -34.41 13.89 -35.26
C LYS A 156 -35.41 14.98 -35.66
N LYS A 157 -36.21 15.46 -34.70
CA LYS A 157 -37.24 16.45 -35.02
C LYS A 157 -36.61 17.78 -35.42
N LEU A 158 -35.42 18.08 -34.92
CA LEU A 158 -34.71 19.27 -35.40
C LEU A 158 -34.12 19.04 -36.78
N GLU A 159 -33.37 17.95 -36.97
CA GLU A 159 -32.68 17.77 -38.25
C GLU A 159 -33.64 17.68 -39.43
N THR A 160 -34.91 17.36 -39.19
CA THR A 160 -35.87 17.41 -40.29
C THR A 160 -36.10 18.83 -40.80
N LEU A 161 -36.17 19.81 -39.89
CA LEU A 161 -36.55 21.18 -40.24
C LEU A 161 -35.46 21.97 -40.96
N LEU A 162 -34.24 21.43 -41.05
CA LEU A 162 -33.10 22.17 -41.60
C LEU A 162 -32.78 21.73 -43.02
N GLU A 163 -33.79 21.32 -43.77
CA GLU A 163 -33.59 20.63 -45.03
C GLU A 163 -34.42 21.27 -46.15
N GLY A 187 -32.07 24.79 -45.76
CA GLY A 187 -31.67 26.15 -45.48
C GLY A 187 -30.55 26.22 -44.47
N PRO A 188 -30.86 26.67 -43.26
CA PRO A 188 -29.89 26.54 -42.16
C PRO A 188 -29.64 25.07 -41.85
N LYS A 189 -28.60 24.81 -41.06
CA LYS A 189 -28.21 23.43 -40.82
C LYS A 189 -27.53 23.32 -39.46
N ALA A 190 -27.49 22.09 -38.96
CA ALA A 190 -26.69 21.79 -37.79
C ALA A 190 -25.21 21.75 -38.17
N ASP A 191 -24.40 22.53 -37.47
CA ASP A 191 -22.95 22.41 -37.64
C ASP A 191 -22.47 21.05 -37.16
N LYS A 192 -22.73 20.74 -35.89
CA LYS A 192 -22.41 19.44 -35.31
C LYS A 192 -23.50 19.04 -34.32
N VAL A 193 -23.48 17.78 -33.93
CA VAL A 193 -24.35 17.25 -32.88
C VAL A 193 -23.50 16.44 -31.92
N LEU A 194 -23.63 16.73 -30.62
CA LEU A 194 -22.93 16.00 -29.58
C LEU A 194 -23.93 15.18 -28.80
N GLN A 195 -23.60 13.91 -28.57
CA GLN A 195 -24.47 12.99 -27.83
C GLN A 195 -23.88 12.73 -26.46
N PHE A 196 -24.72 12.92 -25.44
CA PHE A 196 -24.31 13.03 -24.04
C PHE A 196 -25.14 12.07 -23.20
N GLU A 197 -24.52 11.04 -22.65
CA GLU A 197 -25.31 10.09 -21.89
C GLU A 197 -25.59 10.64 -20.49
N PRO A 198 -26.84 10.58 -20.03
CA PRO A 198 -27.19 11.10 -18.70
C PRO A 198 -26.39 10.40 -17.60
N GLY A 199 -26.49 10.99 -16.40
CA GLY A 199 -25.76 10.51 -15.25
C GLY A 199 -24.33 10.98 -15.16
N THR A 200 -23.70 11.33 -16.28
CA THR A 200 -22.33 11.83 -16.26
C THR A 200 -22.30 13.19 -15.57
N LYS A 201 -21.33 13.34 -14.64
CA LYS A 201 -21.08 14.59 -13.91
C LYS A 201 -19.98 15.43 -14.55
N ASN A 202 -18.88 14.79 -14.98
CA ASN A 202 -17.77 15.43 -15.68
C ASN A 202 -18.17 15.56 -17.15
N LEU A 203 -18.98 16.57 -17.42
CA LEU A 203 -19.43 16.86 -18.77
C LEU A 203 -18.40 17.64 -19.56
N THR A 204 -17.19 17.75 -19.04
CA THR A 204 -16.19 18.62 -19.64
C THR A 204 -15.86 18.20 -21.06
N ALA A 205 -15.84 16.89 -21.35
CA ALA A 205 -15.33 16.41 -22.63
C ALA A 205 -16.14 16.94 -23.81
N LEU A 206 -17.47 16.78 -23.77
CA LEU A 206 -18.29 17.24 -24.87
C LEU A 206 -18.29 18.76 -24.96
N LEU A 207 -18.19 19.45 -23.84
CA LEU A 207 -18.06 20.90 -23.89
C LEU A 207 -16.73 21.32 -24.51
N LEU A 208 -15.67 20.56 -24.27
CA LEU A 208 -14.39 20.79 -24.93
C LEU A 208 -14.56 20.67 -26.45
N GLU A 209 -15.18 19.59 -26.90
CA GLU A 209 -15.43 19.44 -28.33
C GLU A 209 -16.27 20.58 -28.87
N ALA A 210 -17.34 20.95 -28.15
CA ALA A 210 -18.25 21.99 -28.62
C ALA A 210 -17.55 23.34 -28.73
N LYS A 211 -16.67 23.65 -27.78
CA LYS A 211 -15.91 24.89 -27.87
C LYS A 211 -14.87 24.83 -28.98
N GLU A 212 -14.36 23.64 -29.30
CA GLU A 212 -13.43 23.53 -30.42
C GLU A 212 -14.08 23.91 -31.74
N LEU A 213 -15.36 23.62 -31.91
CA LEU A 213 -16.05 23.87 -33.17
C LEU A 213 -16.31 25.38 -33.33
N GLU A 214 -16.93 25.74 -34.45
CA GLU A 214 -16.98 27.13 -34.89
C GLU A 214 -18.32 27.82 -34.64
N ALA A 215 -19.44 27.16 -34.94
CA ALA A 215 -20.74 27.79 -34.77
C ALA A 215 -20.94 28.22 -33.31
N ARG A 216 -21.73 29.27 -33.12
CA ARG A 216 -21.90 29.85 -31.80
C ARG A 216 -23.36 29.98 -31.39
N VAL A 217 -24.23 29.17 -31.99
CA VAL A 217 -25.60 29.00 -31.54
C VAL A 217 -25.73 27.54 -31.12
N ILE A 218 -25.90 27.30 -29.83
CA ILE A 218 -25.89 25.95 -29.26
C ILE A 218 -27.29 25.64 -28.75
N ILE A 219 -27.80 24.47 -29.13
CA ILE A 219 -29.09 23.99 -28.67
C ILE A 219 -28.84 22.86 -27.68
N LEU A 220 -29.60 22.85 -26.58
CA LEU A 220 -29.46 21.79 -25.58
C LEU A 220 -30.80 21.14 -25.30
N SER A 221 -30.77 19.81 -25.11
CA SER A 221 -31.97 19.10 -24.67
C SER A 221 -31.55 17.91 -23.82
N ALA A 222 -31.74 18.03 -22.50
CA ALA A 222 -31.34 16.97 -21.57
C ALA A 222 -32.27 17.01 -20.35
N SER A 223 -32.06 16.06 -19.44
CA SER A 223 -32.82 16.06 -18.20
C SER A 223 -32.22 17.06 -17.21
N GLU A 224 -32.95 17.31 -16.13
CA GLU A 224 -32.55 18.37 -15.20
C GLU A 224 -31.25 18.04 -14.48
N ASP A 225 -31.18 16.86 -13.87
CA ASP A 225 -29.98 16.44 -13.15
C ASP A 225 -28.74 16.51 -14.01
N ASP A 226 -28.91 16.46 -15.33
CA ASP A 226 -27.82 16.54 -16.29
C ASP A 226 -27.62 17.95 -16.84
N ALA A 227 -28.71 18.70 -17.03
CA ALA A 227 -28.57 20.08 -17.48
C ALA A 227 -27.87 20.93 -16.43
N THR A 228 -28.14 20.68 -15.15
CA THR A 228 -27.46 21.45 -14.11
C THR A 228 -25.96 21.19 -14.13
N ALA A 229 -25.55 19.95 -14.40
CA ALA A 229 -24.13 19.67 -14.56
C ALA A 229 -23.57 20.33 -15.82
N VAL A 230 -24.37 20.32 -16.90
CA VAL A 230 -23.99 21.02 -18.12
C VAL A 230 -23.59 22.46 -17.79
N TYR A 231 -24.49 23.19 -17.11
CA TYR A 231 -24.21 24.61 -16.87
C TYR A 231 -23.14 24.83 -15.80
N LYS A 232 -23.10 24.00 -14.76
CA LYS A 232 -22.03 24.11 -13.76
C LYS A 232 -20.67 23.98 -14.44
N SER A 233 -20.41 22.83 -15.06
CA SER A 233 -19.14 22.56 -15.71
C SER A 233 -18.96 23.31 -17.03
N ALA A 234 -19.96 24.05 -17.49
CA ALA A 234 -19.79 24.89 -18.68
C ALA A 234 -19.44 26.32 -18.32
N ALA A 235 -20.09 26.87 -17.29
CA ALA A 235 -19.71 28.18 -16.79
C ALA A 235 -18.25 28.18 -16.37
N MET A 236 -17.74 27.06 -15.85
CA MET A 236 -16.31 27.07 -15.56
C MET A 236 -15.44 27.12 -16.81
N LEU A 237 -16.00 26.94 -18.00
CA LEU A 237 -15.25 26.99 -19.25
C LEU A 237 -15.35 28.33 -19.95
N ASP A 238 -15.81 29.37 -19.24
CA ASP A 238 -16.00 30.71 -19.82
C ASP A 238 -16.89 30.67 -21.06
N MET A 239 -17.95 29.88 -20.99
CA MET A 239 -19.01 29.90 -21.98
C MET A 239 -20.26 30.58 -21.44
N THR A 240 -20.12 31.29 -20.31
CA THR A 240 -21.21 32.09 -19.76
C THR A 240 -21.35 33.42 -20.48
N GLY A 241 -20.25 33.97 -21.01
CA GLY A 241 -20.28 35.29 -21.59
C GLY A 241 -20.87 35.34 -22.98
N ALA A 242 -21.03 36.56 -23.47
CA ALA A 242 -21.57 36.83 -24.80
C ALA A 242 -20.78 36.10 -25.88
N GLY A 243 -21.42 35.85 -27.02
CA GLY A 243 -20.85 35.06 -28.08
C GLY A 243 -21.34 33.63 -28.11
N TYR A 244 -21.94 33.15 -27.03
CA TYR A 244 -22.57 31.84 -26.97
C TYR A 244 -24.08 32.05 -26.87
N VAL A 245 -24.76 31.88 -28.00
CA VAL A 245 -26.22 31.89 -28.01
C VAL A 245 -26.70 30.52 -27.53
N TRP A 246 -27.52 30.51 -26.48
CA TRP A 246 -27.99 29.27 -25.88
C TRP A 246 -29.49 29.13 -26.11
N LEU A 247 -29.87 28.12 -26.89
CA LEU A 247 -31.26 27.74 -27.07
C LEU A 247 -31.53 26.47 -26.27
N VAL A 248 -32.69 26.44 -25.61
CA VAL A 248 -32.95 25.40 -24.63
C VAL A 248 -34.46 25.31 -24.42
N GLY A 249 -34.93 24.12 -24.07
CA GLY A 249 -36.34 23.87 -23.85
C GLY A 249 -36.76 24.04 -22.41
N GLU A 250 -37.95 23.52 -22.09
CA GLU A 250 -38.51 23.68 -20.76
C GLU A 250 -37.84 22.77 -19.73
N ARG A 251 -37.40 21.58 -20.12
CA ARG A 251 -36.81 20.65 -19.17
C ARG A 251 -35.55 21.23 -18.53
N GLU A 252 -34.74 21.94 -19.31
CA GLU A 252 -33.39 22.29 -18.91
C GLU A 252 -33.28 23.70 -18.36
N ILE A 253 -34.40 24.33 -18.00
CA ILE A 253 -34.41 25.65 -17.40
C ILE A 253 -35.10 25.65 -16.04
N SER A 254 -35.39 24.48 -15.49
CA SER A 254 -36.14 24.35 -14.25
C SER A 254 -35.25 23.82 -13.13
N GLY A 255 -35.59 24.20 -11.91
CA GLY A 255 -34.91 23.66 -10.74
C GLY A 255 -33.43 23.98 -10.73
N SER A 256 -32.63 22.99 -10.33
CA SER A 256 -31.19 23.18 -10.25
C SER A 256 -30.58 23.56 -11.59
N ALA A 257 -31.18 23.09 -12.70
CA ALA A 257 -30.69 23.45 -14.03
C ALA A 257 -30.76 24.95 -14.28
N LEU A 258 -31.67 25.65 -13.60
CA LEU A 258 -31.72 27.10 -13.70
C LEU A 258 -30.73 27.77 -12.75
N ARG A 259 -30.48 27.17 -11.59
CA ARG A 259 -29.67 27.82 -10.57
C ARG A 259 -28.30 28.24 -11.10
N TYR A 260 -27.62 27.34 -11.82
CA TYR A 260 -26.27 27.63 -12.30
C TYR A 260 -26.26 28.07 -13.76
N ALA A 261 -27.40 28.53 -14.29
CA ALA A 261 -27.52 28.82 -15.72
C ALA A 261 -26.88 30.18 -16.06
N PRO A 262 -26.45 30.35 -17.30
CA PRO A 262 -25.76 31.60 -17.68
C PRO A 262 -26.72 32.71 -18.03
N ASP A 263 -26.29 33.94 -17.74
CA ASP A 263 -27.05 35.11 -18.15
C ASP A 263 -27.14 35.18 -19.68
N GLY A 264 -28.35 35.47 -20.17
CA GLY A 264 -28.58 35.62 -21.59
C GLY A 264 -29.11 34.39 -22.31
N ILE A 265 -29.16 33.24 -21.63
CA ILE A 265 -29.68 32.03 -22.23
C ILE A 265 -31.15 32.23 -22.59
N ILE A 266 -31.60 31.55 -23.65
CA ILE A 266 -32.94 31.74 -24.20
C ILE A 266 -33.75 30.47 -23.99
N GLY A 267 -34.91 30.61 -23.33
CA GLY A 267 -35.68 29.46 -22.90
C GLY A 267 -37.12 29.50 -23.36
N LEU A 268 -37.82 28.39 -23.13
CA LEU A 268 -39.20 28.19 -23.56
C LEU A 268 -40.04 27.57 -22.45
N GLN A 269 -41.31 27.98 -22.37
CA GLN A 269 -42.25 27.39 -21.44
C GLN A 269 -43.61 27.19 -22.12
N LEU A 270 -44.35 26.19 -21.67
CA LEU A 270 -45.62 25.84 -22.30
C LEU A 270 -46.76 26.69 -21.74
N ILE A 271 -47.58 27.23 -22.65
CA ILE A 271 -48.70 28.09 -22.27
C ILE A 271 -49.75 27.24 -21.57
N ASN A 272 -50.17 27.66 -20.38
CA ASN A 272 -51.10 26.90 -19.54
C ASN A 272 -50.58 25.47 -19.35
N GLY A 273 -49.27 25.36 -19.08
CA GLY A 273 -48.63 24.05 -19.07
C GLY A 273 -49.16 23.15 -17.97
N LYS A 274 -49.42 23.67 -16.79
CA LYS A 274 -50.01 22.78 -15.81
C LYS A 274 -51.38 23.23 -15.35
N ASN A 275 -51.91 24.32 -15.92
CA ASN A 275 -53.30 24.67 -15.66
C ASN A 275 -54.20 23.52 -16.08
N GLU A 276 -54.20 22.43 -15.30
CA GLU A 276 -54.91 21.22 -15.66
C GLU A 276 -56.41 21.48 -15.80
N SER A 277 -56.95 22.44 -15.04
CA SER A 277 -58.32 22.85 -15.23
C SER A 277 -58.55 23.31 -16.66
N ALA A 278 -57.68 24.20 -17.15
CA ALA A 278 -57.78 24.68 -18.53
C ALA A 278 -57.67 23.54 -19.54
N HIS A 279 -56.75 22.61 -19.29
CA HIS A 279 -56.55 21.50 -20.21
C HIS A 279 -57.79 20.61 -20.30
N ILE A 280 -58.38 20.26 -19.15
CA ILE A 280 -59.60 19.45 -19.16
C ILE A 280 -60.72 20.18 -19.89
N SER A 281 -60.87 21.48 -19.62
CA SER A 281 -61.86 22.29 -20.33
C SER A 281 -61.72 22.10 -21.84
N ASP A 282 -60.54 22.45 -22.36
CA ASP A 282 -60.32 22.39 -23.81
C ASP A 282 -60.53 20.98 -24.35
N ALA A 283 -60.08 19.95 -23.62
CA ALA A 283 -60.14 18.59 -24.15
C ALA A 283 -61.57 18.12 -24.31
N VAL A 284 -62.40 18.33 -23.28
CA VAL A 284 -63.77 17.81 -23.31
C VAL A 284 -64.54 18.42 -24.48
N ALA A 285 -64.34 19.71 -24.76
CA ALA A 285 -65.08 20.34 -25.85
C ALA A 285 -64.95 19.59 -27.18
N VAL A 286 -63.71 19.32 -27.58
CA VAL A 286 -63.52 18.69 -28.89
C VAL A 286 -63.75 17.20 -28.86
N VAL A 287 -63.60 16.53 -27.70
CA VAL A 287 -64.10 15.16 -27.63
C VAL A 287 -65.59 15.14 -27.97
N ALA A 288 -66.34 16.14 -27.48
CA ALA A 288 -67.76 16.21 -27.78
C ALA A 288 -68.01 16.42 -29.27
N GLN A 289 -67.32 17.43 -29.86
CA GLN A 289 -67.39 17.66 -31.30
C GLN A 289 -67.18 16.38 -32.09
N ALA A 290 -66.13 15.62 -31.73
CA ALA A 290 -65.78 14.41 -32.47
C ALA A 290 -66.84 13.33 -32.30
N ILE A 291 -67.43 13.21 -31.10
CA ILE A 291 -68.54 12.27 -30.91
C ILE A 291 -69.70 12.63 -31.82
N HIS A 292 -70.02 13.92 -31.91
CA HIS A 292 -71.07 14.39 -32.80
C HIS A 292 -70.80 13.97 -34.24
N GLU A 293 -69.61 14.30 -34.75
CA GLU A 293 -69.18 13.86 -36.07
C GLU A 293 -69.35 12.35 -36.24
N LEU A 294 -69.01 11.58 -35.20
CA LEU A 294 -68.98 10.13 -35.31
C LEU A 294 -70.39 9.56 -35.40
N PHE A 295 -71.36 10.16 -34.71
CA PHE A 295 -72.68 9.55 -34.67
C PHE A 295 -73.65 10.12 -35.69
N GLU A 296 -73.19 11.00 -36.56
CA GLU A 296 -73.86 11.20 -37.83
C GLU A 296 -73.27 10.30 -38.92
N MET A 297 -72.29 9.47 -38.57
CA MET A 297 -71.73 8.48 -39.48
C MET A 297 -72.64 7.25 -39.60
N GLU A 298 -72.26 6.34 -40.49
CA GLU A 298 -72.95 5.08 -40.69
C GLU A 298 -72.06 3.92 -40.26
N ASN A 299 -72.71 2.82 -39.88
CA ASN A 299 -72.04 1.56 -39.51
C ASN A 299 -71.10 1.77 -38.32
N ILE A 300 -71.63 2.35 -37.26
CA ILE A 300 -70.88 2.53 -36.01
C ILE A 300 -71.25 1.39 -35.07
N THR A 301 -70.24 0.89 -34.35
CA THR A 301 -70.43 -0.17 -33.37
C THR A 301 -69.94 0.29 -32.00
N ASP A 302 -70.34 -0.46 -30.97
CA ASP A 302 -70.24 -0.15 -29.55
C ASP A 302 -68.92 -0.62 -28.95
N PRO A 303 -68.38 0.13 -27.99
CA PRO A 303 -67.19 -0.34 -27.29
C PRO A 303 -67.57 -1.46 -26.31
N PRO A 304 -66.64 -2.36 -26.02
CA PRO A 304 -66.95 -3.46 -25.09
C PRO A 304 -67.26 -2.94 -23.69
N ARG A 305 -68.06 -3.72 -22.96
CA ARG A 305 -68.40 -3.42 -21.57
C ARG A 305 -67.65 -4.41 -20.68
N GLY A 306 -66.65 -3.90 -19.95
CA GLY A 306 -65.82 -4.76 -19.13
C GLY A 306 -64.69 -5.39 -19.93
N CYS A 307 -63.51 -5.45 -19.33
CA CYS A 307 -62.35 -5.98 -20.05
C CYS A 307 -62.36 -7.50 -20.13
N VAL A 308 -62.94 -8.17 -19.13
CA VAL A 308 -62.84 -9.63 -19.02
C VAL A 308 -63.49 -10.29 -20.22
N GLY A 309 -62.78 -11.24 -20.82
CA GLY A 309 -63.33 -12.11 -21.85
C GLY A 309 -63.39 -11.52 -23.24
N ASN A 310 -63.22 -10.21 -23.39
CA ASN A 310 -63.37 -9.56 -24.70
C ASN A 310 -62.05 -9.64 -25.45
N THR A 311 -61.81 -10.81 -26.04
CA THR A 311 -60.56 -11.06 -26.75
C THR A 311 -60.52 -10.39 -28.12
N ASN A 312 -61.67 -9.98 -28.65
CA ASN A 312 -61.70 -9.18 -29.87
C ASN A 312 -61.74 -7.70 -29.50
N ILE A 313 -61.21 -6.86 -30.39
CA ILE A 313 -60.95 -5.46 -30.09
C ILE A 313 -62.13 -4.59 -30.49
N TRP A 314 -62.14 -3.34 -30.01
CA TRP A 314 -63.14 -2.38 -30.48
C TRP A 314 -62.93 -2.14 -31.96
N LYS A 315 -63.97 -2.37 -32.75
CA LYS A 315 -63.84 -2.39 -34.20
C LYS A 315 -64.04 -1.01 -34.84
N THR A 316 -64.77 -0.12 -34.15
CA THR A 316 -64.96 1.24 -34.61
C THR A 316 -63.84 2.17 -34.17
N GLY A 317 -63.03 1.75 -33.20
CA GLY A 317 -61.94 2.52 -32.65
C GLY A 317 -61.04 3.23 -33.64
N PRO A 318 -60.51 2.52 -34.64
CA PRO A 318 -59.67 3.18 -35.64
C PRO A 318 -60.34 4.37 -36.32
N LEU A 319 -61.64 4.26 -36.62
CA LEU A 319 -62.36 5.38 -37.22
C LEU A 319 -62.41 6.57 -36.27
N PHE A 320 -62.73 6.32 -35.00
CA PHE A 320 -62.79 7.39 -34.01
C PHE A 320 -61.43 8.06 -33.86
N LYS A 321 -60.35 7.28 -33.89
CA LYS A 321 -59.00 7.84 -33.86
C LYS A 321 -58.74 8.72 -35.07
N ARG A 322 -59.16 8.26 -36.26
CA ARG A 322 -59.02 9.08 -37.46
C ARG A 322 -59.80 10.39 -37.33
N VAL A 323 -60.97 10.33 -36.70
CA VAL A 323 -61.79 11.53 -36.52
C VAL A 323 -61.10 12.51 -35.59
N LEU A 324 -60.59 12.02 -34.45
CA LEU A 324 -59.83 12.87 -33.54
C LEU A 324 -58.64 13.50 -34.25
N MET A 325 -58.03 12.77 -35.19
CA MET A 325 -56.90 13.33 -35.93
C MET A 325 -57.29 14.58 -36.71
N SER A 326 -58.54 14.67 -37.17
CA SER A 326 -58.95 15.76 -38.05
C SER A 326 -59.89 16.77 -37.36
N SER A 327 -60.05 16.70 -36.05
CA SER A 327 -60.92 17.64 -35.35
C SER A 327 -60.18 18.95 -35.10
N LYS A 328 -60.95 20.04 -35.01
CA LYS A 328 -60.39 21.39 -34.99
C LYS A 328 -61.18 22.28 -34.04
N TYR A 329 -60.47 23.15 -33.32
CA TYR A 329 -61.12 24.15 -32.47
C TYR A 329 -60.40 25.48 -32.54
N PRO A 330 -61.07 26.54 -33.00
CA PRO A 330 -60.38 27.82 -33.21
C PRO A 330 -60.25 28.67 -31.96
N ASP A 331 -61.16 28.50 -31.00
CA ASP A 331 -61.16 29.36 -29.82
C ASP A 331 -60.63 28.64 -28.60
N GLY A 332 -59.45 28.02 -28.73
CA GLY A 332 -58.89 27.28 -27.62
C GLY A 332 -58.52 28.19 -26.46
N VAL A 333 -58.61 27.62 -25.26
CA VAL A 333 -58.24 28.35 -24.05
C VAL A 333 -56.75 28.21 -23.74
N THR A 334 -56.12 27.14 -24.23
CA THR A 334 -54.67 27.02 -24.22
C THR A 334 -54.08 27.27 -25.60
N GLY A 335 -54.88 27.79 -26.53
CA GLY A 335 -54.41 28.08 -27.86
C GLY A 335 -55.27 27.43 -28.93
N ARG A 336 -55.22 27.98 -30.12
CA ARG A 336 -55.74 27.28 -31.28
C ARG A 336 -55.25 25.84 -31.27
N ILE A 337 -56.17 24.88 -31.26
CA ILE A 337 -55.76 23.49 -31.10
C ILE A 337 -56.25 22.64 -32.27
N GLU A 338 -55.32 21.95 -32.91
CA GLU A 338 -55.60 20.81 -33.79
C GLU A 338 -54.36 19.93 -33.78
N PHE A 339 -54.38 18.86 -34.57
CA PHE A 339 -53.40 17.79 -34.44
C PHE A 339 -52.52 17.66 -35.67
N ASN A 340 -51.41 16.94 -35.47
CA ASN A 340 -50.55 16.48 -36.55
C ASN A 340 -50.78 14.98 -36.80
N GLU A 341 -49.99 14.42 -37.72
CA GLU A 341 -50.26 13.06 -38.20
C GLU A 341 -49.93 11.99 -37.16
N ASP A 342 -49.07 12.28 -36.18
CA ASP A 342 -48.77 11.32 -35.14
C ASP A 342 -49.72 11.41 -33.94
N GLY A 343 -50.61 12.40 -33.93
CA GLY A 343 -51.46 12.63 -32.79
C GLY A 343 -50.95 13.66 -31.81
N ASP A 344 -50.01 14.51 -32.21
CA ASP A 344 -49.38 15.48 -31.32
C ASP A 344 -50.14 16.80 -31.34
N ARG A 345 -50.04 17.53 -30.24
CA ARG A 345 -50.65 18.86 -30.15
C ARG A 345 -49.93 19.82 -31.08
N LYS A 346 -50.70 20.49 -31.94
CA LYS A 346 -50.15 21.48 -32.85
C LYS A 346 -50.60 22.88 -32.43
N PHE A 347 -49.81 23.87 -32.86
CA PHE A 347 -50.05 25.28 -32.56
C PHE A 347 -49.94 25.58 -31.08
N ALA A 348 -49.14 24.81 -30.35
CA ALA A 348 -48.88 25.10 -28.95
C ALA A 348 -48.21 26.47 -28.83
N GLN A 349 -48.71 27.29 -27.92
CA GLN A 349 -48.15 28.61 -27.70
C GLN A 349 -47.08 28.53 -26.62
N TYR A 350 -46.02 29.31 -26.79
CA TYR A 350 -44.84 29.19 -25.94
C TYR A 350 -44.43 30.53 -25.37
N SER A 351 -43.64 30.48 -24.30
CA SER A 351 -43.09 31.65 -23.63
C SER A 351 -41.57 31.67 -23.85
N ILE A 352 -41.07 32.75 -24.47
CA ILE A 352 -39.69 32.88 -24.92
C ILE A 352 -38.95 33.84 -23.98
N MET A 353 -37.85 33.35 -23.39
CA MET A 353 -37.30 33.85 -22.13
C MET A 353 -35.83 34.24 -22.25
N ASN A 354 -35.46 35.23 -21.42
CA ASN A 354 -34.11 35.75 -21.25
C ASN A 354 -33.81 35.88 -19.76
N LEU A 355 -32.51 35.88 -19.42
CA LEU A 355 -32.08 35.86 -18.02
C LEU A 355 -31.25 37.11 -17.73
N GLN A 356 -31.71 37.92 -16.77
CA GLN A 356 -30.98 39.11 -16.33
C GLN A 356 -31.01 39.18 -14.80
N ASN A 357 -29.81 39.23 -14.17
CA ASN A 357 -29.56 39.12 -12.73
C ASN A 357 -29.92 37.80 -12.16
N ARG A 358 -29.93 36.75 -12.96
CA ARG A 358 -30.51 35.52 -12.50
C ARG A 358 -32.03 35.70 -12.34
N LYS A 359 -32.62 36.61 -13.12
CA LYS A 359 -34.06 36.91 -13.11
C LYS A 359 -34.61 36.65 -14.51
N LEU A 360 -35.85 36.12 -14.59
CA LEU A 360 -36.35 35.60 -15.85
C LEU A 360 -37.12 36.68 -16.59
N VAL A 361 -36.71 36.96 -17.82
CA VAL A 361 -37.28 38.03 -18.63
C VAL A 361 -37.92 37.41 -19.86
N GLN A 362 -39.23 37.62 -20.01
CA GLN A 362 -39.90 37.21 -21.24
C GLN A 362 -39.64 38.27 -22.30
N VAL A 363 -38.85 37.92 -23.31
CA VAL A 363 -38.71 38.80 -24.46
C VAL A 363 -39.79 38.52 -25.51
N GLY A 364 -40.44 37.37 -25.48
CA GLY A 364 -41.49 37.18 -26.46
C GLY A 364 -42.34 35.96 -26.17
N ILE A 365 -43.23 35.69 -27.13
CA ILE A 365 -44.09 34.52 -27.09
C ILE A 365 -44.13 33.89 -28.48
N PHE A 366 -44.60 32.66 -28.52
CA PHE A 366 -44.86 31.94 -29.76
C PHE A 366 -46.36 31.78 -29.87
N ASN A 367 -46.95 32.49 -30.84
CA ASN A 367 -48.39 32.46 -31.10
C ASN A 367 -48.88 31.10 -31.58
N GLY A 368 -48.00 30.11 -31.74
CA GLY A 368 -48.33 28.84 -32.33
C GLY A 368 -47.92 28.73 -33.79
N SER A 369 -47.92 29.85 -34.51
CA SER A 369 -47.48 29.89 -35.90
C SER A 369 -46.37 30.90 -36.13
N TYR A 370 -46.37 31.98 -35.41
CA TYR A 370 -45.18 32.77 -35.57
C TYR A 370 -44.84 33.41 -34.25
N ILE A 371 -43.67 33.98 -34.23
CA ILE A 371 -43.11 34.56 -33.01
C ILE A 371 -43.58 36.00 -32.88
N ILE A 372 -44.06 36.36 -31.69
CA ILE A 372 -44.51 37.72 -31.41
C ILE A 372 -43.65 38.28 -30.28
N GLN A 373 -43.14 39.49 -30.46
CA GLN A 373 -42.23 40.09 -29.50
C GLN A 373 -42.96 40.97 -28.50
N ASN A 374 -42.32 41.15 -27.34
CA ASN A 374 -42.72 42.16 -26.38
C ASN A 374 -41.90 43.41 -26.62
N PRO B 2 -32.73 -30.28 1.34
CA PRO B 2 -32.58 -29.38 0.19
C PRO B 2 -33.79 -28.46 -0.01
N PRO B 3 -33.58 -27.15 0.11
CA PRO B 3 -34.69 -26.19 -0.05
C PRO B 3 -35.23 -26.19 -1.48
N SER B 4 -36.47 -25.71 -1.60
CA SER B 4 -37.17 -25.72 -2.88
C SER B 4 -37.63 -24.31 -3.28
N ILE B 5 -38.32 -24.27 -4.41
CA ILE B 5 -38.79 -23.04 -5.03
C ILE B 5 -40.08 -23.34 -5.78
N GLY B 6 -41.03 -22.41 -5.71
CA GLY B 6 -42.36 -22.62 -6.27
C GLY B 6 -42.52 -21.96 -7.64
N ILE B 7 -43.21 -22.67 -8.54
CA ILE B 7 -43.41 -22.28 -9.93
C ILE B 7 -44.82 -22.70 -10.35
N ALA B 8 -45.44 -21.88 -11.18
CA ALA B 8 -46.76 -22.15 -11.73
C ALA B 8 -46.68 -22.30 -13.24
N VAL B 9 -47.52 -23.18 -13.77
CA VAL B 9 -47.64 -23.41 -15.21
C VAL B 9 -49.07 -23.03 -15.59
N ILE B 10 -49.21 -21.91 -16.27
CA ILE B 10 -50.51 -21.37 -16.65
C ILE B 10 -50.81 -21.79 -18.08
N LEU B 11 -51.97 -22.40 -18.27
CA LEU B 11 -52.38 -22.92 -19.58
C LEU B 11 -53.80 -22.51 -19.90
N VAL B 12 -54.01 -22.09 -21.13
CA VAL B 12 -55.34 -21.89 -21.71
C VAL B 12 -55.56 -23.01 -22.71
N GLY B 13 -56.48 -23.91 -22.40
CA GLY B 13 -56.75 -25.04 -23.26
C GLY B 13 -56.32 -26.35 -22.65
N THR B 14 -57.20 -27.35 -22.70
CA THR B 14 -56.91 -28.65 -22.09
C THR B 14 -55.73 -29.31 -22.80
N SER B 15 -54.79 -29.81 -22.02
CA SER B 15 -53.52 -30.26 -22.56
C SER B 15 -53.20 -31.68 -22.08
N ASP B 16 -51.93 -32.02 -22.17
CA ASP B 16 -51.36 -33.16 -21.48
C ASP B 16 -51.28 -32.86 -19.99
N GLU B 17 -51.96 -33.70 -19.17
CA GLU B 17 -51.58 -33.94 -17.77
C GLU B 17 -50.89 -35.27 -17.45
N VAL B 18 -51.56 -36.44 -17.56
CA VAL B 18 -50.92 -37.70 -17.14
C VAL B 18 -49.63 -37.81 -17.89
N ALA B 19 -49.45 -37.01 -18.91
CA ALA B 19 -48.28 -37.52 -19.66
C ALA B 19 -47.03 -36.64 -19.73
N ILE B 20 -47.10 -35.34 -19.45
CA ILE B 20 -45.86 -34.56 -19.34
C ILE B 20 -45.31 -34.69 -17.93
N LYS B 21 -45.46 -35.82 -17.24
CA LYS B 21 -44.43 -36.02 -16.22
C LYS B 21 -43.76 -37.39 -16.36
N ASP B 22 -42.46 -37.36 -16.66
CA ASP B 22 -41.73 -38.58 -16.97
C ASP B 22 -40.18 -38.48 -16.96
N LEU B 32 -29.85 -33.60 -8.82
CA LEU B 32 -30.19 -32.18 -8.91
C LEU B 32 -29.40 -31.47 -7.77
N SER B 33 -29.69 -30.16 -7.49
CA SER B 33 -28.99 -29.38 -6.47
C SER B 33 -29.91 -28.36 -5.83
N VAL B 34 -31.17 -28.29 -6.26
CA VAL B 34 -32.20 -27.51 -5.58
C VAL B 34 -33.53 -28.09 -6.05
N VAL B 35 -34.58 -27.85 -5.31
CA VAL B 35 -35.82 -28.61 -5.42
C VAL B 35 -36.88 -27.75 -6.11
N PRO B 36 -37.58 -28.27 -7.12
CA PRO B 36 -38.66 -27.51 -7.74
C PRO B 36 -40.04 -27.92 -7.24
N ARG B 37 -41.00 -27.00 -7.45
CA ARG B 37 -42.35 -27.14 -6.91
C ARG B 37 -43.32 -26.61 -7.96
N VAL B 38 -44.02 -27.50 -8.66
CA VAL B 38 -44.80 -27.11 -9.83
C VAL B 38 -46.29 -27.22 -9.53
N GLU B 39 -47.05 -26.20 -9.93
CA GLU B 39 -48.51 -26.29 -9.92
C GLU B 39 -49.02 -26.07 -11.34
N LEU B 40 -50.19 -26.65 -11.63
CA LEU B 40 -50.84 -26.51 -12.93
C LEU B 40 -52.10 -25.68 -12.75
N VAL B 41 -52.21 -24.60 -13.51
CA VAL B 41 -53.33 -23.68 -13.41
C VAL B 41 -53.92 -23.48 -14.81
N ALA B 42 -55.13 -23.99 -15.01
CA ALA B 42 -55.89 -23.68 -16.22
C ALA B 42 -56.55 -22.32 -16.08
N MET B 43 -56.73 -21.65 -17.21
CA MET B 43 -57.31 -20.31 -17.22
C MET B 43 -58.26 -20.22 -18.41
N ASN B 44 -59.52 -19.87 -18.13
CA ASN B 44 -60.54 -19.85 -19.19
C ASN B 44 -60.34 -18.72 -20.19
N GLU B 45 -59.58 -17.69 -19.86
CA GLU B 45 -59.57 -16.49 -20.68
C GLU B 45 -58.16 -15.95 -20.87
N THR B 46 -57.99 -15.21 -21.97
CA THR B 46 -56.78 -14.44 -22.25
C THR B 46 -57.19 -13.01 -22.57
N ASP B 47 -56.92 -12.12 -21.63
CA ASP B 47 -57.17 -10.68 -21.78
C ASP B 47 -56.46 -9.96 -20.65
N PRO B 48 -56.23 -8.64 -20.77
CA PRO B 48 -55.51 -7.90 -19.72
C PRO B 48 -55.99 -8.23 -18.32
N LYS B 49 -57.26 -7.89 -18.07
CA LYS B 49 -57.90 -8.08 -16.76
C LYS B 49 -57.68 -9.49 -16.23
N SER B 50 -58.11 -10.50 -17.00
CA SER B 50 -58.17 -11.86 -16.48
C SER B 50 -56.77 -12.42 -16.21
N ILE B 51 -55.84 -12.24 -17.15
CA ILE B 51 -54.50 -12.79 -17.00
C ILE B 51 -53.81 -12.13 -15.80
N ILE B 52 -53.80 -10.80 -15.75
CA ILE B 52 -53.25 -10.09 -14.60
C ILE B 52 -53.85 -10.64 -13.31
N THR B 53 -55.18 -10.74 -13.28
CA THR B 53 -55.89 -11.09 -12.05
C THR B 53 -55.46 -12.46 -11.56
N ARG B 54 -55.52 -13.47 -12.43
CA ARG B 54 -55.18 -14.82 -11.99
C ARG B 54 -53.73 -14.91 -11.55
N ILE B 55 -52.81 -14.24 -12.26
CA ILE B 55 -51.40 -14.37 -11.87
C ILE B 55 -51.15 -13.76 -10.50
N CYS B 56 -51.65 -12.55 -10.26
CA CYS B 56 -51.43 -11.97 -8.93
C CYS B 56 -52.20 -12.70 -7.85
N ASP B 57 -53.34 -13.32 -8.21
CA ASP B 57 -54.05 -14.17 -7.27
C ASP B 57 -53.20 -15.37 -6.88
N LEU B 58 -52.47 -15.93 -7.83
CA LEU B 58 -51.53 -17.01 -7.51
C LEU B 58 -50.41 -16.49 -6.62
N MET B 59 -49.98 -15.24 -6.83
CA MET B 59 -48.93 -14.69 -5.96
C MET B 59 -49.39 -14.57 -4.52
N SER B 60 -50.61 -14.06 -4.29
CA SER B 60 -51.06 -13.88 -2.91
C SER B 60 -51.60 -15.17 -2.29
N ASP B 61 -51.97 -16.21 -3.02
CA ASP B 61 -52.39 -17.31 -2.15
C ASP B 61 -51.23 -18.20 -1.74
N ARG B 62 -50.19 -18.27 -2.58
CA ARG B 62 -48.99 -19.03 -2.28
C ARG B 62 -47.81 -18.32 -2.92
N LYS B 63 -46.65 -18.44 -2.28
CA LYS B 63 -45.44 -17.83 -2.81
C LYS B 63 -44.99 -18.58 -4.07
N ILE B 64 -44.93 -17.87 -5.19
CA ILE B 64 -44.56 -18.41 -6.50
C ILE B 64 -43.47 -17.55 -7.08
N GLN B 65 -42.40 -18.19 -7.57
CA GLN B 65 -41.21 -17.49 -8.04
C GLN B 65 -41.12 -17.40 -9.56
N GLY B 66 -42.06 -17.99 -10.29
CA GLY B 66 -42.00 -17.96 -11.74
C GLY B 66 -43.20 -18.62 -12.36
N VAL B 67 -43.44 -18.25 -13.62
CA VAL B 67 -44.58 -18.76 -14.39
C VAL B 67 -44.09 -19.20 -15.75
N VAL B 68 -44.50 -20.41 -16.15
CA VAL B 68 -44.40 -20.85 -17.54
C VAL B 68 -45.79 -20.75 -18.14
N PHE B 69 -45.91 -19.99 -19.22
CA PHE B 69 -47.19 -19.61 -19.80
C PHE B 69 -47.27 -20.12 -21.22
N ALA B 70 -48.34 -20.85 -21.52
CA ALA B 70 -48.55 -21.34 -22.89
C ALA B 70 -50.03 -21.32 -23.24
N ASP B 71 -50.33 -21.00 -24.48
CA ASP B 71 -51.69 -21.02 -24.99
C ASP B 71 -51.69 -21.65 -26.37
N ASP B 72 -52.89 -21.89 -26.90
CA ASP B 72 -53.06 -22.46 -28.23
C ASP B 72 -53.69 -21.45 -29.19
N THR B 73 -53.48 -20.16 -28.97
CA THR B 73 -54.08 -19.11 -29.76
C THR B 73 -53.01 -18.34 -30.52
N ASP B 74 -53.47 -17.40 -31.35
CA ASP B 74 -52.61 -16.42 -32.00
C ASP B 74 -52.65 -15.07 -31.32
N GLN B 75 -53.25 -14.99 -30.13
CA GLN B 75 -53.41 -13.71 -29.44
C GLN B 75 -52.05 -13.19 -29.02
N GLU B 76 -51.44 -12.38 -29.88
CA GLU B 76 -50.08 -11.90 -29.67
C GLU B 76 -49.97 -11.03 -28.43
N ALA B 77 -51.02 -10.27 -28.11
CA ALA B 77 -50.97 -9.35 -27.00
C ALA B 77 -50.61 -10.02 -25.69
N ILE B 78 -50.81 -11.35 -25.59
CA ILE B 78 -50.40 -12.08 -24.40
C ILE B 78 -48.97 -11.72 -24.02
N ALA B 79 -48.04 -11.83 -24.98
CA ALA B 79 -46.65 -11.48 -24.69
C ALA B 79 -46.53 -10.03 -24.24
N GLN B 80 -47.16 -9.12 -24.98
CA GLN B 80 -47.18 -7.70 -24.60
C GLN B 80 -47.57 -7.54 -23.14
N ILE B 81 -48.64 -8.23 -22.75
CA ILE B 81 -49.15 -8.13 -21.39
C ILE B 81 -48.17 -8.75 -20.40
N LEU B 82 -47.63 -9.92 -20.75
CA LEU B 82 -46.79 -10.65 -19.81
C LEU B 82 -45.51 -9.89 -19.54
N ASP B 83 -44.93 -9.28 -20.58
CA ASP B 83 -43.83 -8.35 -20.38
C ASP B 83 -44.17 -7.33 -19.31
N PHE B 84 -45.30 -6.62 -19.50
CA PHE B 84 -45.74 -5.67 -18.48
C PHE B 84 -45.68 -6.30 -17.08
N ILE B 85 -46.33 -7.46 -16.93
CA ILE B 85 -46.45 -8.09 -15.63
C ILE B 85 -45.06 -8.37 -15.04
N SER B 86 -44.20 -8.97 -15.85
CA SER B 86 -42.86 -9.31 -15.40
C SER B 86 -42.17 -8.06 -14.88
N ALA B 87 -42.19 -7.00 -15.68
CA ALA B 87 -41.50 -5.77 -15.30
C ALA B 87 -42.02 -5.24 -13.98
N GLN B 88 -43.30 -5.50 -13.68
CA GLN B 88 -43.87 -4.92 -12.48
C GLN B 88 -43.56 -5.73 -11.22
N THR B 89 -43.27 -7.03 -11.30
CA THR B 89 -43.16 -7.75 -10.03
C THR B 89 -41.85 -8.50 -9.83
N LEU B 90 -40.76 -8.10 -10.50
CA LEU B 90 -39.47 -8.81 -10.37
C LEU B 90 -39.63 -10.29 -10.70
N THR B 91 -40.38 -10.60 -11.75
CA THR B 91 -40.92 -11.94 -11.93
C THR B 91 -40.42 -12.59 -13.22
N PRO B 92 -39.81 -13.77 -13.15
CA PRO B 92 -39.54 -14.53 -14.38
C PRO B 92 -40.82 -15.06 -14.99
N ILE B 93 -40.96 -14.88 -16.30
CA ILE B 93 -42.09 -15.41 -17.06
C ILE B 93 -41.57 -16.02 -18.36
N LEU B 94 -41.88 -17.28 -18.60
CA LEU B 94 -41.50 -17.98 -19.82
C LEU B 94 -42.70 -18.07 -20.75
N GLY B 95 -42.55 -17.59 -21.98
CA GLY B 95 -43.61 -17.71 -22.95
C GLY B 95 -43.31 -18.83 -23.93
N ILE B 96 -43.82 -20.03 -23.67
CA ILE B 96 -43.30 -21.22 -24.37
C ILE B 96 -44.16 -21.65 -25.55
N HIS B 97 -45.37 -21.09 -25.73
CA HIS B 97 -46.16 -21.48 -26.88
C HIS B 97 -47.29 -20.47 -27.10
N GLY B 98 -47.74 -20.40 -28.36
CA GLY B 98 -48.92 -19.60 -28.68
C GLY B 98 -48.62 -18.11 -28.63
N GLY B 99 -49.60 -17.35 -28.14
CA GLY B 99 -49.43 -15.92 -28.02
C GLY B 99 -48.27 -15.53 -27.13
N SER B 100 -47.95 -16.37 -26.13
CA SER B 100 -46.80 -16.12 -25.28
C SER B 100 -45.48 -16.24 -26.03
N SER B 101 -45.45 -17.00 -27.13
CA SER B 101 -44.25 -17.18 -27.93
C SER B 101 -44.20 -16.26 -29.15
N MET B 102 -45.24 -15.46 -29.40
CA MET B 102 -45.14 -14.40 -30.37
C MET B 102 -44.08 -13.40 -29.92
N ILE B 103 -43.07 -13.19 -30.77
CA ILE B 103 -41.86 -12.49 -30.35
C ILE B 103 -42.20 -11.03 -30.03
N MET B 104 -41.90 -10.62 -28.80
CA MET B 104 -42.22 -9.29 -28.30
C MET B 104 -40.94 -8.47 -28.24
N ALA B 105 -40.83 -7.48 -29.11
CA ALA B 105 -39.69 -6.59 -29.14
C ALA B 105 -39.93 -5.37 -28.26
N ASP B 106 -38.87 -4.60 -28.04
CA ASP B 106 -38.91 -3.38 -27.22
C ASP B 106 -39.52 -3.65 -25.85
N LYS B 107 -38.97 -4.65 -25.16
CA LYS B 107 -39.40 -4.98 -23.81
C LYS B 107 -38.87 -3.95 -22.81
N ASP B 108 -39.39 -4.00 -21.60
CA ASP B 108 -38.91 -3.12 -20.54
C ASP B 108 -37.48 -3.49 -20.18
N GLU B 109 -36.63 -2.48 -20.03
CA GLU B 109 -35.23 -2.72 -19.67
C GLU B 109 -35.09 -3.46 -18.36
N SER B 110 -36.13 -3.47 -17.53
CA SER B 110 -36.13 -4.17 -16.25
C SER B 110 -36.85 -5.50 -16.29
N SER B 111 -37.52 -5.83 -17.40
CA SER B 111 -38.36 -7.02 -17.45
C SER B 111 -37.51 -8.29 -17.35
N MET B 112 -38.12 -9.33 -16.77
CA MET B 112 -37.54 -10.66 -16.70
C MET B 112 -38.33 -11.66 -17.54
N PHE B 113 -39.02 -11.17 -18.56
CA PHE B 113 -39.87 -11.99 -19.43
C PHE B 113 -39.06 -12.49 -20.61
N PHE B 114 -39.08 -13.81 -20.81
CA PHE B 114 -38.32 -14.44 -21.89
C PHE B 114 -39.24 -15.35 -22.69
N GLN B 115 -38.84 -15.62 -23.93
CA GLN B 115 -39.69 -16.33 -24.88
C GLN B 115 -38.94 -17.44 -25.58
N PHE B 116 -39.66 -18.52 -25.87
CA PHE B 116 -39.18 -19.53 -26.81
C PHE B 116 -39.37 -19.04 -28.23
N GLY B 117 -38.50 -19.50 -29.13
CA GLY B 117 -38.59 -19.13 -30.52
C GLY B 117 -37.48 -18.19 -30.95
N PRO B 118 -37.41 -17.94 -32.26
CA PRO B 118 -36.30 -17.13 -32.78
C PRO B 118 -36.53 -15.64 -32.67
N SER B 119 -35.44 -14.91 -32.47
CA SER B 119 -35.47 -13.46 -32.54
C SER B 119 -35.75 -13.00 -33.97
N ILE B 120 -36.16 -11.74 -34.10
CA ILE B 120 -36.44 -11.18 -35.42
C ILE B 120 -35.16 -11.18 -36.28
N GLU B 121 -34.02 -10.92 -35.64
CA GLU B 121 -32.73 -10.95 -36.33
C GLU B 121 -32.54 -12.28 -37.06
N GLN B 122 -32.67 -13.39 -36.33
CA GLN B 122 -32.50 -14.71 -36.92
C GLN B 122 -33.53 -15.00 -37.99
N GLN B 123 -34.76 -14.50 -37.83
CA GLN B 123 -35.80 -14.83 -38.79
C GLN B 123 -35.55 -14.13 -40.13
N ALA B 124 -35.17 -12.85 -40.08
CA ALA B 124 -34.73 -12.18 -41.31
C ALA B 124 -33.55 -12.91 -41.94
N SER B 125 -32.61 -13.37 -41.11
CA SER B 125 -31.47 -14.14 -41.61
C SER B 125 -31.93 -15.37 -42.40
N VAL B 126 -32.83 -16.16 -41.81
CA VAL B 126 -33.30 -17.38 -42.46
C VAL B 126 -34.00 -17.05 -43.78
N MET B 127 -34.83 -15.99 -43.77
CA MET B 127 -35.53 -15.61 -44.99
C MET B 127 -34.55 -15.26 -46.11
N LEU B 128 -33.44 -14.60 -45.77
CA LEU B 128 -32.46 -14.31 -46.82
C LEU B 128 -31.72 -15.55 -47.28
N ASN B 129 -31.44 -16.47 -46.36
CA ASN B 129 -30.86 -17.76 -46.77
C ASN B 129 -31.73 -18.40 -47.86
N ILE B 130 -33.05 -18.33 -47.64
CA ILE B 130 -34.08 -18.82 -48.55
C ILE B 130 -34.02 -18.08 -49.89
N MET B 131 -34.01 -16.75 -49.83
CA MET B 131 -34.06 -15.91 -51.02
C MET B 131 -32.85 -16.10 -51.91
N GLU B 132 -31.69 -16.42 -51.31
CA GLU B 132 -30.56 -16.88 -52.12
C GLU B 132 -30.88 -18.22 -52.76
N GLU B 133 -31.53 -19.11 -52.01
CA GLU B 133 -31.85 -20.42 -52.59
C GLU B 133 -32.58 -20.30 -53.92
N TYR B 134 -33.37 -19.24 -54.10
CA TYR B 134 -34.07 -19.05 -55.38
C TYR B 134 -33.71 -17.70 -56.02
N ASP B 135 -32.47 -17.25 -55.94
CA ASP B 135 -32.09 -16.12 -56.80
C ASP B 135 -33.14 -15.01 -56.76
N TRP B 136 -33.83 -14.83 -55.63
CA TRP B 136 -34.82 -13.76 -55.50
C TRP B 136 -34.12 -12.46 -55.10
N TYR B 137 -33.23 -11.98 -55.98
CA TYR B 137 -32.36 -10.86 -55.66
C TYR B 137 -33.04 -9.51 -55.88
N ILE B 138 -34.31 -9.53 -56.29
CA ILE B 138 -35.20 -8.37 -56.29
C ILE B 138 -36.27 -8.61 -55.23
N PHE B 139 -36.53 -7.60 -54.40
CA PHE B 139 -37.57 -7.76 -53.39
C PHE B 139 -37.98 -6.41 -52.83
N SER B 140 -39.05 -6.42 -52.05
CA SER B 140 -39.58 -5.23 -51.40
C SER B 140 -40.12 -5.63 -50.04
N ILE B 141 -40.24 -4.65 -49.14
CA ILE B 141 -40.63 -4.90 -47.75
C ILE B 141 -41.84 -4.06 -47.39
N VAL B 142 -42.84 -4.69 -46.76
CA VAL B 142 -44.02 -4.02 -46.25
C VAL B 142 -44.19 -4.39 -44.78
N THR B 143 -44.43 -3.37 -43.96
CA THR B 143 -44.62 -3.54 -42.53
C THR B 143 -45.68 -2.57 -42.04
N THR B 144 -46.20 -2.86 -40.86
CA THR B 144 -47.03 -1.92 -40.13
C THR B 144 -46.20 -1.31 -38.99
N TYR B 145 -46.87 -0.75 -37.98
CA TYR B 145 -46.18 -0.07 -36.90
C TYR B 145 -45.80 -1.01 -35.76
N PHE B 146 -46.01 -2.32 -35.94
CA PHE B 146 -45.87 -3.26 -34.83
C PHE B 146 -44.40 -3.49 -34.50
N PRO B 147 -44.03 -3.55 -33.21
CA PRO B 147 -42.60 -3.56 -32.84
C PRO B 147 -41.83 -4.71 -33.48
N GLY B 148 -40.52 -4.47 -33.64
CA GLY B 148 -39.68 -5.28 -34.50
C GLY B 148 -39.56 -4.75 -35.91
N TYR B 149 -40.56 -3.97 -36.35
CA TYR B 149 -40.63 -3.27 -37.63
C TYR B 149 -39.32 -2.60 -38.02
N GLN B 150 -38.92 -1.55 -37.30
CA GLN B 150 -37.60 -0.96 -37.51
C GLN B 150 -36.52 -2.03 -37.47
N ASP B 151 -36.57 -2.89 -36.46
CA ASP B 151 -35.51 -3.88 -36.25
C ASP B 151 -35.42 -4.83 -37.42
N PHE B 152 -36.56 -5.29 -37.93
CA PHE B 152 -36.58 -6.17 -39.09
C PHE B 152 -35.94 -5.50 -40.30
N VAL B 153 -36.47 -4.33 -40.69
CA VAL B 153 -35.96 -3.73 -41.92
C VAL B 153 -34.50 -3.32 -41.77
N ASN B 154 -34.05 -3.02 -40.55
CA ASN B 154 -32.65 -2.63 -40.37
C ASN B 154 -31.74 -3.85 -40.41
N LYS B 155 -32.15 -4.97 -39.83
CA LYS B 155 -31.43 -6.22 -40.06
C LYS B 155 -31.21 -6.48 -41.54
N ILE B 156 -32.30 -6.37 -42.32
CA ILE B 156 -32.20 -6.68 -43.75
C ILE B 156 -31.32 -5.67 -44.48
N ARG B 157 -31.56 -4.37 -44.29
CA ARG B 157 -30.77 -3.35 -44.97
C ARG B 157 -29.30 -3.47 -44.61
N SER B 158 -29.01 -3.80 -43.34
CA SER B 158 -27.63 -4.05 -42.94
C SER B 158 -27.03 -5.21 -43.73
N THR B 159 -27.79 -6.29 -43.89
CA THR B 159 -27.27 -7.41 -44.67
C THR B 159 -27.06 -7.03 -46.13
N ILE B 160 -27.87 -6.10 -46.67
CA ILE B 160 -27.73 -5.72 -48.07
C ILE B 160 -26.51 -4.84 -48.27
N GLU B 161 -26.26 -3.89 -47.35
CA GLU B 161 -25.09 -3.03 -47.49
C GLU B 161 -23.80 -3.85 -47.58
N ASN B 162 -23.72 -4.94 -46.84
CA ASN B 162 -22.57 -5.84 -46.87
C ASN B 162 -22.77 -7.04 -47.79
N SER B 163 -23.70 -6.93 -48.74
CA SER B 163 -23.90 -7.97 -49.73
C SER B 163 -22.97 -7.77 -50.91
N PHE B 164 -22.33 -8.83 -51.38
CA PHE B 164 -21.61 -8.75 -52.64
C PHE B 164 -22.48 -9.03 -53.84
N VAL B 165 -23.79 -9.05 -53.63
CA VAL B 165 -24.76 -9.16 -54.71
C VAL B 165 -25.69 -7.95 -54.61
N GLY B 166 -26.08 -7.40 -55.77
CA GLY B 166 -26.95 -6.25 -55.77
C GLY B 166 -28.42 -6.55 -55.58
N TRP B 167 -28.82 -6.83 -54.35
CA TRP B 167 -30.23 -6.97 -54.02
C TRP B 167 -30.96 -5.66 -54.32
N GLU B 168 -31.94 -5.72 -55.22
CA GLU B 168 -32.79 -4.58 -55.51
C GLU B 168 -33.93 -4.47 -54.51
N LEU B 169 -33.61 -3.89 -53.34
CA LEU B 169 -34.65 -3.44 -52.42
C LEU B 169 -35.42 -2.32 -53.10
N GLU B 170 -36.36 -2.68 -53.97
CA GLU B 170 -37.01 -1.75 -54.87
C GLU B 170 -37.73 -0.63 -54.11
N GLU B 171 -38.78 -0.98 -53.38
CA GLU B 171 -39.51 -0.02 -52.55
C GLU B 171 -39.82 -0.68 -51.22
N VAL B 172 -39.95 0.14 -50.18
CA VAL B 172 -40.31 -0.35 -48.85
C VAL B 172 -41.43 0.52 -48.32
N LEU B 173 -42.42 -0.11 -47.71
CA LEU B 173 -43.68 0.56 -47.38
C LEU B 173 -43.95 0.50 -45.89
N LEU B 174 -44.54 1.57 -45.37
CA LEU B 174 -45.07 1.61 -44.01
C LEU B 174 -46.57 1.87 -44.08
N LEU B 175 -47.34 1.03 -43.41
CA LEU B 175 -48.78 1.18 -43.33
C LEU B 175 -49.18 1.46 -41.89
N ASP B 176 -50.09 2.42 -41.72
CA ASP B 176 -50.56 2.82 -40.39
C ASP B 176 -51.85 2.07 -40.13
N MET B 177 -51.81 1.14 -39.18
CA MET B 177 -52.94 0.28 -38.88
C MET B 177 -53.67 0.69 -37.60
N SER B 178 -53.21 1.72 -36.91
CA SER B 178 -54.01 2.33 -35.87
C SER B 178 -55.05 3.30 -36.43
N LEU B 179 -55.00 3.56 -37.74
CA LEU B 179 -55.87 4.53 -38.39
C LEU B 179 -56.76 3.85 -39.41
N ASP B 180 -57.87 4.52 -39.70
CA ASP B 180 -58.86 4.03 -40.65
C ASP B 180 -58.31 4.00 -42.07
N ASP B 181 -58.84 3.08 -42.88
CA ASP B 181 -58.50 2.97 -44.29
C ASP B 181 -59.71 3.26 -45.18
N GLY B 182 -60.58 4.18 -44.76
CA GLY B 182 -61.60 4.69 -45.66
C GLY B 182 -61.06 5.53 -46.78
N ASP B 183 -59.78 5.90 -46.71
CA ASP B 183 -59.09 6.61 -47.78
C ASP B 183 -58.49 5.67 -48.82
N SER B 184 -58.33 4.39 -48.47
CA SER B 184 -57.53 3.43 -49.24
C SER B 184 -56.07 3.86 -49.30
N LYS B 185 -55.57 4.56 -48.29
CA LYS B 185 -54.15 4.90 -48.29
C LYS B 185 -53.28 3.64 -48.24
N ILE B 186 -53.78 2.56 -47.61
CA ILE B 186 -53.05 1.30 -47.62
C ILE B 186 -52.99 0.72 -49.03
N GLN B 187 -54.12 0.74 -49.73
CA GLN B 187 -54.18 0.31 -51.13
C GLN B 187 -53.17 1.07 -51.98
N ASN B 188 -53.21 2.41 -51.89
CA ASN B 188 -52.33 3.25 -52.69
C ASN B 188 -50.87 2.95 -52.39
N GLN B 189 -50.52 2.81 -51.11
CA GLN B 189 -49.14 2.44 -50.79
C GLN B 189 -48.75 1.11 -51.42
N LEU B 190 -49.63 0.10 -51.33
CA LEU B 190 -49.26 -1.21 -51.84
C LEU B 190 -49.02 -1.21 -53.34
N LYS B 191 -49.60 -0.26 -54.08
CA LYS B 191 -49.33 -0.23 -55.51
C LYS B 191 -47.89 0.15 -55.83
N LYS B 192 -47.14 0.73 -54.89
CA LYS B 192 -45.72 0.96 -55.12
C LYS B 192 -44.93 -0.33 -55.29
N LEU B 193 -45.55 -1.48 -55.06
CA LEU B 193 -44.88 -2.77 -55.16
C LEU B 193 -45.04 -3.33 -56.57
N GLN B 194 -43.92 -3.46 -57.29
CA GLN B 194 -43.86 -4.21 -58.52
C GLN B 194 -42.96 -5.44 -58.43
N SER B 195 -42.10 -5.49 -57.41
CA SER B 195 -41.06 -6.50 -57.34
C SER B 195 -41.66 -7.88 -57.12
N PRO B 196 -41.02 -8.93 -57.67
CA PRO B 196 -41.59 -10.28 -57.55
C PRO B 196 -41.82 -10.75 -56.12
N ILE B 197 -40.91 -10.44 -55.21
CA ILE B 197 -40.93 -11.02 -53.86
C ILE B 197 -41.17 -9.91 -52.85
N ILE B 198 -42.15 -10.13 -51.98
CA ILE B 198 -42.53 -9.13 -50.98
C ILE B 198 -42.46 -9.76 -49.60
N LEU B 199 -41.87 -9.01 -48.65
CA LEU B 199 -41.63 -9.46 -47.30
C LEU B 199 -42.60 -8.71 -46.39
N LEU B 200 -43.48 -9.44 -45.71
CA LEU B 200 -44.53 -8.78 -44.93
C LEU B 200 -44.32 -9.03 -43.44
N TYR B 201 -44.22 -7.96 -42.67
CA TYR B 201 -44.04 -8.05 -41.21
C TYR B 201 -45.13 -7.26 -40.50
N CYS B 202 -45.99 -7.98 -39.78
CA CYS B 202 -47.06 -7.39 -38.98
C CYS B 202 -47.69 -8.52 -38.16
N THR B 203 -48.84 -8.23 -37.55
CA THR B 203 -49.58 -9.28 -36.85
C THR B 203 -50.40 -10.10 -37.84
N LYS B 204 -50.79 -11.29 -37.41
CA LYS B 204 -51.55 -12.20 -38.27
C LYS B 204 -52.83 -11.54 -38.77
N GLU B 205 -53.58 -10.93 -37.85
CA GLU B 205 -54.78 -10.16 -38.16
C GLU B 205 -54.51 -9.12 -39.24
N GLU B 206 -53.45 -8.36 -39.04
CA GLU B 206 -53.09 -7.33 -40.02
C GLU B 206 -52.70 -7.95 -41.35
N ALA B 207 -52.02 -9.10 -41.32
CA ALA B 207 -51.75 -9.79 -42.56
C ALA B 207 -53.05 -10.20 -43.26
N THR B 208 -54.09 -10.52 -42.49
CA THR B 208 -55.39 -10.82 -43.09
C THR B 208 -55.93 -9.62 -43.86
N TYR B 209 -56.02 -8.47 -43.20
CA TYR B 209 -56.52 -7.27 -43.88
C TYR B 209 -55.63 -6.88 -45.06
N ILE B 210 -54.32 -6.84 -44.83
CA ILE B 210 -53.37 -6.42 -45.86
C ILE B 210 -53.40 -7.39 -47.03
N PHE B 211 -53.68 -8.67 -46.80
CA PHE B 211 -53.77 -9.59 -47.92
C PHE B 211 -55.11 -9.48 -48.63
N GLU B 212 -56.19 -9.07 -47.94
CA GLU B 212 -57.36 -8.66 -48.68
C GLU B 212 -57.03 -7.52 -49.63
N VAL B 213 -56.22 -6.57 -49.18
CA VAL B 213 -55.84 -5.44 -50.04
C VAL B 213 -54.93 -5.90 -51.18
N ALA B 214 -53.82 -6.56 -50.83
CA ALA B 214 -52.86 -7.06 -51.82
C ALA B 214 -53.52 -8.02 -52.79
N ASN B 215 -54.59 -8.69 -52.37
CA ASN B 215 -55.40 -9.46 -53.29
C ASN B 215 -56.17 -8.52 -54.22
N SER B 216 -56.84 -7.52 -53.65
CA SER B 216 -57.64 -6.62 -54.45
C SER B 216 -56.84 -5.84 -55.50
N VAL B 217 -55.52 -5.76 -55.35
CA VAL B 217 -54.71 -5.10 -56.37
C VAL B 217 -53.77 -6.07 -57.07
N GLY B 218 -54.04 -7.37 -56.98
CA GLY B 218 -53.37 -8.36 -57.81
C GLY B 218 -51.99 -8.77 -57.38
N LEU B 219 -51.51 -8.33 -56.22
CA LEU B 219 -50.16 -8.67 -55.80
C LEU B 219 -50.07 -10.03 -55.12
N THR B 220 -51.20 -10.63 -54.73
CA THR B 220 -51.21 -12.03 -54.35
C THR B 220 -51.19 -12.95 -55.55
N GLY B 221 -51.49 -12.43 -56.73
CA GLY B 221 -51.41 -13.24 -57.94
C GLY B 221 -50.00 -13.73 -58.18
N TYR B 222 -49.89 -14.80 -59.00
CA TYR B 222 -48.60 -15.47 -59.22
C TYR B 222 -47.80 -14.73 -60.32
N GLY B 223 -46.49 -15.03 -60.39
CA GLY B 223 -45.43 -14.07 -60.61
C GLY B 223 -45.05 -13.33 -59.35
N TYR B 224 -45.82 -13.52 -58.26
CA TYR B 224 -45.54 -12.87 -56.99
C TYR B 224 -45.55 -13.90 -55.87
N THR B 225 -44.57 -13.77 -54.98
CA THR B 225 -44.40 -14.68 -53.87
C THR B 225 -44.02 -13.88 -52.62
N TRP B 226 -44.59 -14.30 -51.50
CA TRP B 226 -44.47 -13.58 -50.25
C TRP B 226 -43.74 -14.43 -49.23
N ILE B 227 -42.89 -13.76 -48.44
CA ILE B 227 -42.20 -14.40 -47.33
C ILE B 227 -42.54 -13.60 -46.07
N VAL B 228 -43.03 -14.31 -45.06
CA VAL B 228 -43.56 -13.67 -43.86
C VAL B 228 -43.10 -14.46 -42.63
N PRO B 229 -42.64 -13.80 -41.57
CA PRO B 229 -42.11 -14.52 -40.41
C PRO B 229 -43.14 -15.28 -39.59
N SER B 230 -42.69 -15.81 -38.46
CA SER B 230 -43.53 -16.64 -37.59
C SER B 230 -44.62 -15.85 -36.89
N LEU B 231 -44.52 -14.51 -36.88
CA LEU B 231 -45.52 -13.70 -36.19
C LEU B 231 -46.87 -13.69 -36.92
N VAL B 232 -46.92 -14.19 -38.15
CA VAL B 232 -48.17 -14.34 -38.88
C VAL B 232 -48.56 -15.79 -39.07
N ALA B 233 -47.59 -16.72 -39.15
CA ALA B 233 -47.92 -18.14 -39.22
C ALA B 233 -48.77 -18.54 -38.03
N GLY B 234 -48.31 -18.23 -36.82
CA GLY B 234 -49.09 -18.50 -35.61
C GLY B 234 -49.38 -19.98 -35.46
N ASP B 235 -50.61 -20.28 -35.05
CA ASP B 235 -51.08 -21.66 -35.10
C ASP B 235 -51.03 -22.11 -36.55
N THR B 236 -49.96 -22.82 -36.91
CA THR B 236 -49.72 -23.22 -38.30
C THR B 236 -50.86 -24.06 -38.88
N ASP B 237 -51.84 -24.44 -38.06
CA ASP B 237 -52.99 -25.21 -38.53
C ASP B 237 -54.14 -24.35 -39.03
N THR B 238 -54.11 -23.04 -38.76
CA THR B 238 -55.24 -22.16 -39.08
C THR B 238 -54.82 -21.15 -40.13
N VAL B 239 -55.43 -21.26 -41.31
CA VAL B 239 -55.28 -20.26 -42.36
C VAL B 239 -56.68 -19.74 -42.71
N PRO B 240 -57.03 -18.53 -42.32
CA PRO B 240 -58.36 -18.01 -42.63
C PRO B 240 -58.61 -17.93 -44.14
N SER B 241 -59.89 -17.95 -44.50
CA SER B 241 -60.36 -17.92 -45.90
C SER B 241 -59.97 -16.64 -46.63
N GLU B 242 -59.17 -15.76 -46.01
CA GLU B 242 -58.79 -14.49 -46.59
C GLU B 242 -57.36 -14.49 -47.12
N PHE B 243 -56.65 -15.62 -47.02
CA PHE B 243 -55.23 -15.72 -47.33
C PHE B 243 -54.99 -16.36 -48.69
N PRO B 244 -54.02 -15.85 -49.44
CA PRO B 244 -53.61 -16.51 -50.68
C PRO B 244 -52.76 -17.73 -50.39
N THR B 245 -52.60 -18.57 -51.41
CA THR B 245 -51.71 -19.71 -51.30
C THR B 245 -50.35 -19.37 -51.88
N GLY B 246 -49.49 -20.39 -51.97
CA GLY B 246 -48.11 -20.16 -52.34
C GLY B 246 -47.43 -19.13 -51.47
N LEU B 247 -47.71 -19.17 -50.17
CA LEU B 247 -47.00 -18.27 -49.27
C LEU B 247 -45.86 -19.03 -48.62
N ILE B 248 -44.84 -18.31 -48.16
CA ILE B 248 -43.73 -18.95 -47.48
C ILE B 248 -43.55 -18.31 -46.12
N SER B 249 -43.23 -19.13 -45.13
CA SER B 249 -43.02 -18.63 -43.78
C SER B 249 -41.95 -19.45 -43.10
N VAL B 250 -41.46 -18.91 -41.99
CA VAL B 250 -40.63 -19.65 -41.05
C VAL B 250 -41.42 -19.78 -39.77
N SER B 251 -41.11 -20.80 -38.99
CA SER B 251 -41.74 -20.89 -37.68
C SER B 251 -40.91 -21.81 -36.78
N TYR B 252 -41.23 -21.74 -35.49
CA TYR B 252 -40.75 -22.73 -34.54
C TYR B 252 -41.31 -24.09 -34.93
N ASP B 253 -40.43 -25.09 -35.01
CA ASP B 253 -40.83 -26.41 -35.48
C ASP B 253 -41.62 -27.13 -34.38
N GLU B 254 -42.83 -26.64 -34.17
CA GLU B 254 -43.70 -27.14 -33.11
C GLU B 254 -44.20 -28.56 -33.37
N TRP B 255 -43.95 -29.10 -34.56
CA TRP B 255 -44.36 -30.47 -34.87
C TRP B 255 -43.34 -31.49 -34.38
N ASP B 256 -42.05 -31.18 -34.52
CA ASP B 256 -40.98 -32.08 -34.10
C ASP B 256 -40.33 -31.65 -32.79
N TYR B 257 -40.91 -30.65 -32.13
CA TYR B 257 -40.49 -30.21 -30.79
C TYR B 257 -41.80 -30.00 -30.03
N GLY B 258 -42.31 -31.06 -29.42
CA GLY B 258 -43.64 -31.05 -28.84
C GLY B 258 -43.74 -30.27 -27.55
N LEU B 259 -44.96 -30.18 -27.03
CA LEU B 259 -45.19 -29.47 -25.78
C LEU B 259 -44.47 -30.09 -24.58
N PRO B 260 -44.45 -31.41 -24.39
CA PRO B 260 -43.69 -31.95 -23.24
C PRO B 260 -42.24 -31.51 -23.21
N ALA B 261 -41.59 -31.45 -24.38
CA ALA B 261 -40.21 -31.00 -24.44
C ALA B 261 -40.08 -29.56 -23.96
N ARG B 262 -40.94 -28.66 -24.46
CA ARG B 262 -40.85 -27.26 -24.07
C ARG B 262 -41.24 -27.05 -22.61
N VAL B 263 -42.14 -27.88 -22.07
CA VAL B 263 -42.50 -27.75 -20.65
C VAL B 263 -41.34 -28.21 -19.78
N ARG B 264 -40.72 -29.33 -20.15
CA ARG B 264 -39.53 -29.80 -19.46
C ARG B 264 -38.45 -28.72 -19.47
N ASP B 265 -38.22 -28.11 -20.63
CA ASP B 265 -37.32 -26.96 -20.71
C ASP B 265 -37.77 -25.82 -19.80
N GLY B 266 -39.07 -25.56 -19.76
CA GLY B 266 -39.56 -24.41 -19.00
C GLY B 266 -39.28 -24.54 -17.53
N ILE B 267 -39.55 -25.70 -16.95
CA ILE B 267 -39.23 -25.90 -15.54
C ILE B 267 -37.73 -25.96 -15.32
N ALA B 268 -36.99 -26.59 -16.23
CA ALA B 268 -35.59 -26.82 -15.97
C ALA B 268 -34.77 -25.54 -16.07
N ILE B 269 -35.13 -24.62 -16.98
CA ILE B 269 -34.52 -23.29 -16.99
C ILE B 269 -34.59 -22.66 -15.61
N ILE B 270 -35.81 -22.49 -15.10
CA ILE B 270 -36.04 -21.77 -13.84
C ILE B 270 -35.33 -22.48 -12.69
N THR B 271 -35.39 -23.81 -12.66
CA THR B 271 -34.83 -24.53 -11.51
C THR B 271 -33.32 -24.55 -11.53
N THR B 272 -32.71 -24.69 -12.72
CA THR B 272 -31.26 -24.56 -12.82
C THR B 272 -30.81 -23.17 -12.36
N ALA B 273 -31.55 -22.13 -12.77
CA ALA B 273 -31.24 -20.78 -12.32
C ALA B 273 -31.30 -20.69 -10.79
N ALA B 274 -32.37 -21.24 -10.20
CA ALA B 274 -32.51 -21.22 -8.75
C ALA B 274 -31.32 -21.88 -8.08
N SER B 275 -30.95 -23.07 -8.57
CA SER B 275 -29.83 -23.81 -7.98
C SER B 275 -28.57 -22.96 -7.95
N ASP B 276 -28.20 -22.38 -9.10
CA ASP B 276 -26.90 -21.72 -9.17
C ASP B 276 -26.88 -20.41 -8.38
N MET B 277 -27.93 -19.59 -8.52
CA MET B 277 -27.99 -18.34 -7.76
C MET B 277 -27.95 -18.61 -6.26
N LEU B 278 -28.73 -19.59 -5.78
CA LEU B 278 -28.73 -19.86 -4.35
C LEU B 278 -27.41 -20.47 -3.90
N SER B 279 -26.81 -21.33 -4.73
CA SER B 279 -25.55 -21.95 -4.35
C SER B 279 -24.43 -20.93 -4.22
N GLU B 280 -24.51 -19.82 -4.94
CA GLU B 280 -23.41 -18.86 -4.87
C GLU B 280 -23.70 -17.60 -4.05
N HIS B 281 -24.92 -17.06 -4.07
CA HIS B 281 -25.26 -15.88 -3.28
C HIS B 281 -26.08 -16.20 -2.04
N SER B 282 -26.39 -17.47 -1.79
CA SER B 282 -27.01 -17.94 -0.55
C SER B 282 -28.45 -17.48 -0.37
N PHE B 283 -29.12 -16.97 -1.42
CA PHE B 283 -30.54 -16.68 -1.27
C PHE B 283 -31.23 -16.72 -2.62
N ILE B 284 -32.55 -16.95 -2.56
CA ILE B 284 -33.44 -16.83 -3.70
C ILE B 284 -34.48 -15.78 -3.35
N PRO B 285 -34.68 -14.75 -4.18
CA PRO B 285 -35.54 -13.62 -3.78
C PRO B 285 -36.93 -14.07 -3.33
N GLU B 286 -37.44 -13.38 -2.30
CA GLU B 286 -38.74 -13.69 -1.71
C GLU B 286 -39.85 -13.01 -2.51
N PRO B 287 -40.99 -13.69 -2.69
CA PRO B 287 -42.01 -13.18 -3.62
C PRO B 287 -42.73 -11.97 -3.08
N LYS B 288 -42.71 -10.90 -3.89
CA LYS B 288 -43.62 -9.77 -3.91
C LYS B 288 -45.07 -10.19 -4.12
N SER B 289 -45.79 -10.52 -3.05
CA SER B 289 -47.21 -10.75 -3.28
C SER B 289 -47.98 -9.46 -3.55
N SER B 290 -47.29 -8.33 -3.61
CA SER B 290 -47.95 -7.04 -3.73
C SER B 290 -48.66 -6.92 -5.07
N CYS B 291 -49.90 -6.46 -5.01
CA CYS B 291 -50.69 -6.17 -6.21
C CYS B 291 -51.28 -4.77 -6.11
N GLN B 301 -33.30 -4.54 -4.26
CA GLN B 301 -33.88 -5.69 -4.95
C GLN B 301 -33.16 -5.93 -6.26
N SER B 302 -32.94 -7.21 -6.59
CA SER B 302 -32.15 -7.57 -7.75
C SER B 302 -32.89 -8.59 -8.61
N ASN B 303 -32.86 -8.36 -9.91
CA ASN B 303 -33.18 -9.37 -10.91
C ASN B 303 -31.96 -10.22 -11.21
N MET B 304 -31.12 -10.48 -10.20
CA MET B 304 -29.86 -11.20 -10.44
C MET B 304 -30.09 -12.49 -11.22
N LEU B 305 -31.27 -13.10 -11.05
CA LEU B 305 -31.63 -14.31 -11.77
C LEU B 305 -31.38 -14.19 -13.28
N ASN B 306 -31.58 -13.00 -13.84
CA ASN B 306 -31.37 -12.81 -15.27
C ASN B 306 -30.00 -13.32 -15.71
N ARG B 307 -28.95 -13.00 -14.94
CA ARG B 307 -27.63 -13.55 -15.25
C ARG B 307 -27.69 -15.07 -15.38
N TYR B 308 -28.24 -15.72 -14.38
CA TYR B 308 -28.39 -17.18 -14.38
C TYR B 308 -29.56 -17.65 -15.23
N LEU B 309 -30.36 -16.74 -15.77
CA LEU B 309 -31.39 -17.10 -16.74
C LEU B 309 -30.92 -16.97 -18.18
N ILE B 310 -29.91 -16.14 -18.42
CA ILE B 310 -29.34 -16.04 -19.76
C ILE B 310 -28.64 -17.34 -20.13
N ASN B 311 -27.63 -17.72 -19.34
CA ASN B 311 -26.74 -18.84 -19.65
C ASN B 311 -27.20 -20.05 -18.84
N VAL B 312 -27.85 -21.01 -19.51
CA VAL B 312 -28.54 -22.11 -18.84
C VAL B 312 -28.23 -23.42 -19.56
N THR B 313 -28.14 -24.51 -18.78
CA THR B 313 -27.84 -25.82 -19.33
C THR B 313 -28.48 -26.91 -18.47
N PHE B 314 -29.05 -27.95 -19.11
CA PHE B 314 -29.73 -28.98 -18.32
C PHE B 314 -29.89 -30.26 -19.14
N GLU B 315 -29.40 -31.38 -18.59
CA GLU B 315 -29.66 -32.76 -19.07
C GLU B 315 -29.35 -32.95 -20.56
N GLY B 316 -28.54 -32.05 -21.11
CA GLY B 316 -27.65 -32.24 -22.24
C GLY B 316 -27.88 -31.26 -23.36
N ARG B 317 -28.64 -30.20 -23.05
CA ARG B 317 -29.32 -29.27 -23.94
C ARG B 317 -28.81 -27.85 -23.69
N ASP B 318 -28.74 -27.02 -24.75
CA ASP B 318 -28.29 -25.64 -24.64
C ASP B 318 -29.54 -24.78 -24.56
N LEU B 319 -29.79 -24.24 -23.37
CA LEU B 319 -30.98 -23.45 -23.07
C LEU B 319 -30.61 -22.02 -22.72
N SER B 320 -29.56 -21.53 -23.36
CA SER B 320 -29.12 -20.16 -23.19
C SER B 320 -30.00 -19.22 -24.00
N PHE B 321 -30.34 -18.10 -23.39
CA PHE B 321 -31.01 -17.01 -24.09
C PHE B 321 -29.98 -15.94 -24.44
N SER B 322 -30.28 -15.17 -25.48
CA SER B 322 -29.42 -14.05 -25.79
C SER B 322 -29.58 -12.96 -24.74
N GLU B 323 -28.54 -12.12 -24.60
CA GLU B 323 -28.68 -10.93 -23.74
C GLU B 323 -29.82 -10.05 -24.22
N ASP B 324 -30.23 -10.21 -25.48
CA ASP B 324 -31.39 -9.51 -26.00
C ASP B 324 -32.69 -10.00 -25.36
N GLY B 325 -32.74 -11.28 -24.98
CA GLY B 325 -33.95 -11.81 -24.37
C GLY B 325 -34.66 -12.84 -25.22
N TYR B 326 -33.91 -13.53 -26.08
CA TYR B 326 -34.48 -14.54 -26.97
C TYR B 326 -33.52 -15.72 -27.06
N GLN B 327 -34.06 -16.87 -27.42
CA GLN B 327 -33.27 -18.10 -27.47
C GLN B 327 -32.08 -17.95 -28.42
N MET B 328 -30.91 -18.38 -27.96
CA MET B 328 -29.76 -18.40 -28.85
C MET B 328 -29.85 -19.56 -29.83
N HIS B 329 -30.67 -20.57 -29.57
CA HIS B 329 -30.79 -21.73 -30.43
C HIS B 329 -32.25 -22.13 -30.59
N PRO B 330 -33.03 -21.34 -31.32
CA PRO B 330 -34.37 -21.77 -31.70
C PRO B 330 -34.30 -22.81 -32.80
N LYS B 331 -35.23 -23.77 -32.75
CA LYS B 331 -35.30 -24.80 -33.76
C LYS B 331 -36.32 -24.37 -34.80
N LEU B 332 -35.89 -24.32 -36.06
CA LEU B 332 -36.66 -23.68 -37.11
C LEU B 332 -37.17 -24.70 -38.12
N VAL B 333 -38.35 -24.41 -38.67
CA VAL B 333 -38.86 -25.11 -39.84
C VAL B 333 -39.29 -24.07 -40.86
N ILE B 334 -39.03 -24.37 -42.14
CA ILE B 334 -39.32 -23.48 -43.26
C ILE B 334 -40.48 -24.12 -44.03
N ILE B 335 -41.59 -23.38 -44.16
CA ILE B 335 -42.87 -23.95 -44.53
C ILE B 335 -43.48 -23.18 -45.71
N LEU B 336 -44.31 -23.90 -46.46
CA LEU B 336 -45.01 -23.37 -47.63
C LEU B 336 -46.51 -23.56 -47.43
N LEU B 337 -47.30 -22.53 -47.69
CA LEU B 337 -48.74 -22.66 -47.79
C LEU B 337 -49.06 -23.07 -49.22
N ASN B 338 -49.57 -24.30 -49.37
CA ASN B 338 -49.48 -25.17 -50.54
C ASN B 338 -50.80 -25.29 -51.30
N LYS B 339 -50.83 -26.28 -52.20
CA LYS B 339 -51.98 -26.68 -53.01
C LYS B 339 -53.28 -26.77 -52.20
N GLU B 340 -53.19 -27.26 -50.97
CA GLU B 340 -54.36 -27.63 -50.18
C GLU B 340 -54.58 -26.70 -48.99
N ARG B 341 -53.95 -25.51 -49.00
CA ARG B 341 -54.09 -24.52 -47.94
C ARG B 341 -53.68 -25.08 -46.58
N LYS B 342 -52.61 -25.85 -46.57
CA LYS B 342 -52.01 -26.36 -45.34
C LYS B 342 -50.51 -26.17 -45.41
N TRP B 343 -49.91 -25.76 -44.29
CA TRP B 343 -48.49 -25.50 -44.28
C TRP B 343 -47.69 -26.79 -44.41
N GLU B 344 -46.70 -26.76 -45.28
CA GLU B 344 -45.97 -27.92 -45.76
C GLU B 344 -44.52 -27.77 -45.37
N ARG B 345 -43.99 -28.76 -44.66
CA ARG B 345 -42.56 -28.75 -44.45
C ARG B 345 -41.89 -28.81 -45.79
N VAL B 346 -41.10 -27.78 -46.07
CA VAL B 346 -40.26 -27.78 -47.25
C VAL B 346 -38.77 -27.68 -46.91
N GLY B 347 -38.42 -27.22 -45.70
CA GLY B 347 -37.04 -27.30 -45.27
C GLY B 347 -36.96 -27.21 -43.77
N LYS B 348 -35.81 -27.61 -43.24
CA LYS B 348 -35.55 -27.44 -41.81
C LYS B 348 -34.14 -26.91 -41.60
N LYS C 3 -29.97 -0.83 17.16
CA LYS C 3 -28.96 -1.19 16.18
C LYS C 3 -28.28 -2.49 16.64
N LEU C 4 -26.95 -2.58 16.61
CA LEU C 4 -26.30 -3.86 16.84
C LEU C 4 -25.01 -3.68 17.63
N GLN C 5 -24.68 -4.68 18.45
CA GLN C 5 -23.41 -4.67 19.17
C GLN C 5 -22.93 -6.09 19.45
N GLU C 6 -21.64 -6.34 19.21
CA GLU C 6 -21.03 -7.64 19.44
C GLU C 6 -20.75 -7.88 20.92
N SER C 7 -20.62 -9.16 21.27
CA SER C 7 -20.23 -9.54 22.63
C SER C 7 -19.81 -11.01 22.66
N GLY C 8 -18.89 -11.31 23.56
CA GLY C 8 -18.46 -12.65 23.82
C GLY C 8 -17.04 -13.01 23.39
N GLY C 9 -16.15 -12.03 23.22
CA GLY C 9 -14.83 -12.26 22.68
C GLY C 9 -13.85 -12.78 23.72
N GLY C 10 -12.56 -12.74 23.37
CA GLY C 10 -11.53 -13.13 24.29
C GLY C 10 -10.42 -13.90 23.60
N SER C 11 -9.69 -14.68 24.41
CA SER C 11 -8.54 -15.44 23.94
C SER C 11 -8.68 -16.89 24.35
N VAL C 12 -8.49 -17.80 23.39
CA VAL C 12 -8.50 -19.24 23.68
C VAL C 12 -7.40 -19.92 22.89
N LYS C 13 -7.23 -21.22 23.17
CA LYS C 13 -6.07 -21.97 22.73
C LYS C 13 -6.33 -22.70 21.43
N LEU C 14 -5.25 -23.22 20.85
CA LEU C 14 -5.31 -23.90 19.56
C LEU C 14 -6.22 -25.12 19.65
N GLY C 15 -6.94 -25.38 18.55
CA GLY C 15 -7.87 -26.49 18.51
C GLY C 15 -9.11 -26.35 19.38
N GLY C 16 -9.20 -25.28 20.18
CA GLY C 16 -10.34 -25.06 21.05
C GLY C 16 -11.49 -24.42 20.32
N SER C 17 -12.37 -23.79 21.11
CA SER C 17 -13.60 -23.22 20.56
C SER C 17 -13.97 -21.98 21.36
N LEU C 18 -14.73 -21.11 20.71
CA LEU C 18 -15.22 -19.86 21.29
C LEU C 18 -16.49 -19.46 20.55
N LYS C 19 -17.50 -19.02 21.30
CA LYS C 19 -18.78 -18.62 20.71
C LYS C 19 -18.94 -17.10 20.84
N LEU C 20 -19.14 -16.45 19.71
CA LEU C 20 -19.41 -15.03 19.63
C LEU C 20 -20.88 -14.82 19.30
N SER C 21 -21.46 -13.73 19.80
CA SER C 21 -22.83 -13.41 19.42
C SER C 21 -23.00 -11.90 19.44
N CYS C 22 -24.12 -11.44 18.90
CA CYS C 22 -24.36 -10.02 18.93
C CYS C 22 -25.83 -9.70 19.13
N VAL C 23 -26.04 -8.61 19.88
CA VAL C 23 -27.33 -8.06 20.23
C VAL C 23 -27.87 -7.24 19.07
N VAL C 24 -29.17 -7.43 18.79
CA VAL C 24 -29.87 -6.89 17.64
C VAL C 24 -30.99 -5.99 18.12
N SER C 25 -31.18 -4.86 17.44
CA SER C 25 -32.16 -3.88 17.88
C SER C 25 -32.56 -2.98 16.71
N GLY C 26 -33.87 -2.88 16.46
CA GLY C 26 -34.40 -1.86 15.58
C GLY C 26 -34.81 -2.30 14.20
N PHE C 27 -34.87 -3.57 13.92
CA PHE C 27 -35.41 -3.90 12.63
C PHE C 27 -35.96 -5.31 12.72
N THR C 28 -36.66 -5.67 11.68
CA THR C 28 -37.29 -6.99 11.61
C THR C 28 -36.19 -8.00 11.29
N PHE C 29 -35.65 -8.60 12.34
CA PHE C 29 -34.48 -9.47 12.24
C PHE C 29 -34.72 -10.64 11.31
N SER C 30 -35.96 -11.13 11.25
CA SER C 30 -36.26 -12.33 10.49
C SER C 30 -36.28 -12.11 8.97
N THR C 31 -36.01 -10.89 8.50
CA THR C 31 -35.97 -10.60 7.08
C THR C 31 -34.56 -10.26 6.58
N TYR C 32 -33.57 -10.28 7.43
CA TYR C 32 -32.29 -9.93 6.87
C TYR C 32 -31.32 -11.08 6.89
N TYR C 33 -30.39 -10.94 5.97
CA TYR C 33 -29.30 -11.86 5.67
C TYR C 33 -28.07 -11.36 6.41
N MET C 34 -27.47 -12.28 7.16
CA MET C 34 -26.52 -11.92 8.21
C MET C 34 -25.12 -12.40 7.84
N SER C 35 -24.10 -11.63 8.21
CA SER C 35 -22.74 -11.99 7.83
C SER C 35 -21.78 -11.73 8.98
N TRP C 36 -20.67 -12.45 8.91
CA TRP C 36 -19.55 -12.40 9.84
C TRP C 36 -18.28 -12.18 9.03
N VAL C 37 -17.53 -11.14 9.38
CA VAL C 37 -16.31 -10.81 8.65
C VAL C 37 -15.13 -10.71 9.61
N ARG C 38 -13.94 -10.80 9.00
CA ARG C 38 -12.67 -10.89 9.70
C ARG C 38 -11.81 -9.70 9.28
N GLN C 39 -11.33 -8.96 10.27
CA GLN C 39 -10.21 -8.05 10.07
C GLN C 39 -8.99 -8.74 10.66
N THR C 40 -8.13 -9.26 9.78
CA THR C 40 -6.85 -9.76 10.24
C THR C 40 -6.07 -8.62 10.88
N PRO C 41 -5.30 -8.87 11.94
CA PRO C 41 -4.53 -7.78 12.57
C PRO C 41 -3.64 -7.02 11.61
N GLU C 42 -3.30 -7.61 10.45
CA GLU C 42 -2.58 -6.92 9.38
C GLU C 42 -3.45 -5.92 8.64
N LYS C 43 -4.67 -5.70 9.14
CA LYS C 43 -5.62 -4.75 8.55
C LYS C 43 -5.92 -5.10 7.09
N ARG C 44 -6.49 -6.28 6.92
CA ARG C 44 -7.13 -6.70 5.68
C ARG C 44 -8.43 -7.37 6.05
N LEU C 45 -9.46 -7.12 5.26
CA LEU C 45 -10.79 -7.64 5.56
C LEU C 45 -11.04 -8.91 4.76
N GLU C 46 -11.81 -9.82 5.35
CA GLU C 46 -12.09 -11.11 4.74
C GLU C 46 -13.45 -11.59 5.24
N LEU C 47 -14.23 -12.20 4.35
CA LEU C 47 -15.53 -12.71 4.72
C LEU C 47 -15.40 -14.07 5.38
N VAL C 48 -16.01 -14.21 6.55
CA VAL C 48 -15.94 -15.45 7.33
C VAL C 48 -17.16 -16.33 7.13
N ALA C 49 -18.36 -15.76 7.12
CA ALA C 49 -19.53 -16.62 6.94
C ALA C 49 -20.77 -15.79 6.72
N VAL C 50 -21.76 -16.37 6.05
CA VAL C 50 -23.05 -15.71 5.83
C VAL C 50 -24.18 -16.71 6.02
N ILE C 51 -25.34 -16.20 6.40
CA ILE C 51 -26.50 -17.06 6.61
C ILE C 51 -27.77 -16.39 6.08
N ASN C 52 -28.65 -17.24 5.54
CA ASN C 52 -29.93 -16.92 4.92
C ASN C 52 -30.88 -16.25 5.90
N SER C 53 -32.08 -15.88 5.42
CA SER C 53 -33.14 -15.40 6.30
C SER C 53 -33.45 -16.39 7.42
N ASN C 54 -33.41 -17.69 7.16
CA ASN C 54 -33.46 -18.60 8.30
C ASN C 54 -32.79 -19.90 7.88
N GLY C 55 -31.47 -19.91 8.00
CA GLY C 55 -30.65 -21.09 8.06
C GLY C 55 -30.60 -21.90 6.78
N GLY C 56 -31.48 -21.61 5.82
CA GLY C 56 -31.56 -22.37 4.59
C GLY C 56 -30.26 -22.49 3.82
N ASN C 57 -29.31 -21.58 4.07
CA ASN C 57 -27.97 -21.70 3.51
C ASN C 57 -26.98 -21.13 4.51
N THR C 58 -26.09 -21.99 5.01
CA THR C 58 -24.94 -21.57 5.80
C THR C 58 -23.73 -21.61 4.87
N TYR C 59 -23.17 -20.44 4.58
CA TYR C 59 -21.98 -20.37 3.74
C TYR C 59 -20.77 -20.01 4.58
N TYR C 60 -19.68 -20.72 4.31
CA TYR C 60 -18.35 -20.42 4.80
C TYR C 60 -17.39 -20.54 3.63
N PRO C 61 -16.39 -19.67 3.54
CA PRO C 61 -15.28 -19.95 2.63
C PRO C 61 -14.55 -21.18 3.12
N ASP C 62 -13.89 -21.87 2.19
CA ASP C 62 -13.19 -23.09 2.55
C ASP C 62 -12.11 -22.86 3.60
N ASN C 63 -11.81 -21.61 3.94
CA ASN C 63 -10.80 -21.31 4.94
C ASN C 63 -11.25 -21.68 6.34
N VAL C 64 -12.56 -21.56 6.63
CA VAL C 64 -13.06 -21.87 7.96
C VAL C 64 -14.26 -22.82 7.84
N LYS C 65 -14.51 -23.35 6.65
CA LYS C 65 -15.58 -24.32 6.49
C LYS C 65 -15.31 -25.54 7.37
N GLY C 66 -16.33 -25.97 8.10
CA GLY C 66 -16.17 -27.00 9.10
C GLY C 66 -15.62 -26.42 10.39
N ARG C 67 -14.64 -25.52 10.26
CA ARG C 67 -14.04 -24.89 11.42
C ARG C 67 -15.04 -24.03 12.18
N PHE C 68 -15.94 -23.36 11.47
CA PHE C 68 -16.87 -22.40 12.05
C PHE C 68 -18.32 -22.84 11.79
N THR C 69 -19.25 -22.18 12.47
CA THR C 69 -20.67 -22.42 12.23
C THR C 69 -21.50 -21.23 12.70
N ILE C 70 -22.47 -20.81 11.86
CA ILE C 70 -23.37 -19.70 12.16
C ILE C 70 -24.71 -20.25 12.67
N SER C 71 -25.31 -19.52 13.59
CA SER C 71 -26.68 -19.75 14.02
C SER C 71 -27.45 -18.44 14.11
N ARG C 72 -28.77 -18.54 13.95
CA ARG C 72 -29.70 -17.41 14.07
C ARG C 72 -30.75 -17.72 15.12
N ASP C 73 -31.16 -16.70 15.88
CA ASP C 73 -32.38 -16.81 16.68
C ASP C 73 -33.31 -15.72 16.18
N ASN C 74 -34.32 -16.13 15.40
CA ASN C 74 -35.30 -15.25 14.76
C ASN C 74 -36.36 -14.74 15.73
N ALA C 75 -36.48 -15.32 16.91
CA ALA C 75 -37.39 -14.82 17.93
C ALA C 75 -36.70 -13.93 18.95
N GLU C 76 -35.53 -14.33 19.42
CA GLU C 76 -34.76 -13.57 20.39
C GLU C 76 -33.76 -12.63 19.74
N ASN C 77 -33.80 -12.51 18.41
CA ASN C 77 -32.98 -11.56 17.66
C ASN C 77 -31.51 -11.67 18.03
N THR C 78 -30.92 -12.84 17.77
CA THR C 78 -29.51 -12.99 18.10
C THR C 78 -28.75 -13.53 16.89
N LEU C 79 -27.60 -12.92 16.61
CA LEU C 79 -26.66 -13.48 15.64
C LEU C 79 -25.60 -14.27 16.39
N TYR C 80 -25.30 -15.47 15.91
CA TYR C 80 -24.45 -16.37 16.66
C TYR C 80 -23.44 -17.02 15.74
N LEU C 81 -22.23 -17.23 16.25
CA LEU C 81 -21.20 -17.94 15.50
C LEU C 81 -20.27 -18.64 16.49
N GLN C 82 -20.16 -19.96 16.35
CA GLN C 82 -19.16 -20.72 17.12
C GLN C 82 -17.98 -21.07 16.22
N MET C 83 -16.78 -20.80 16.71
CA MET C 83 -15.55 -21.17 16.06
C MET C 83 -14.90 -22.31 16.84
N SER C 84 -14.43 -23.33 16.12
CA SER C 84 -13.94 -24.54 16.78
C SER C 84 -12.84 -25.16 15.93
N SER C 85 -12.05 -26.04 16.57
CA SER C 85 -10.85 -26.60 15.96
C SER C 85 -9.95 -25.48 15.43
N LEU C 86 -9.69 -24.51 16.29
CA LEU C 86 -9.10 -23.24 15.88
C LEU C 86 -7.62 -23.39 15.55
N LYS C 87 -7.15 -22.46 14.73
CA LYS C 87 -5.73 -22.30 14.40
C LYS C 87 -5.30 -20.90 14.78
N SER C 88 -3.99 -20.71 14.86
CA SER C 88 -3.44 -19.37 15.08
C SER C 88 -3.86 -18.40 13.99
N GLU C 89 -4.27 -18.92 12.83
CA GLU C 89 -4.70 -18.08 11.73
C GLU C 89 -5.96 -17.29 12.05
N ASP C 90 -6.76 -17.75 13.01
CA ASP C 90 -8.08 -17.19 13.27
C ASP C 90 -8.04 -15.99 14.21
N THR C 91 -6.86 -15.54 14.64
CA THR C 91 -6.76 -14.34 15.45
C THR C 91 -7.15 -13.12 14.62
N ALA C 92 -8.13 -12.37 15.08
CA ALA C 92 -8.63 -11.24 14.29
C ALA C 92 -9.65 -10.46 15.10
N LEU C 93 -10.04 -9.31 14.55
CA LEU C 93 -11.21 -8.58 15.02
C LEU C 93 -12.41 -9.03 14.19
N TYR C 94 -13.46 -9.50 14.86
CA TYR C 94 -14.60 -10.08 14.17
C TYR C 94 -15.77 -9.11 14.21
N TYR C 95 -16.39 -8.89 13.05
CA TYR C 95 -17.54 -8.01 12.93
C TYR C 95 -18.77 -8.78 12.49
N CYS C 96 -19.91 -8.31 12.97
CA CYS C 96 -21.22 -8.68 12.46
C CYS C 96 -21.68 -7.60 11.48
N ALA C 97 -22.21 -8.04 10.34
CA ALA C 97 -22.73 -7.11 9.34
C ALA C 97 -23.98 -7.74 8.74
N ARG C 98 -24.65 -7.00 7.87
CA ARG C 98 -25.98 -7.50 7.61
C ARG C 98 -26.53 -6.86 6.33
N ARG C 99 -27.42 -7.61 5.65
CA ARG C 99 -28.43 -7.20 4.66
C ARG C 99 -27.98 -6.43 3.42
N ASP C 100 -28.65 -6.73 2.32
CA ASP C 100 -28.90 -5.79 1.26
C ASP C 100 -30.34 -5.91 0.77
N TYR C 101 -31.17 -6.77 1.42
CA TYR C 101 -32.56 -7.00 1.02
C TYR C 101 -32.67 -7.33 -0.47
N ASP C 102 -32.31 -8.56 -0.80
CA ASP C 102 -32.52 -9.16 -2.13
C ASP C 102 -31.68 -8.52 -3.26
N GLY C 103 -30.43 -8.12 -3.03
CA GLY C 103 -29.76 -7.90 -1.76
C GLY C 103 -28.58 -8.76 -1.32
N PHE C 104 -27.37 -8.39 -1.75
CA PHE C 104 -26.14 -9.12 -1.41
C PHE C 104 -25.24 -8.36 -0.45
N ALA C 105 -24.98 -7.08 -0.72
CA ALA C 105 -23.95 -6.33 -0.02
C ALA C 105 -24.18 -6.31 1.48
N MET C 106 -23.16 -5.86 2.22
CA MET C 106 -23.24 -5.74 3.67
C MET C 106 -23.59 -4.30 4.02
N ASP C 107 -24.87 -4.07 4.30
CA ASP C 107 -25.41 -2.76 4.63
C ASP C 107 -24.81 -2.13 5.87
N TYR C 108 -25.16 -2.67 7.04
CA TYR C 108 -24.83 -2.07 8.31
C TYR C 108 -23.91 -3.01 9.09
N TRP C 109 -23.03 -2.42 9.89
CA TRP C 109 -21.95 -3.15 10.53
C TRP C 109 -21.98 -2.94 12.04
N GLY C 110 -21.50 -3.94 12.76
CA GLY C 110 -21.27 -3.83 14.18
C GLY C 110 -19.95 -3.14 14.47
N GLN C 111 -19.53 -3.24 15.72
CA GLN C 111 -18.33 -2.56 16.18
C GLN C 111 -17.14 -3.48 16.33
N GLY C 112 -17.36 -4.78 16.42
CA GLY C 112 -16.27 -5.74 16.44
C GLY C 112 -15.84 -6.19 17.82
N THR C 113 -15.60 -7.48 17.98
CA THR C 113 -15.02 -8.02 19.21
C THR C 113 -13.75 -8.77 18.86
N SER C 114 -12.79 -8.76 19.79
CA SER C 114 -11.46 -9.27 19.52
C SER C 114 -11.36 -10.74 19.89
N VAL C 115 -10.85 -11.55 18.95
CA VAL C 115 -10.56 -12.96 19.17
C VAL C 115 -9.06 -13.14 19.04
N THR C 116 -8.43 -13.60 20.11
CA THR C 116 -7.00 -13.89 20.12
C THR C 116 -6.81 -15.39 20.33
N VAL C 117 -6.17 -16.02 19.34
CA VAL C 117 -5.95 -17.46 19.34
C VAL C 117 -4.48 -17.68 19.73
N SER C 118 -4.28 -18.16 20.96
CA SER C 118 -2.95 -18.51 21.44
C SER C 118 -3.13 -19.35 22.69
N SER C 119 -2.02 -19.95 23.15
CA SER C 119 -2.02 -20.74 24.36
C SER C 119 -1.84 -19.92 25.63
N ALA C 120 -1.59 -18.62 25.50
CA ALA C 120 -1.13 -17.82 26.63
C ALA C 120 -2.21 -17.67 27.69
N LYS C 121 -1.79 -17.32 28.90
CA LYS C 121 -2.64 -17.21 30.05
C LYS C 121 -3.07 -15.75 30.27
N THR C 122 -4.27 -15.58 30.80
CA THR C 122 -4.80 -14.24 31.04
C THR C 122 -4.03 -13.55 32.16
N THR C 123 -3.68 -12.28 31.93
CA THR C 123 -3.04 -11.48 32.96
C THR C 123 -3.50 -10.03 32.85
N PRO C 124 -4.06 -9.47 33.91
CA PRO C 124 -4.49 -8.08 33.87
C PRO C 124 -3.31 -7.14 33.89
N PRO C 125 -3.49 -5.88 33.53
CA PRO C 125 -2.38 -4.92 33.58
C PRO C 125 -2.22 -4.30 34.95
N SER C 126 -1.04 -3.73 35.16
CA SER C 126 -0.83 -2.81 36.27
C SER C 126 -0.92 -1.39 35.75
N VAL C 127 -1.57 -0.52 36.51
CA VAL C 127 -1.81 0.86 36.10
C VAL C 127 -1.00 1.78 37.02
N TYR C 128 -0.03 2.46 36.43
CA TYR C 128 0.83 3.40 37.13
C TYR C 128 0.49 4.82 36.68
N PRO C 129 0.00 5.69 37.56
CA PRO C 129 -0.31 7.06 37.14
C PRO C 129 0.95 7.84 36.81
N LEU C 130 0.77 8.93 36.04
CA LEU C 130 1.90 9.72 35.56
C LEU C 130 1.60 11.20 35.70
N ALA C 131 2.48 11.90 36.41
CA ALA C 131 2.51 13.35 36.51
C ALA C 131 3.90 13.84 36.18
N PRO C 132 4.02 15.04 35.60
CA PRO C 132 5.35 15.55 35.24
C PRO C 132 6.27 15.67 36.43
N GLY C 133 7.57 15.58 36.18
CA GLY C 133 8.57 15.68 37.22
C GLY C 133 8.70 17.11 37.74
N THR C 138 4.66 26.96 33.94
CA THR C 138 3.32 26.62 33.44
C THR C 138 3.38 25.28 32.69
N ASN C 139 2.30 24.49 32.56
CA ASN C 139 0.86 24.72 32.85
C ASN C 139 0.21 25.60 31.77
N SER C 140 0.62 25.41 30.51
CA SER C 140 0.02 26.13 29.39
C SER C 140 -0.19 25.25 28.15
N MET C 141 -1.06 24.24 28.24
CA MET C 141 -1.74 23.82 29.46
C MET C 141 -1.16 22.47 29.87
N VAL C 142 -1.74 21.81 30.90
CA VAL C 142 -1.00 20.77 31.61
C VAL C 142 -1.26 19.41 30.99
N THR C 143 -0.21 18.58 31.00
CA THR C 143 -0.25 17.19 30.51
C THR C 143 -0.09 16.23 31.68
N LEU C 144 -0.97 15.23 31.73
CA LEU C 144 -0.98 14.16 32.73
C LEU C 144 -1.11 12.83 32.00
N GLY C 145 -0.99 11.72 32.73
CA GLY C 145 -1.05 10.47 31.98
C GLY C 145 -1.23 9.25 32.84
N CYS C 146 -1.27 8.11 32.15
CA CYS C 146 -1.51 6.80 32.74
C CYS C 146 -0.71 5.76 31.97
N LEU C 147 -0.01 4.89 32.68
CA LEU C 147 0.74 3.81 32.06
C LEU C 147 0.06 2.48 32.41
N VAL C 148 -0.23 1.68 31.40
CA VAL C 148 -0.94 0.42 31.57
C VAL C 148 -0.02 -0.66 31.04
N LYS C 149 0.63 -1.38 31.95
CA LYS C 149 1.79 -2.20 31.59
C LYS C 149 1.56 -3.67 31.96
N GLY C 150 2.03 -4.56 31.08
CA GLY C 150 2.21 -5.95 31.46
C GLY C 150 0.94 -6.77 31.46
N TYR C 151 0.20 -6.77 30.35
CA TYR C 151 -1.07 -7.45 30.29
C TYR C 151 -1.20 -8.25 29.00
N PHE C 152 -2.18 -9.12 28.99
CA PHE C 152 -2.57 -9.99 27.89
C PHE C 152 -3.92 -10.58 28.24
N PRO C 153 -4.82 -10.80 27.26
CA PRO C 153 -4.71 -10.45 25.84
C PRO C 153 -5.33 -9.09 25.52
N GLU C 154 -5.29 -8.71 24.26
CA GLU C 154 -6.12 -7.60 23.81
C GLU C 154 -7.59 -8.00 23.89
N PRO C 155 -8.49 -7.03 24.10
CA PRO C 155 -8.27 -5.59 24.23
C PRO C 155 -8.21 -5.09 25.66
N VAL C 156 -7.83 -3.82 25.82
CA VAL C 156 -7.94 -3.10 27.08
C VAL C 156 -8.59 -1.75 26.77
N THR C 157 -9.30 -1.21 27.76
CA THR C 157 -10.10 -0.01 27.59
C THR C 157 -9.61 1.07 28.55
N VAL C 158 -9.36 2.26 28.03
CA VAL C 158 -8.91 3.39 28.84
C VAL C 158 -9.92 4.51 28.69
N THR C 159 -10.48 4.94 29.81
CA THR C 159 -11.31 6.13 29.89
C THR C 159 -10.82 6.93 31.10
N TRP C 160 -11.49 8.07 31.39
CA TRP C 160 -11.00 9.13 32.28
C TRP C 160 -12.14 9.89 32.96
N ASN C 161 -12.17 9.93 34.33
CA ASN C 161 -13.13 10.66 35.13
C ASN C 161 -14.55 10.22 34.78
N SER C 162 -14.70 8.89 34.67
CA SER C 162 -15.91 8.21 34.22
C SER C 162 -16.43 8.74 32.87
N GLY C 163 -15.52 9.18 32.01
CA GLY C 163 -15.92 9.60 30.68
C GLY C 163 -16.57 10.95 30.59
N SER C 164 -16.74 11.67 31.70
CA SER C 164 -17.19 13.04 31.62
C SER C 164 -16.21 13.95 30.89
N LEU C 165 -14.93 13.50 30.83
CA LEU C 165 -13.72 14.14 30.28
C LEU C 165 -13.49 13.60 28.87
N SER C 166 -13.96 14.32 27.86
CA SER C 166 -14.01 13.65 26.56
C SER C 166 -13.58 14.59 25.43
N SER C 167 -12.42 15.23 25.61
CA SER C 167 -11.94 16.12 24.55
C SER C 167 -10.51 15.78 24.15
N GLY C 168 -9.52 16.41 24.79
CA GLY C 168 -8.14 16.24 24.40
C GLY C 168 -7.50 14.96 24.92
N VAL C 169 -7.73 13.85 24.22
CA VAL C 169 -7.30 12.53 24.66
C VAL C 169 -6.37 11.96 23.59
N HIS C 170 -5.24 11.39 24.01
CA HIS C 170 -4.42 10.59 23.12
C HIS C 170 -4.17 9.23 23.77
N THR C 171 -4.85 8.20 23.30
CA THR C 171 -4.71 6.84 23.81
C THR C 171 -3.95 6.02 22.79
N PHE C 172 -2.96 5.25 23.25
CA PHE C 172 -2.04 4.66 22.30
C PHE C 172 -2.30 3.17 22.12
N PRO C 173 -1.98 2.64 20.93
CA PRO C 173 -1.98 1.18 20.77
C PRO C 173 -0.86 0.55 21.58
N ALA C 174 -1.13 -0.63 22.12
CA ALA C 174 -0.11 -1.36 22.84
C ALA C 174 0.85 -2.04 21.87
N VAL C 175 2.01 -2.44 22.39
CA VAL C 175 3.01 -3.14 21.61
C VAL C 175 3.39 -4.42 22.35
N LEU C 176 3.83 -5.42 21.58
CA LEU C 176 4.20 -6.72 22.14
C LEU C 176 5.67 -6.66 22.54
N GLN C 177 5.92 -6.41 23.83
CA GLN C 177 7.29 -6.37 24.32
C GLN C 177 7.87 -7.77 24.47
N SER C 178 7.08 -8.71 24.98
CA SER C 178 7.53 -10.08 25.21
C SER C 178 6.34 -11.03 25.23
N ASP C 179 5.87 -11.37 26.42
CA ASP C 179 4.59 -12.06 26.57
C ASP C 179 3.43 -11.08 26.70
N LEU C 180 3.73 -9.81 27.00
CA LEU C 180 2.73 -8.87 27.49
C LEU C 180 2.66 -7.65 26.57
N TYR C 181 1.51 -6.98 26.62
CA TYR C 181 1.33 -5.71 25.98
C TYR C 181 1.52 -4.58 26.99
N THR C 182 1.95 -3.42 26.49
CA THR C 182 2.13 -2.24 27.31
C THR C 182 1.69 -1.03 26.50
N LEU C 183 0.84 -0.19 27.10
CA LEU C 183 0.35 1.00 26.44
C LEU C 183 0.33 2.15 27.45
N SER C 184 -0.05 3.33 26.96
CA SER C 184 -0.13 4.51 27.79
C SER C 184 -1.24 5.41 27.25
N SER C 185 -1.68 6.34 28.08
CA SER C 185 -2.77 7.24 27.77
C SER C 185 -2.43 8.63 28.28
N SER C 186 -2.53 9.62 27.40
CA SER C 186 -2.12 10.98 27.71
C SER C 186 -3.32 11.92 27.69
N VAL C 187 -3.35 12.82 28.67
CA VAL C 187 -4.43 13.77 28.89
C VAL C 187 -3.83 15.16 28.90
N THR C 188 -4.43 16.08 28.14
CA THR C 188 -4.03 17.47 28.19
C THR C 188 -5.26 18.31 28.55
N VAL C 189 -5.14 19.10 29.61
CA VAL C 189 -6.29 19.87 30.10
C VAL C 189 -5.86 21.28 30.43
N PRO C 190 -6.81 22.22 30.38
CA PRO C 190 -6.56 23.56 30.91
C PRO C 190 -6.12 23.48 32.38
N SER C 191 -5.03 24.17 32.69
CA SER C 191 -4.40 24.07 34.00
C SER C 191 -5.19 24.78 35.09
N SER C 192 -6.27 25.48 34.74
CA SER C 192 -7.08 26.17 35.72
C SER C 192 -7.79 25.18 36.64
N THR C 193 -7.62 23.88 36.37
CA THR C 193 -8.31 22.86 37.14
C THR C 193 -7.45 21.69 37.63
N TRP C 194 -6.27 21.50 37.08
CA TRP C 194 -5.44 20.41 37.56
C TRP C 194 -5.26 20.45 39.08
N PRO C 195 -4.80 21.54 39.70
CA PRO C 195 -4.65 21.57 41.16
C PRO C 195 -5.95 21.68 41.93
N SER C 196 -7.11 21.71 41.26
CA SER C 196 -8.38 21.77 41.96
C SER C 196 -9.22 20.53 41.67
N GLU C 197 -9.88 20.50 40.53
CA GLU C 197 -10.71 19.36 40.11
C GLU C 197 -9.78 18.25 39.65
N THR C 198 -9.36 17.40 40.59
CA THR C 198 -8.26 16.49 40.33
C THR C 198 -8.68 15.37 39.38
N VAL C 199 -7.74 14.94 38.54
CA VAL C 199 -7.99 13.99 37.46
C VAL C 199 -7.63 12.59 37.93
N THR C 200 -8.49 11.62 37.63
CA THR C 200 -8.21 10.20 37.82
C THR C 200 -8.46 9.48 36.51
N CYS C 201 -7.92 8.27 36.40
CA CYS C 201 -8.03 7.46 35.20
C CYS C 201 -8.73 6.14 35.50
N ASN C 202 -9.49 5.66 34.53
CA ASN C 202 -10.29 4.44 34.65
C ASN C 202 -9.87 3.46 33.56
N VAL C 203 -9.46 2.27 33.96
CA VAL C 203 -9.00 1.25 33.02
C VAL C 203 -9.85 0.01 33.21
N ALA C 204 -10.05 -0.73 32.13
CA ALA C 204 -10.81 -1.97 32.19
C ALA C 204 -10.16 -3.00 31.29
N HIS C 205 -10.07 -4.24 31.76
CA HIS C 205 -9.55 -5.34 30.95
C HIS C 205 -10.59 -6.45 31.03
N PRO C 206 -11.50 -6.52 30.06
CA PRO C 206 -12.58 -7.51 30.12
C PRO C 206 -12.08 -8.95 30.10
N ALA C 207 -10.88 -9.19 29.56
CA ALA C 207 -10.34 -10.55 29.53
C ALA C 207 -10.14 -11.09 30.94
N SER C 208 -9.47 -10.33 31.79
CA SER C 208 -9.44 -10.63 33.21
C SER C 208 -10.69 -10.14 33.94
N SER C 209 -11.64 -9.57 33.21
CA SER C 209 -12.85 -8.96 33.77
C SER C 209 -12.52 -8.09 34.98
N THR C 210 -11.71 -7.07 34.72
CA THR C 210 -11.19 -6.22 35.78
C THR C 210 -11.45 -4.75 35.45
N LYS C 211 -11.60 -3.95 36.52
CA LYS C 211 -11.68 -2.51 36.43
C LYS C 211 -10.72 -1.89 37.44
N VAL C 212 -10.06 -0.81 37.04
CA VAL C 212 -8.96 -0.20 37.77
C VAL C 212 -9.18 1.31 37.79
N ASP C 213 -8.78 1.94 38.90
CA ASP C 213 -9.01 3.37 39.11
C ASP C 213 -7.83 3.97 39.88
N LYS C 214 -7.16 4.96 39.30
CA LYS C 214 -6.01 5.59 39.98
C LYS C 214 -5.96 7.09 39.71
N LYS C 215 -5.43 7.83 40.67
CA LYS C 215 -5.43 9.28 40.66
C LYS C 215 -4.01 9.81 40.47
N ILE C 216 -3.90 11.11 40.22
CA ILE C 216 -2.63 11.69 39.76
C ILE C 216 -2.10 12.68 40.79
N VAL C 217 -0.82 12.52 41.14
CA VAL C 217 -0.05 13.44 42.00
C VAL C 217 1.39 13.47 41.50
N PRO C 218 2.06 14.64 41.63
CA PRO C 218 3.47 14.71 41.20
C PRO C 218 4.35 13.56 41.68
N ARG C 219 5.10 13.72 42.79
CA ARG C 219 6.31 12.89 43.00
C ARG C 219 6.84 12.75 44.45
N ASP C 220 6.05 13.01 45.52
CA ASP C 220 5.24 14.19 45.53
C ASP C 220 6.06 15.41 45.07
N CYS C 221 5.93 16.44 45.88
CA CYS C 221 5.43 17.77 45.36
C CYS C 221 5.64 18.21 43.89
N ASP D 1 -13.14 -17.93 -9.10
CA ASP D 1 -12.71 -17.14 -7.95
C ASP D 1 -12.04 -15.85 -8.43
N ILE D 2 -12.40 -14.74 -7.79
CA ILE D 2 -12.15 -13.40 -8.32
C ILE D 2 -11.13 -12.69 -7.44
N GLN D 3 -10.22 -11.94 -8.08
CA GLN D 3 -9.17 -11.19 -7.43
C GLN D 3 -9.49 -9.70 -7.47
N LEU D 4 -8.84 -8.94 -6.57
CA LEU D 4 -9.05 -7.50 -6.49
C LEU D 4 -7.72 -6.78 -6.32
N THR D 5 -7.52 -5.73 -7.10
CA THR D 5 -6.32 -4.91 -7.09
C THR D 5 -6.73 -3.47 -6.79
N GLN D 6 -6.45 -3.01 -5.58
CA GLN D 6 -6.71 -1.62 -5.19
C GLN D 6 -5.50 -0.76 -5.53
N SER D 7 -5.77 0.43 -6.07
CA SER D 7 -4.71 1.31 -6.53
C SER D 7 -5.18 2.77 -6.45
N PRO D 8 -4.39 3.66 -5.84
CA PRO D 8 -3.13 3.38 -5.14
C PRO D 8 -3.38 2.79 -3.75
N ALA D 9 -2.30 2.40 -3.05
CA ALA D 9 -2.43 1.85 -1.71
C ALA D 9 -2.43 2.93 -0.63
N SER D 10 -1.96 4.14 -0.93
CA SER D 10 -1.98 5.24 0.03
C SER D 10 -1.70 6.52 -0.74
N LEU D 11 -2.28 7.62 -0.25
CA LEU D 11 -2.16 8.91 -0.92
C LEU D 11 -2.37 10.03 0.08
N ALA D 12 -1.96 11.24 -0.33
CA ALA D 12 -2.15 12.44 0.46
C ALA D 12 -2.78 13.51 -0.42
N VAL D 13 -3.83 14.15 0.09
CA VAL D 13 -4.57 15.14 -0.67
C VAL D 13 -4.74 16.41 0.17
N SER D 14 -4.72 17.55 -0.49
CA SER D 14 -5.02 18.80 0.19
C SER D 14 -6.50 18.87 0.51
N LEU D 15 -6.84 19.64 1.54
CA LEU D 15 -8.22 19.79 1.95
C LEU D 15 -8.97 20.64 0.94
N GLY D 16 -10.10 20.13 0.47
CA GLY D 16 -10.84 20.74 -0.61
C GLY D 16 -10.54 20.17 -1.97
N GLN D 17 -9.47 19.43 -2.14
CA GLN D 17 -9.25 18.90 -3.46
C GLN D 17 -9.91 17.53 -3.59
N ARG D 18 -9.92 17.06 -4.82
CA ARG D 18 -10.44 15.73 -5.10
C ARG D 18 -9.46 14.68 -4.59
N ALA D 19 -10.01 13.50 -4.36
CA ALA D 19 -9.25 12.30 -4.05
C ALA D 19 -9.88 11.10 -4.75
N THR D 20 -9.03 10.20 -5.25
CA THR D 20 -9.49 9.10 -6.09
C THR D 20 -8.81 7.80 -5.68
N ILE D 21 -9.62 6.79 -5.37
CA ILE D 21 -9.20 5.41 -5.22
C ILE D 21 -9.81 4.63 -6.36
N SER D 22 -9.16 3.55 -6.79
CA SER D 22 -9.77 2.70 -7.81
C SER D 22 -9.38 1.26 -7.57
N CYS D 23 -9.98 0.38 -8.35
CA CYS D 23 -9.76 -1.05 -8.17
C CYS D 23 -10.10 -1.78 -9.47
N ARG D 24 -9.36 -2.85 -9.70
CA ARG D 24 -9.51 -3.71 -10.86
C ARG D 24 -9.78 -5.13 -10.41
N ALA D 25 -10.56 -5.86 -11.20
CA ALA D 25 -10.93 -7.22 -10.88
C ALA D 25 -10.52 -8.15 -12.01
N SER D 26 -10.30 -9.42 -11.67
CA SER D 26 -9.90 -10.41 -12.67
C SER D 26 -11.00 -10.64 -13.70
N GLN D 27 -12.26 -10.43 -13.33
CA GLN D 27 -13.39 -10.74 -14.19
C GLN D 27 -14.32 -9.55 -14.30
N SER D 28 -15.15 -9.59 -15.34
CA SER D 28 -16.31 -8.73 -15.40
C SER D 28 -17.24 -9.04 -14.23
N VAL D 29 -17.62 -8.00 -13.50
CA VAL D 29 -18.48 -8.17 -12.34
C VAL D 29 -19.78 -7.41 -12.57
N SER D 30 -20.21 -7.31 -13.83
CA SER D 30 -21.42 -6.56 -14.15
C SER D 30 -22.12 -7.23 -15.33
N THR D 31 -23.42 -6.95 -15.44
CA THR D 31 -24.23 -7.38 -16.56
C THR D 31 -24.46 -6.20 -17.49
N SER D 32 -25.13 -6.45 -18.61
CA SER D 32 -25.54 -5.37 -19.48
C SER D 32 -26.76 -4.64 -18.95
N ARG D 33 -27.25 -5.00 -17.77
CA ARG D 33 -28.39 -4.35 -17.14
C ARG D 33 -28.07 -3.67 -15.82
N TYR D 34 -27.02 -4.09 -15.12
CA TYR D 34 -26.68 -3.51 -13.83
C TYR D 34 -25.28 -3.98 -13.45
N SER D 35 -24.76 -3.39 -12.38
CA SER D 35 -23.37 -3.57 -11.97
C SER D 35 -23.28 -3.71 -10.45
N TYR D 36 -22.30 -4.49 -9.97
CA TYR D 36 -22.34 -5.10 -8.65
C TYR D 36 -21.02 -4.89 -7.87
N MET D 37 -20.91 -3.75 -7.19
CA MET D 37 -19.75 -3.47 -6.36
C MET D 37 -20.21 -2.77 -5.08
N HIS D 38 -19.29 -2.60 -4.13
CA HIS D 38 -19.57 -1.71 -3.00
C HIS D 38 -18.28 -1.28 -2.32
N TRP D 39 -18.36 -0.12 -1.66
CA TRP D 39 -17.22 0.52 -1.01
C TRP D 39 -17.45 0.67 0.49
N TYR D 40 -16.35 0.64 1.24
CA TYR D 40 -16.40 0.82 2.69
C TYR D 40 -15.22 1.67 3.16
N GLN D 41 -15.37 2.23 4.37
CA GLN D 41 -14.39 3.13 4.96
C GLN D 41 -14.11 2.73 6.42
N HIS D 42 -12.91 3.11 6.88
CA HIS D 42 -12.35 2.70 8.16
C HIS D 42 -11.62 3.88 8.79
N LYS D 43 -12.16 4.40 9.87
CA LYS D 43 -11.39 5.24 10.77
C LYS D 43 -10.79 4.37 11.86
N PRO D 44 -9.92 4.90 12.73
CA PRO D 44 -9.35 4.04 13.77
C PRO D 44 -10.39 3.60 14.78
N GLY D 45 -10.32 2.32 15.15
CA GLY D 45 -11.27 1.75 16.11
C GLY D 45 -12.71 1.97 15.73
N GLN D 46 -13.05 1.58 14.51
CA GLN D 46 -14.22 2.00 13.78
C GLN D 46 -15.08 0.81 13.38
N PRO D 47 -16.41 0.94 13.47
CA PRO D 47 -17.26 0.06 12.66
C PRO D 47 -17.16 0.43 11.19
N PRO D 48 -16.72 -0.51 10.35
CA PRO D 48 -16.66 -0.22 8.91
C PRO D 48 -18.02 0.19 8.39
N LYS D 49 -18.09 1.34 7.73
CA LYS D 49 -19.35 1.86 7.25
C LYS D 49 -19.42 1.82 5.73
N LEU D 50 -20.59 1.44 5.23
CA LEU D 50 -20.83 1.43 3.79
C LEU D 50 -20.79 2.84 3.22
N LEU D 51 -19.99 3.03 2.18
CA LEU D 51 -19.88 4.29 1.47
C LEU D 51 -20.64 4.28 0.15
N ILE D 52 -20.43 3.25 -0.67
CA ILE D 52 -21.07 3.16 -1.98
C ILE D 52 -21.80 1.83 -2.08
N LYS D 53 -23.04 1.89 -2.55
CA LYS D 53 -24.04 0.83 -2.44
C LYS D 53 -23.88 -0.24 -3.52
N TYR D 54 -24.04 0.15 -4.79
CA TYR D 54 -24.02 -0.81 -5.89
C TYR D 54 -22.88 -0.57 -6.87
N ALA D 55 -22.66 0.67 -7.31
CA ALA D 55 -21.62 0.99 -8.27
C ALA D 55 -21.41 2.49 -8.33
N SER D 56 -22.51 3.24 -8.28
CA SER D 56 -22.51 4.69 -8.30
C SER D 56 -23.70 5.16 -7.47
N ASN D 57 -23.73 4.76 -6.20
CA ASN D 57 -24.93 4.90 -5.37
C ASN D 57 -24.52 5.38 -3.98
N LEU D 58 -24.96 6.59 -3.64
CA LEU D 58 -24.63 7.19 -2.36
C LEU D 58 -25.52 6.61 -1.26
N GLU D 59 -24.89 6.14 -0.19
CA GLU D 59 -25.64 5.48 0.87
C GLU D 59 -26.53 6.45 1.63
N SER D 60 -27.66 5.94 2.10
CA SER D 60 -28.62 6.71 2.91
C SER D 60 -27.97 7.01 4.26
N GLY D 61 -27.12 8.03 4.27
CA GLY D 61 -26.50 8.47 5.51
C GLY D 61 -25.05 8.89 5.40
N VAL D 62 -24.50 8.90 4.19
CA VAL D 62 -23.13 9.36 3.97
C VAL D 62 -23.20 10.65 3.14
N PRO D 63 -22.26 11.58 3.33
CA PRO D 63 -22.38 12.89 2.70
C PRO D 63 -22.27 12.81 1.18
N ALA D 64 -22.85 13.83 0.51
CA ALA D 64 -22.80 13.93 -0.94
C ALA D 64 -21.39 14.06 -1.48
N ARG D 65 -20.39 14.31 -0.61
CA ARG D 65 -19.02 14.44 -1.07
C ARG D 65 -18.52 13.21 -1.81
N PHE D 66 -19.11 12.05 -1.54
CA PHE D 66 -18.64 10.79 -2.09
C PHE D 66 -19.44 10.43 -3.34
N SER D 67 -18.75 9.82 -4.31
CA SER D 67 -19.42 9.33 -5.50
C SER D 67 -18.58 8.24 -6.14
N GLY D 68 -19.24 7.17 -6.59
CA GLY D 68 -18.57 6.08 -7.26
C GLY D 68 -18.82 6.11 -8.77
N SER D 69 -18.04 5.30 -9.47
CA SER D 69 -18.18 5.19 -10.93
C SER D 69 -17.51 3.91 -11.38
N GLY D 70 -17.95 3.42 -12.54
CA GLY D 70 -17.28 2.31 -13.20
C GLY D 70 -18.24 1.20 -13.59
N SER D 71 -17.65 0.19 -14.21
CA SER D 71 -18.39 -0.97 -14.71
C SER D 71 -17.36 -2.01 -15.14
N GLY D 72 -17.82 -3.09 -15.76
CA GLY D 72 -16.92 -4.13 -16.23
C GLY D 72 -15.91 -4.60 -15.21
N THR D 73 -14.70 -4.02 -15.27
CA THR D 73 -13.62 -4.38 -14.37
C THR D 73 -12.92 -3.16 -13.75
N ASP D 74 -13.34 -1.98 -14.08
CA ASP D 74 -12.64 -0.87 -13.48
C ASP D 74 -13.68 -0.07 -12.73
N PHE D 75 -13.46 0.00 -11.42
CA PHE D 75 -14.30 0.77 -10.51
C PHE D 75 -13.52 1.79 -9.70
N THR D 76 -14.18 2.92 -9.40
CA THR D 76 -13.56 4.13 -8.89
C THR D 76 -14.39 4.72 -7.76
N LEU D 77 -13.71 5.15 -6.70
CA LEU D 77 -14.27 5.86 -5.56
C LEU D 77 -13.69 7.27 -5.56
N ASN D 78 -14.58 8.28 -5.60
CA ASN D 78 -14.20 9.67 -5.69
C ASN D 78 -14.70 10.42 -4.47
N ILE D 79 -13.85 11.30 -3.95
CA ILE D 79 -14.18 12.16 -2.83
C ILE D 79 -13.90 13.59 -3.26
N HIS D 80 -14.96 14.38 -3.41
CA HIS D 80 -14.86 15.82 -3.63
C HIS D 80 -15.88 16.55 -2.78
N PRO D 81 -15.49 17.62 -2.04
CA PRO D 81 -14.10 17.99 -1.71
C PRO D 81 -13.68 17.23 -0.50
N VAL D 82 -12.38 17.04 -0.26
CA VAL D 82 -11.97 16.13 0.80
C VAL D 82 -11.96 16.87 2.13
N GLU D 83 -12.44 16.19 3.17
CA GLU D 83 -12.50 16.74 4.51
C GLU D 83 -11.48 16.06 5.41
N GLU D 84 -11.20 16.64 6.57
CA GLU D 84 -10.42 15.84 7.50
C GLU D 84 -11.29 14.78 8.15
N GLU D 85 -12.61 14.97 8.14
CA GLU D 85 -13.51 13.94 8.66
C GLU D 85 -13.39 12.62 7.91
N ASP D 86 -12.66 12.60 6.79
CA ASP D 86 -12.62 11.44 5.90
C ASP D 86 -11.32 10.65 6.03
N THR D 87 -10.49 10.96 7.02
CA THR D 87 -9.22 10.29 7.24
C THR D 87 -9.43 8.80 7.44
N ALA D 88 -8.92 7.96 6.52
CA ALA D 88 -9.46 6.61 6.62
C ALA D 88 -8.75 5.63 5.70
N THR D 89 -8.76 4.37 6.10
CA THR D 89 -8.53 3.28 5.16
C THR D 89 -9.83 3.01 4.41
N TYR D 90 -9.71 2.49 3.20
CA TYR D 90 -10.86 2.25 2.35
C TYR D 90 -10.73 0.88 1.70
N TYR D 91 -11.87 0.19 1.61
CA TYR D 91 -11.91 -1.18 1.16
C TYR D 91 -12.93 -1.35 0.04
N CYS D 92 -12.55 -2.18 -0.93
CA CYS D 92 -13.29 -2.40 -2.16
C CYS D 92 -13.86 -3.81 -2.14
N GLN D 93 -15.10 -3.96 -2.61
CA GLN D 93 -15.76 -5.25 -2.52
C GLN D 93 -16.61 -5.53 -3.75
N HIS D 94 -16.70 -6.81 -4.08
CA HIS D 94 -17.58 -7.32 -5.12
C HIS D 94 -18.48 -8.38 -4.52
N SER D 95 -19.62 -8.61 -5.18
CA SER D 95 -20.59 -9.60 -4.73
C SER D 95 -21.09 -10.40 -5.93
N TRP D 96 -20.17 -10.97 -6.71
CA TRP D 96 -20.56 -11.74 -7.87
C TRP D 96 -20.45 -13.24 -7.63
N GLU D 97 -19.23 -13.76 -7.57
CA GLU D 97 -19.09 -15.18 -7.29
C GLU D 97 -19.30 -15.43 -5.80
N ASN D 98 -19.43 -16.70 -5.43
CA ASN D 98 -19.72 -17.04 -4.03
C ASN D 98 -18.70 -16.51 -3.04
N PRO D 99 -17.37 -16.54 -3.30
CA PRO D 99 -16.47 -15.92 -2.33
C PRO D 99 -16.43 -14.41 -2.50
N TYR D 100 -17.36 -13.72 -1.82
CA TYR D 100 -17.28 -12.27 -1.74
C TYR D 100 -15.95 -11.90 -1.09
N THR D 101 -15.22 -10.98 -1.73
CA THR D 101 -13.89 -10.62 -1.26
C THR D 101 -13.78 -9.13 -1.04
N PHE D 102 -12.68 -8.74 -0.42
CA PHE D 102 -12.29 -7.36 -0.21
C PHE D 102 -10.97 -7.11 -0.91
N GLY D 103 -10.70 -5.84 -1.19
CA GLY D 103 -9.39 -5.46 -1.67
C GLY D 103 -8.35 -5.53 -0.56
N GLY D 104 -7.10 -5.30 -0.96
CA GLY D 104 -6.03 -5.23 0.04
C GLY D 104 -6.14 -4.04 0.97
N GLY D 105 -6.84 -3.00 0.55
CA GLY D 105 -7.01 -1.80 1.34
C GLY D 105 -6.18 -0.64 0.80
N THR D 106 -6.64 0.57 1.10
CA THR D 106 -5.89 1.75 0.69
C THR D 106 -6.04 2.84 1.75
N LYS D 107 -4.96 3.58 2.01
CA LYS D 107 -4.96 4.57 3.08
C LYS D 107 -5.12 5.98 2.54
N LEU D 108 -5.91 6.79 3.25
CA LEU D 108 -6.08 8.21 2.97
C LEU D 108 -5.60 8.98 4.20
N GLU D 109 -4.47 9.67 4.01
CA GLU D 109 -3.78 10.50 5.00
C GLU D 109 -3.81 11.93 4.48
N ILE D 110 -4.37 12.84 5.27
CA ILE D 110 -4.67 14.18 4.77
C ILE D 110 -3.43 15.06 4.80
N LYS D 111 -3.28 15.88 3.75
CA LYS D 111 -2.21 16.85 3.67
C LYS D 111 -2.44 17.97 4.68
N ARG D 112 -1.43 18.28 5.48
CA ARG D 112 -1.58 19.18 6.62
C ARG D 112 -0.31 20.00 6.81
N ALA D 113 -0.50 21.23 7.29
CA ALA D 113 0.62 22.12 7.54
C ALA D 113 1.42 21.66 8.76
N ASP D 114 2.61 22.24 8.92
CA ASP D 114 3.53 21.82 9.97
C ASP D 114 2.93 22.06 11.36
N ALA D 115 3.22 21.15 12.28
CA ALA D 115 2.76 21.25 13.65
C ALA D 115 3.75 20.54 14.57
N ALA D 116 4.23 21.26 15.58
CA ALA D 116 5.22 20.74 16.51
C ALA D 116 4.54 19.96 17.64
N PRO D 117 5.23 18.98 18.22
CA PRO D 117 4.60 18.14 19.24
C PRO D 117 4.59 18.80 20.62
N THR D 118 3.65 18.36 21.44
CA THR D 118 3.62 18.71 22.86
C THR D 118 4.44 17.66 23.58
N VAL D 119 5.67 18.01 23.96
CA VAL D 119 6.58 17.09 24.61
C VAL D 119 6.34 17.14 26.12
N SER D 120 6.08 15.98 26.71
CA SER D 120 5.88 15.88 28.15
C SER D 120 6.62 14.66 28.67
N ILE D 121 7.57 14.88 29.57
CA ILE D 121 8.38 13.82 30.16
C ILE D 121 7.79 13.44 31.51
N PHE D 122 7.76 12.14 31.80
CA PHE D 122 7.15 11.63 33.02
C PHE D 122 8.12 10.67 33.68
N PRO D 123 8.49 10.93 34.94
CA PRO D 123 9.21 9.95 35.74
C PRO D 123 8.31 8.78 36.06
N PRO D 124 8.87 7.66 36.52
CA PRO D 124 8.02 6.54 36.94
C PRO D 124 7.16 6.92 38.13
N SER D 125 6.07 6.19 38.30
CA SER D 125 5.13 6.49 39.38
C SER D 125 5.72 6.05 40.71
N SER D 126 5.14 6.60 41.79
CA SER D 126 5.51 6.18 43.14
C SER D 126 5.00 4.78 43.47
N GLU D 127 4.24 4.17 42.58
CA GLU D 127 3.67 2.84 42.80
C GLU D 127 4.23 1.79 41.85
N GLN D 128 5.00 2.20 40.85
CA GLN D 128 5.54 1.25 39.87
C GLN D 128 6.70 0.43 40.46
N LEU D 129 7.67 1.11 41.07
CA LEU D 129 8.81 0.41 41.64
C LEU D 129 8.46 -0.40 42.88
N THR D 130 7.20 -0.41 43.30
CA THR D 130 6.77 -1.31 44.36
C THR D 130 6.81 -2.77 43.93
N SER D 131 7.02 -3.05 42.65
CA SER D 131 7.21 -4.41 42.15
C SER D 131 8.62 -4.67 41.65
N GLY D 132 9.34 -3.64 41.20
CA GLY D 132 10.72 -3.81 40.79
C GLY D 132 11.09 -3.16 39.47
N GLY D 133 10.08 -2.87 38.64
CA GLY D 133 10.31 -2.25 37.35
C GLY D 133 9.97 -0.77 37.35
N ALA D 134 10.43 -0.09 36.29
CA ALA D 134 10.31 1.35 36.19
C ALA D 134 10.37 1.74 34.72
N SER D 135 9.91 2.94 34.43
CA SER D 135 9.90 3.43 33.06
C SER D 135 9.86 4.95 33.08
N VAL D 136 10.51 5.55 32.09
CA VAL D 136 10.38 6.97 31.82
C VAL D 136 9.56 7.11 30.55
N VAL D 137 8.47 7.87 30.61
CA VAL D 137 7.53 7.94 29.50
C VAL D 137 7.57 9.34 28.91
N CYS D 138 7.83 9.43 27.61
CA CYS D 138 7.70 10.68 26.88
C CYS D 138 6.47 10.61 26.00
N PHE D 139 5.62 11.63 26.12
CA PHE D 139 4.50 11.82 25.21
C PHE D 139 4.87 12.93 24.23
N LEU D 140 4.83 12.61 22.95
CA LEU D 140 4.90 13.62 21.90
C LEU D 140 3.48 13.63 21.31
N ASN D 141 2.66 14.53 21.84
CA ASN D 141 1.22 14.33 21.87
C ASN D 141 0.49 14.75 20.60
N ASN D 142 1.09 15.60 19.76
CA ASN D 142 0.35 16.13 18.62
C ASN D 142 1.27 16.81 17.63
N PHE D 143 1.51 16.20 16.47
CA PHE D 143 2.47 16.74 15.52
C PHE D 143 2.14 16.31 14.10
N TYR D 144 2.72 17.06 13.14
CA TYR D 144 2.81 16.72 11.74
C TYR D 144 4.00 17.50 11.20
N PRO D 145 4.80 16.94 10.26
CA PRO D 145 4.77 15.69 9.50
C PRO D 145 4.77 14.38 10.31
N LYS D 146 4.45 13.29 9.62
CA LYS D 146 4.53 11.97 10.22
C LYS D 146 5.94 11.69 10.74
N ASP D 147 6.94 11.77 9.87
CA ASP D 147 8.17 11.03 10.18
C ASP D 147 9.08 11.83 11.09
N ILE D 148 8.87 11.61 12.42
CA ILE D 148 9.70 12.00 13.54
C ILE D 148 10.58 10.90 14.08
N ASN D 149 11.51 11.34 14.92
CA ASN D 149 12.64 10.43 15.23
C ASN D 149 13.00 10.81 16.66
N VAL D 150 12.95 9.89 17.64
CA VAL D 150 13.08 10.24 19.05
C VAL D 150 14.15 9.40 19.71
N LYS D 151 14.85 9.97 20.71
CA LYS D 151 15.94 9.26 21.39
C LYS D 151 15.99 9.64 22.87
N TRP D 152 16.29 8.64 23.69
CA TRP D 152 16.46 8.80 25.13
C TRP D 152 17.94 8.89 25.49
N LYS D 153 18.25 9.71 26.48
CA LYS D 153 19.62 9.85 26.98
C LYS D 153 19.64 9.74 28.49
N ILE D 154 20.43 8.80 29.00
CA ILE D 154 20.62 8.61 30.44
C ILE D 154 21.96 9.22 30.81
N ASP D 155 21.94 10.19 31.73
CA ASP D 155 23.11 10.97 32.13
C ASP D 155 23.79 11.65 30.94
N GLY D 156 23.08 11.80 29.83
CA GLY D 156 23.60 12.49 28.66
C GLY D 156 24.10 11.58 27.55
N SER D 157 24.18 10.28 27.78
CA SER D 157 24.68 9.34 26.79
C SER D 157 23.53 8.53 26.20
N GLU D 158 23.83 7.82 25.12
CA GLU D 158 22.80 7.12 24.36
C GLU D 158 22.41 5.80 25.03
N ARG D 159 21.12 5.48 24.94
CA ARG D 159 20.64 4.14 25.28
C ARG D 159 19.33 3.92 24.54
N GLN D 160 19.33 2.97 23.61
CA GLN D 160 18.13 2.60 22.87
C GLN D 160 17.77 1.14 23.06
N ASN D 161 18.39 0.44 24.02
CA ASN D 161 18.23 -1.01 24.10
C ASN D 161 16.81 -1.42 24.47
N GLY D 162 16.14 -0.66 25.35
CA GLY D 162 14.86 -1.10 25.86
C GLY D 162 13.70 -0.15 25.68
N VAL D 163 13.61 0.49 24.52
CA VAL D 163 12.60 1.50 24.24
C VAL D 163 11.46 0.87 23.46
N LEU D 164 10.22 1.13 23.90
CA LEU D 164 9.02 0.74 23.18
C LEU D 164 8.38 1.99 22.60
N ASN D 165 8.25 2.04 21.28
CA ASN D 165 7.72 3.22 20.59
C ASN D 165 6.42 2.83 19.91
N SER D 166 5.32 3.47 20.33
CA SER D 166 4.01 3.22 19.75
C SER D 166 3.48 4.48 19.09
N TRP D 167 2.71 4.28 18.03
CA TRP D 167 2.25 5.35 17.16
C TRP D 167 0.74 5.30 17.03
N THR D 168 0.11 6.47 16.99
CA THR D 168 -1.26 6.57 16.52
C THR D 168 -1.25 6.99 15.06
N ASP D 169 -2.26 6.56 14.32
CA ASP D 169 -2.42 7.11 12.98
C ASP D 169 -3.19 8.42 13.08
N GLN D 170 -3.38 9.05 11.91
CA GLN D 170 -3.85 10.42 11.83
C GLN D 170 -5.15 10.64 12.60
N ASP D 171 -5.13 11.61 13.51
CA ASP D 171 -6.31 11.96 14.28
C ASP D 171 -7.22 12.84 13.42
N SER D 172 -8.48 12.41 13.30
CA SER D 172 -9.38 12.99 12.30
C SER D 172 -9.88 14.39 12.65
N LYS D 173 -9.68 14.85 13.88
CA LYS D 173 -10.00 16.23 14.21
C LYS D 173 -8.81 17.17 14.04
N ASP D 174 -7.59 16.65 14.10
CA ASP D 174 -6.38 17.45 14.02
C ASP D 174 -5.68 17.35 12.67
N SER D 175 -5.83 16.23 11.98
CA SER D 175 -4.98 15.87 10.84
C SER D 175 -3.51 15.82 11.27
N THR D 176 -3.27 15.29 12.47
CA THR D 176 -1.92 15.16 13.01
C THR D 176 -1.75 13.79 13.65
N TYR D 177 -0.51 13.50 14.05
CA TYR D 177 -0.12 12.21 14.62
C TYR D 177 0.38 12.40 16.04
N SER D 178 0.67 11.28 16.71
CA SER D 178 1.14 11.31 18.09
C SER D 178 1.92 10.04 18.41
N MET D 179 2.84 10.16 19.37
CA MET D 179 3.80 9.12 19.69
C MET D 179 3.98 8.93 21.19
N SER D 180 4.07 7.66 21.60
CA SER D 180 4.36 7.26 22.97
C SER D 180 5.71 6.55 23.01
N SER D 181 6.66 7.12 23.76
CA SER D 181 7.98 6.54 23.91
C SER D 181 8.14 6.07 25.36
N THR D 182 8.29 4.75 25.54
CA THR D 182 8.36 4.14 26.86
C THR D 182 9.75 3.55 27.04
N LEU D 183 10.58 4.19 27.86
CA LEU D 183 11.91 3.68 28.18
C LEU D 183 11.79 2.82 29.43
N THR D 184 11.88 1.51 29.27
CA THR D 184 11.64 0.55 30.33
C THR D 184 12.95 0.00 30.87
N LEU D 185 13.04 -0.09 32.19
CA LEU D 185 14.26 -0.53 32.87
C LEU D 185 13.87 -0.84 34.31
N THR D 186 14.79 -1.43 35.06
CA THR D 186 14.43 -1.88 36.40
C THR D 186 15.02 -0.95 37.47
N LYS D 187 14.78 -1.34 38.73
CA LYS D 187 15.31 -0.57 39.85
C LYS D 187 16.83 -0.51 39.81
N ASP D 188 17.48 -1.60 39.43
CA ASP D 188 18.94 -1.72 39.54
C ASP D 188 19.64 -0.65 38.72
N GLU D 189 19.24 -0.50 37.45
CA GLU D 189 19.90 0.44 36.56
C GLU D 189 19.42 1.87 36.80
N TYR D 190 18.12 2.03 37.09
CA TYR D 190 17.58 3.35 37.42
C TYR D 190 18.28 3.96 38.62
N GLU D 191 18.56 3.16 39.66
CA GLU D 191 19.19 3.72 40.85
C GLU D 191 20.55 4.33 40.58
N ARG D 192 21.15 4.05 39.44
CA ARG D 192 22.55 4.37 39.18
C ARG D 192 22.74 5.58 38.27
N HIS D 193 21.69 6.34 37.99
CA HIS D 193 21.81 7.55 37.19
C HIS D 193 20.88 8.61 37.75
N ASN D 194 21.03 9.84 37.26
CA ASN D 194 20.28 10.96 37.82
C ASN D 194 19.49 11.75 36.78
N SER D 195 20.03 11.90 35.57
CA SER D 195 19.42 12.74 34.55
C SER D 195 18.82 11.87 33.45
N TYR D 196 17.52 12.01 33.23
CA TYR D 196 16.85 11.32 32.14
C TYR D 196 16.30 12.38 31.19
N THR D 197 16.86 12.41 29.98
CA THR D 197 16.55 13.42 28.98
C THR D 197 15.93 12.75 27.76
N CYS D 198 15.02 13.46 27.10
CA CYS D 198 14.41 12.97 25.87
C CYS D 198 14.58 14.04 24.81
N GLU D 199 15.23 13.67 23.71
CA GLU D 199 15.42 14.53 22.56
C GLU D 199 14.58 14.01 21.40
N ALA D 200 14.09 14.95 20.59
CA ALA D 200 13.29 14.57 19.42
C ALA D 200 13.70 15.39 18.20
N THR D 201 13.85 14.67 17.08
CA THR D 201 14.11 15.22 15.76
C THR D 201 12.80 15.33 14.98
N HIS D 202 12.54 16.55 14.52
CA HIS D 202 11.34 16.96 13.81
C HIS D 202 11.75 18.00 12.76
N LYS D 203 10.92 18.12 11.72
CA LYS D 203 11.05 19.16 10.70
C LYS D 203 10.93 20.57 11.27
N THR D 204 10.51 20.71 12.53
CA THR D 204 10.16 22.02 13.08
C THR D 204 11.40 22.85 13.37
N SER D 205 12.45 22.24 13.91
CA SER D 205 13.64 22.99 14.31
C SER D 205 14.90 22.19 13.99
N THR D 206 15.94 22.90 13.58
CA THR D 206 17.26 22.28 13.43
C THR D 206 17.70 21.63 14.73
N SER D 207 17.29 22.19 15.86
CA SER D 207 17.57 21.66 17.18
C SER D 207 16.53 20.60 17.54
N PRO D 208 16.94 19.59 18.32
CA PRO D 208 15.95 18.66 18.86
C PRO D 208 15.15 19.33 19.96
N ILE D 209 13.88 18.97 20.05
CA ILE D 209 13.07 19.40 21.19
C ILE D 209 13.38 18.47 22.35
N VAL D 210 13.71 19.06 23.50
CA VAL D 210 14.28 18.33 24.63
C VAL D 210 13.51 18.68 25.90
N LYS D 211 13.19 17.66 26.68
CA LYS D 211 12.81 17.85 28.08
C LYS D 211 13.39 16.72 28.90
N SER D 212 13.71 17.01 30.17
CA SER D 212 14.44 16.08 30.99
C SER D 212 14.03 16.25 32.44
N PHE D 213 14.54 15.36 33.29
CA PHE D 213 14.42 15.59 34.73
C PHE D 213 15.59 14.95 35.47
N ASN D 214 15.95 15.59 36.58
CA ASN D 214 16.94 15.14 37.54
C ASN D 214 16.28 14.25 38.58
N ARG D 215 17.12 13.63 39.41
CA ARG D 215 16.63 12.73 40.45
C ARG D 215 17.30 13.03 41.79
N ASP E 1 86.55 -0.18 25.42
CA ASP E 1 85.67 -0.18 24.26
C ASP E 1 84.49 0.76 24.48
N PRO E 2 84.05 1.45 23.42
CA PRO E 2 82.83 2.26 23.53
C PRO E 2 81.60 1.37 23.63
N LYS E 3 80.75 1.67 24.61
CA LYS E 3 79.47 1.00 24.73
C LYS E 3 78.58 1.40 23.55
N ILE E 4 77.92 0.42 22.93
CA ILE E 4 77.23 0.63 21.67
C ILE E 4 75.74 0.77 21.94
N VAL E 5 75.14 1.80 21.36
CA VAL E 5 73.73 2.13 21.58
C VAL E 5 72.92 1.66 20.37
N ASN E 6 71.82 0.97 20.63
CA ASN E 6 70.95 0.50 19.57
C ASN E 6 69.77 1.46 19.39
N ILE E 7 69.59 1.90 18.15
CA ILE E 7 68.52 2.81 17.75
C ILE E 7 67.77 2.13 16.61
N GLY E 8 66.44 1.99 16.77
CA GLY E 8 65.66 1.20 15.85
C GLY E 8 64.60 2.03 15.13
N ALA E 9 64.08 1.45 14.05
CA ALA E 9 63.07 2.10 13.25
C ALA E 9 62.15 1.08 12.61
N VAL E 10 60.89 1.48 12.47
CA VAL E 10 59.85 0.76 11.73
C VAL E 10 59.39 1.73 10.66
N LEU E 11 59.86 1.53 9.43
CA LEU E 11 59.69 2.52 8.37
C LEU E 11 58.83 1.95 7.25
N SER E 12 58.73 2.70 6.15
CA SER E 12 57.87 2.31 5.04
C SER E 12 58.56 1.27 4.15
N THR E 13 59.60 1.68 3.44
CA THR E 13 60.18 0.86 2.38
C THR E 13 61.65 0.56 2.66
N LYS E 14 62.20 -0.28 1.78
CA LYS E 14 63.60 -0.69 1.83
C LYS E 14 64.53 0.54 1.67
N LYS E 15 64.08 1.53 0.87
CA LYS E 15 64.78 2.79 0.69
C LYS E 15 64.96 3.52 2.01
N HIS E 16 63.90 3.61 2.80
CA HIS E 16 63.98 4.33 4.06
C HIS E 16 64.78 3.56 5.10
N GLU E 17 64.80 2.23 5.02
CA GLU E 17 65.79 1.46 5.77
C GLU E 17 67.17 2.04 5.55
N GLN E 18 67.55 2.21 4.28
CA GLN E 18 68.90 2.72 4.00
C GLN E 18 69.06 4.17 4.46
N ILE E 19 68.04 5.01 4.28
CA ILE E 19 68.14 6.39 4.74
C ILE E 19 68.39 6.45 6.25
N PHE E 20 67.73 5.57 7.01
CA PHE E 20 67.90 5.54 8.46
C PHE E 20 69.29 5.06 8.85
N ARG E 21 69.72 3.92 8.27
CA ARG E 21 71.08 3.45 8.48
C ARG E 21 72.07 4.59 8.26
N GLU E 22 71.85 5.33 7.18
CA GLU E 22 72.74 6.43 6.79
C GLU E 22 72.80 7.50 7.87
N ALA E 23 71.62 8.08 8.18
CA ALA E 23 71.55 9.16 9.14
C ALA E 23 72.13 8.76 10.48
N VAL E 24 71.98 7.49 10.86
CA VAL E 24 72.55 7.04 12.13
C VAL E 24 74.07 7.06 12.07
N ASN E 25 74.65 6.52 10.99
CA ASN E 25 76.11 6.56 10.88
C ASN E 25 76.64 7.99 10.86
N GLN E 26 75.89 8.91 10.26
CA GLN E 26 76.31 10.32 10.27
C GLN E 26 76.20 10.92 11.67
N ALA E 27 75.16 10.52 12.41
CA ALA E 27 74.99 10.97 13.79
C ALA E 27 76.17 10.55 14.65
N ASN E 28 76.83 9.43 14.31
CA ASN E 28 78.11 9.14 14.97
C ASN E 28 79.18 10.19 14.66
N LYS E 29 79.05 10.89 13.54
CA LYS E 29 80.08 11.79 13.05
C LYS E 29 79.75 13.25 13.29
N ARG E 30 79.77 13.67 14.53
CA ARG E 30 80.61 14.87 14.60
C ARG E 30 81.75 14.83 15.56
N HIS E 31 81.68 15.78 16.49
CA HIS E 31 82.64 15.93 17.56
C HIS E 31 82.91 14.54 18.08
N PHE E 32 82.08 13.96 18.94
CA PHE E 32 82.91 12.93 19.56
C PHE E 32 82.13 11.93 20.37
N THR E 33 82.88 10.76 20.57
CA THR E 33 82.57 9.51 21.31
C THR E 33 83.48 9.16 22.51
N ARG E 34 83.06 9.38 23.76
CA ARG E 34 83.91 8.92 24.88
C ARG E 34 83.70 7.43 25.19
N LYS E 35 82.45 6.96 25.20
CA LYS E 35 82.14 5.55 25.39
C LYS E 35 80.91 5.09 24.62
N ILE E 36 80.43 5.84 23.62
CA ILE E 36 79.08 5.64 23.08
C ILE E 36 79.11 5.66 21.55
N GLN E 37 78.51 4.63 20.94
CA GLN E 37 78.42 4.41 19.50
C GLN E 37 76.96 4.19 19.12
N LEU E 38 76.61 4.57 17.89
CA LEU E 38 75.24 4.49 17.39
C LEU E 38 75.14 3.41 16.33
N GLN E 39 74.28 2.42 16.55
CA GLN E 39 74.08 1.30 15.65
C GLN E 39 72.63 1.27 15.18
N ALA E 40 72.43 1.05 13.89
CA ALA E 40 71.11 1.15 13.26
C ALA E 40 70.55 -0.24 12.97
N THR E 41 69.38 -0.53 13.54
CA THR E 41 68.62 -1.73 13.24
C THR E 41 67.23 -1.32 12.77
N SER E 42 66.83 -1.77 11.59
CA SER E 42 65.63 -1.24 10.96
C SER E 42 64.80 -2.36 10.32
N VAL E 43 63.48 -2.21 10.41
CA VAL E 43 62.51 -3.09 9.77
C VAL E 43 61.42 -2.23 9.14
N THR E 44 60.54 -2.88 8.38
CA THR E 44 59.42 -2.21 7.74
C THR E 44 58.10 -2.74 8.30
N HIS E 45 57.02 -2.08 7.91
CA HIS E 45 55.70 -2.36 8.45
C HIS E 45 55.29 -3.81 8.20
N ARG E 46 54.50 -4.35 9.12
CA ARG E 46 53.98 -5.71 9.06
C ARG E 46 52.46 -5.68 8.87
N PRO E 47 51.86 -6.78 8.35
CA PRO E 47 50.43 -6.74 7.98
C PRO E 47 49.48 -6.32 9.10
N ASN E 48 49.17 -7.23 10.01
CA ASN E 48 48.23 -6.93 11.09
C ASN E 48 48.97 -6.57 12.37
N ALA E 49 48.22 -5.97 13.31
CA ALA E 49 48.83 -5.38 14.50
C ALA E 49 49.57 -6.41 15.35
N ILE E 50 49.11 -7.67 15.32
CA ILE E 50 49.78 -8.72 16.09
C ILE E 50 51.21 -8.92 15.60
N GLN E 51 51.38 -9.10 14.29
CA GLN E 51 52.72 -9.23 13.74
C GLN E 51 53.53 -7.97 13.95
N MET E 52 52.89 -6.81 13.93
CA MET E 52 53.60 -5.57 14.22
C MET E 52 54.22 -5.61 15.61
N ALA E 53 53.40 -5.90 16.63
CA ALA E 53 53.90 -5.96 18.01
C ALA E 53 54.99 -7.02 18.16
N LEU E 54 54.71 -8.25 17.70
CA LEU E 54 55.68 -9.33 17.87
C LEU E 54 56.96 -9.05 17.09
N SER E 55 56.87 -8.38 15.94
CA SER E 55 58.06 -8.06 15.16
C SER E 55 58.91 -7.01 15.84
N VAL E 56 58.29 -6.07 16.56
CA VAL E 56 59.09 -5.14 17.34
C VAL E 56 59.81 -5.87 18.47
N CYS E 57 59.14 -6.85 19.10
CA CYS E 57 59.82 -7.65 20.12
C CYS E 57 60.96 -8.47 19.51
N GLU E 58 60.76 -8.98 18.30
CA GLU E 58 61.70 -9.92 17.69
C GLU E 58 62.90 -9.21 17.06
N ASP E 59 62.70 -8.01 16.54
CA ASP E 59 63.71 -7.29 15.77
C ASP E 59 64.40 -6.20 16.57
N LEU E 60 63.62 -5.47 17.38
CA LEU E 60 64.11 -4.26 18.03
C LEU E 60 64.27 -4.42 19.54
N ILE E 61 63.21 -4.83 20.25
CA ILE E 61 63.38 -5.14 21.68
C ILE E 61 64.45 -6.21 21.85
N SER E 62 64.52 -7.16 20.92
CA SER E 62 65.50 -8.23 20.97
C SER E 62 66.93 -7.71 21.02
N SER E 63 67.16 -6.46 20.64
CA SER E 63 68.53 -5.94 20.56
C SER E 63 68.69 -4.65 21.36
N GLN E 64 67.89 -4.49 22.42
CA GLN E 64 68.06 -3.40 23.39
C GLN E 64 67.89 -2.02 22.76
N VAL E 65 66.79 -1.82 22.04
CA VAL E 65 66.54 -0.52 21.44
C VAL E 65 66.25 0.50 22.52
N TYR E 66 66.84 1.69 22.37
CA TYR E 66 66.49 2.80 23.23
C TYR E 66 65.28 3.57 22.72
N ALA E 67 65.07 3.57 21.40
CA ALA E 67 63.97 4.30 20.79
C ALA E 67 63.68 3.70 19.43
N ILE E 68 62.44 3.89 18.99
CA ILE E 68 61.94 3.42 17.71
C ILE E 68 61.37 4.60 16.95
N LEU E 69 61.73 4.71 15.67
CA LEU E 69 61.10 5.66 14.76
C LEU E 69 60.01 4.94 13.99
N VAL E 70 58.84 5.57 13.84
CA VAL E 70 57.73 4.94 13.14
C VAL E 70 57.15 5.92 12.14
N SER E 71 56.98 5.45 10.90
CA SER E 71 56.43 6.25 9.82
C SER E 71 55.09 5.67 9.37
N HIS E 72 54.52 6.27 8.33
CA HIS E 72 53.28 5.75 7.74
C HIS E 72 53.62 4.76 6.65
N PRO E 73 53.01 3.58 6.64
CA PRO E 73 53.39 2.52 5.70
C PRO E 73 53.06 2.90 4.27
N PRO E 74 53.48 2.10 3.27
CA PRO E 74 53.08 2.35 1.89
C PRO E 74 51.62 2.04 1.63
N LEU E 80 46.77 0.13 8.83
CA LEU E 80 47.31 0.06 10.19
C LEU E 80 48.30 1.18 10.48
N THR E 81 48.00 1.98 11.48
CA THR E 81 48.82 3.08 11.96
C THR E 81 49.61 2.65 13.19
N PRO E 82 50.64 3.44 13.61
CA PRO E 82 51.63 2.94 14.58
C PRO E 82 51.15 2.28 15.86
N THR E 83 49.84 2.31 16.19
CA THR E 83 49.34 1.90 17.50
C THR E 83 49.97 0.63 18.08
N PRO E 84 49.99 -0.52 17.39
CA PRO E 84 50.50 -1.74 18.03
C PRO E 84 51.94 -1.61 18.51
N ILE E 85 52.75 -0.78 17.86
CA ILE E 85 54.11 -0.53 18.35
C ILE E 85 54.06 0.22 19.68
N SER E 86 53.30 1.32 19.72
CA SER E 86 53.07 2.03 20.98
C SER E 86 52.66 1.05 22.06
N TYR E 87 51.52 0.38 21.83
CA TYR E 87 50.97 -0.60 22.77
C TYR E 87 51.99 -1.64 23.24
N THR E 88 53.08 -1.84 22.50
CA THR E 88 54.15 -2.70 22.95
C THR E 88 55.30 -1.93 23.59
N ALA E 89 55.86 -0.95 22.86
CA ALA E 89 56.98 -0.22 23.44
C ALA E 89 56.53 0.63 24.61
N GLY E 90 55.29 1.12 24.56
CA GLY E 90 54.72 1.79 25.72
C GLY E 90 54.72 0.90 26.96
N PHE E 91 54.54 -0.41 26.77
CA PHE E 91 54.64 -1.32 27.91
C PHE E 91 55.98 -1.17 28.61
N TYR E 92 57.06 -1.12 27.83
CA TYR E 92 58.40 -1.01 28.41
C TYR E 92 58.78 0.43 28.64
N ARG E 93 57.86 1.37 28.42
CA ARG E 93 58.15 2.79 28.52
C ARG E 93 59.33 3.16 27.63
N ILE E 94 59.40 2.51 26.47
CA ILE E 94 60.36 2.88 25.43
C ILE E 94 59.73 3.98 24.56
N PRO E 95 60.44 5.07 24.30
CA PRO E 95 59.84 6.16 23.51
C PRO E 95 59.59 5.73 22.08
N VAL E 96 58.35 5.90 21.63
CA VAL E 96 57.98 5.73 20.23
C VAL E 96 57.83 7.11 19.60
N ILE E 97 58.54 7.32 18.50
CA ILE E 97 58.63 8.62 17.84
C ILE E 97 58.10 8.44 16.42
N GLY E 98 56.95 9.05 16.14
CA GLY E 98 56.38 9.00 14.82
C GLY E 98 56.97 10.05 13.91
N LEU E 99 56.94 9.75 12.61
CA LEU E 99 57.48 10.65 11.61
C LEU E 99 56.42 11.23 10.68
N THR E 100 55.24 10.62 10.62
CA THR E 100 54.24 11.00 9.62
C THR E 100 52.80 10.98 10.10
N THR E 101 52.42 10.13 11.05
CA THR E 101 51.02 10.04 11.46
C THR E 101 50.65 11.21 12.35
N ARG E 102 49.59 11.94 11.96
CA ARG E 102 49.21 13.18 12.60
C ARG E 102 47.90 13.09 13.36
N MET E 103 47.42 11.89 13.64
CA MET E 103 46.14 11.74 14.33
C MET E 103 46.32 12.05 15.81
N SER E 104 45.50 12.99 16.31
CA SER E 104 45.71 13.57 17.63
C SER E 104 45.56 12.56 18.75
N ILE E 105 44.86 11.44 18.50
CA ILE E 105 44.69 10.40 19.52
C ILE E 105 46.03 9.94 20.08
N TYR E 106 47.09 10.04 19.29
CA TYR E 106 48.41 9.58 19.69
C TYR E 106 49.13 10.53 20.65
N SER E 107 48.65 11.76 20.82
CA SER E 107 49.25 12.63 21.83
C SER E 107 48.80 12.29 23.23
N ASP E 108 47.65 11.63 23.37
CA ASP E 108 47.06 11.32 24.67
C ASP E 108 47.82 10.14 25.26
N LYS E 109 48.88 10.44 26.02
CA LYS E 109 49.69 9.39 26.62
C LYS E 109 48.99 8.63 27.73
N SER E 110 47.71 8.93 28.00
CA SER E 110 46.91 8.04 28.81
C SER E 110 46.73 6.70 28.10
N ILE E 111 46.58 6.73 26.78
CA ILE E 111 46.47 5.53 25.97
C ILE E 111 47.81 5.12 25.38
N HIS E 112 48.56 6.08 24.84
CA HIS E 112 49.84 5.81 24.19
C HIS E 112 50.93 6.31 25.13
N LEU E 113 51.28 5.44 26.09
CA LEU E 113 51.95 5.84 27.32
C LEU E 113 53.27 6.58 27.09
N SER E 114 53.85 6.51 25.89
CA SER E 114 55.15 7.10 25.63
C SER E 114 55.26 7.40 24.13
N PHE E 115 54.55 8.43 23.68
CA PHE E 115 54.46 8.72 22.26
C PHE E 115 54.80 10.17 21.97
N LEU E 116 55.52 10.39 20.88
CA LEU E 116 55.91 11.72 20.44
C LEU E 116 56.13 11.66 18.93
N ARG E 117 56.25 12.83 18.30
CA ARG E 117 56.37 12.82 16.84
C ARG E 117 56.89 14.16 16.32
N THR E 118 57.35 14.13 15.06
CA THR E 118 57.86 15.29 14.35
C THR E 118 56.80 15.99 13.53
N VAL E 119 55.55 15.58 13.64
CA VAL E 119 54.46 16.20 12.89
C VAL E 119 53.42 16.71 13.88
N PRO E 120 52.79 17.86 13.62
CA PRO E 120 51.71 18.30 14.49
C PRO E 120 50.49 17.45 14.28
N PRO E 121 49.65 17.28 15.30
CA PRO E 121 48.36 16.66 15.07
C PRO E 121 47.49 17.55 14.19
N TYR E 122 46.50 16.93 13.55
CA TYR E 122 45.48 17.72 12.87
C TYR E 122 44.87 18.74 13.83
N SER E 123 44.64 18.32 15.07
CA SER E 123 44.08 19.21 16.09
C SER E 123 44.94 20.45 16.31
N HIS E 124 46.24 20.37 16.04
CA HIS E 124 47.12 21.51 16.27
C HIS E 124 47.05 22.53 15.15
N GLN E 125 46.62 22.13 13.94
CA GLN E 125 46.47 23.09 12.84
C GLN E 125 45.84 24.39 13.31
N ALA E 126 44.96 24.30 14.30
CA ALA E 126 44.15 25.44 14.76
C ALA E 126 44.98 26.67 15.07
N LEU E 127 46.24 26.51 15.48
CA LEU E 127 47.00 27.71 15.83
C LEU E 127 47.02 28.69 14.67
N VAL E 128 47.28 28.20 13.45
CA VAL E 128 47.28 29.10 12.29
C VAL E 128 45.94 29.80 12.16
N TRP E 129 44.84 29.05 12.34
CA TRP E 129 43.52 29.65 12.35
C TRP E 129 43.49 30.90 13.21
N PHE E 130 43.93 30.78 14.48
CA PHE E 130 43.95 31.94 15.36
C PHE E 130 44.72 33.10 14.74
N GLU E 131 45.95 32.83 14.29
CA GLU E 131 46.80 33.93 13.83
C GLU E 131 46.13 34.68 12.68
N MET E 132 45.42 33.97 11.79
CA MET E 132 44.78 34.66 10.69
C MET E 132 43.63 35.53 11.18
N MET E 133 42.87 35.05 12.17
CA MET E 133 41.84 35.87 12.79
C MET E 133 42.42 37.15 13.36
N ARG E 134 43.69 37.12 13.78
CA ARG E 134 44.31 38.32 14.32
C ARG E 134 44.62 39.33 13.23
N LEU E 135 44.87 38.87 12.01
CA LEU E 135 45.27 39.74 10.92
C LEU E 135 44.11 40.28 10.10
N PHE E 136 42.92 39.71 10.25
CA PHE E 136 41.73 40.21 9.59
C PHE E 136 40.64 40.60 10.58
N ASN E 137 40.92 40.52 11.89
CA ASN E 137 39.99 40.89 12.95
C ASN E 137 38.71 40.07 12.88
N TRP E 138 38.88 38.75 12.87
CA TRP E 138 37.75 37.81 12.81
C TRP E 138 37.41 37.34 14.22
N ASN E 139 36.86 38.25 15.02
CA ASN E 139 36.66 37.96 16.43
C ASN E 139 35.49 37.02 16.70
N HIS E 140 34.67 36.70 15.70
CA HIS E 140 33.57 35.76 15.86
C HIS E 140 33.67 34.68 14.80
N VAL E 141 33.56 33.41 15.23
CA VAL E 141 33.68 32.26 14.34
C VAL E 141 32.62 31.22 14.68
N ILE E 142 32.28 30.42 13.69
CA ILE E 142 31.41 29.25 13.84
C ILE E 142 32.25 28.02 13.58
N LEU E 143 32.49 27.22 14.62
CA LEU E 143 33.28 26.02 14.49
C LEU E 143 32.37 24.83 14.20
N ILE E 144 32.70 24.07 13.17
CA ILE E 144 31.95 22.89 12.76
C ILE E 144 32.96 21.74 12.70
N VAL E 145 32.90 20.88 13.71
CA VAL E 145 33.78 19.72 13.80
C VAL E 145 32.96 18.47 13.57
N SER E 146 33.60 17.46 12.99
CA SER E 146 33.06 16.12 13.02
C SER E 146 33.14 15.57 14.44
N ASP E 147 32.22 14.68 14.78
CA ASP E 147 32.23 14.06 16.09
C ASP E 147 33.05 12.78 16.12
N ASP E 148 34.08 12.68 15.29
CA ASP E 148 35.14 11.71 15.53
C ASP E 148 36.18 12.36 16.44
N HIS E 149 37.03 11.52 17.04
CA HIS E 149 37.90 12.00 18.10
C HIS E 149 38.83 13.12 17.63
N GLU E 150 39.21 13.10 16.35
CA GLU E 150 40.08 14.16 15.84
C GLU E 150 39.34 15.51 15.81
N GLY E 151 38.07 15.50 15.39
CA GLY E 151 37.30 16.73 15.43
C GLY E 151 37.05 17.21 16.85
N ARG E 152 36.75 16.29 17.77
CA ARG E 152 36.59 16.64 19.17
C ARG E 152 37.85 17.31 19.72
N ALA E 153 39.02 16.76 19.37
CA ALA E 153 40.29 17.35 19.80
C ALA E 153 40.47 18.74 19.21
N ALA E 154 40.15 18.92 17.93
CA ALA E 154 40.20 20.25 17.31
C ALA E 154 39.36 21.24 18.10
N GLN E 155 38.16 20.82 18.52
CA GLN E 155 37.28 21.67 19.32
C GLN E 155 38.00 22.23 20.55
N LYS E 156 38.50 21.35 21.43
CA LYS E 156 39.17 21.83 22.65
C LYS E 156 40.35 22.73 22.29
N LYS E 157 41.24 22.24 21.42
CA LYS E 157 42.49 22.95 21.19
C LYS E 157 42.25 24.35 20.66
N LEU E 158 41.13 24.55 19.94
CA LEU E 158 40.76 25.90 19.56
C LEU E 158 40.21 26.70 20.73
N GLU E 159 39.23 26.14 21.45
CA GLU E 159 38.59 26.95 22.49
C GLU E 159 39.57 27.37 23.59
N THR E 160 40.70 26.69 23.72
CA THR E 160 41.71 27.17 24.67
C THR E 160 42.30 28.51 24.25
N LEU E 161 42.56 28.70 22.95
CA LEU E 161 43.28 29.87 22.45
C LEU E 161 42.46 31.15 22.44
N LEU E 162 41.15 31.08 22.70
CA LEU E 162 40.27 32.22 22.58
C LEU E 162 39.92 32.83 23.94
N GLU E 163 40.84 32.73 24.89
CA GLU E 163 40.56 33.01 26.28
C GLU E 163 41.58 33.98 26.87
N GLY E 187 40.15 36.97 24.22
CA GLY E 187 40.08 37.94 23.14
C GLY E 187 38.95 37.64 22.18
N PRO E 188 39.29 37.18 20.97
CA PRO E 188 38.25 36.63 20.08
C PRO E 188 37.63 35.39 20.68
N LYS E 189 36.52 34.96 20.10
CA LYS E 189 35.80 33.84 20.69
C LYS E 189 35.04 33.09 19.60
N ALA E 190 34.67 31.86 19.95
CA ALA E 190 33.75 31.10 19.11
C ALA E 190 32.34 31.65 19.27
N ASP E 191 31.70 32.00 18.16
CA ASP E 191 30.28 32.34 18.22
C ASP E 191 29.45 31.12 18.60
N LYS E 192 29.56 30.06 17.80
CA LYS E 192 28.90 28.79 18.08
C LYS E 192 29.80 27.64 17.65
N VAL E 193 29.44 26.44 18.10
CA VAL E 193 30.09 25.21 17.67
C VAL E 193 29.02 24.20 17.30
N LEU E 194 29.14 23.62 16.11
CA LEU E 194 28.22 22.58 15.64
C LEU E 194 28.94 21.25 15.61
N GLN E 195 28.30 20.22 16.15
CA GLN E 195 28.88 18.88 16.21
C GLN E 195 28.18 17.98 15.20
N PHE E 196 28.97 17.33 14.37
CA PHE E 196 28.52 16.66 13.15
C PHE E 196 29.05 15.23 13.14
N GLU E 197 28.16 14.26 13.25
CA GLU E 197 28.64 12.88 13.30
C GLU E 197 28.98 12.40 11.89
N PRO E 198 30.15 11.80 11.68
CA PRO E 198 30.52 11.31 10.35
C PRO E 198 29.53 10.29 9.80
N GLY E 199 29.70 10.00 8.51
CA GLY E 199 28.81 9.10 7.81
C GLY E 199 27.53 9.72 7.31
N THR E 200 27.08 10.82 7.93
CA THR E 200 25.88 11.50 7.47
C THR E 200 26.13 12.13 6.10
N LYS E 201 25.18 11.98 5.19
CA LYS E 201 25.32 12.68 3.93
C LYS E 201 24.42 13.90 3.85
N ASN E 202 23.19 13.78 4.32
CA ASN E 202 22.31 14.94 4.38
C ASN E 202 22.80 15.85 5.51
N LEU E 203 23.86 16.59 5.21
CA LEU E 203 24.44 17.53 6.16
C LEU E 203 23.69 18.84 6.21
N THR E 204 22.50 18.87 5.60
CA THR E 204 21.77 20.13 5.46
C THR E 204 21.45 20.74 6.81
N ALA E 205 21.13 19.92 7.81
CA ALA E 205 20.58 20.45 9.07
C ALA E 205 21.56 21.38 9.78
N LEU E 206 22.80 20.91 9.98
CA LEU E 206 23.78 21.76 10.67
C LEU E 206 24.16 22.98 9.84
N LEU E 207 24.17 22.85 8.51
CA LEU E 207 24.39 24.02 7.67
C LEU E 207 23.24 25.02 7.78
N LEU E 208 22.02 24.52 7.93
CA LEU E 208 20.87 25.40 8.19
C LEU E 208 21.09 26.18 9.47
N GLU E 209 21.46 25.49 10.55
CA GLU E 209 21.74 26.18 11.81
C GLU E 209 22.87 27.19 11.64
N ALA E 210 23.95 26.78 10.96
CA ALA E 210 25.11 27.66 10.81
C ALA E 210 24.78 28.91 10.02
N LYS E 211 23.95 28.78 8.98
CA LYS E 211 23.52 29.95 8.23
C LYS E 211 22.56 30.82 9.04
N GLU E 212 21.80 30.21 9.95
CA GLU E 212 20.93 31.01 10.81
C GLU E 212 21.72 31.96 11.71
N LEU E 213 22.91 31.55 12.14
CA LEU E 213 23.70 32.34 13.06
C LEU E 213 24.33 33.54 12.33
N GLU E 214 25.09 34.33 13.07
CA GLU E 214 25.50 35.66 12.60
C GLU E 214 26.95 35.72 12.13
N ALA E 215 27.88 35.14 12.88
CA ALA E 215 29.29 35.22 12.50
C ALA E 215 29.50 34.64 11.11
N ARG E 216 30.52 35.14 10.40
CA ARG E 216 30.75 34.75 9.03
C ARG E 216 32.17 34.27 8.79
N VAL E 217 32.86 33.81 9.83
CA VAL E 217 34.11 33.08 9.72
C VAL E 217 33.86 31.70 10.27
N ILE E 218 33.90 30.69 9.40
CA ILE E 218 33.52 29.33 9.75
C ILE E 218 34.77 28.46 9.68
N ILE E 219 35.00 27.68 10.72
CA ILE E 219 36.10 26.73 10.79
C ILE E 219 35.53 25.33 10.65
N LEU E 220 36.19 24.49 9.86
CA LEU E 220 35.74 23.11 9.67
C LEU E 220 36.86 22.13 10.00
N SER E 221 36.51 21.01 10.62
CA SER E 221 37.46 19.92 10.83
C SER E 221 36.71 18.60 10.80
N ALA E 222 36.85 17.85 9.72
CA ALA E 222 36.16 16.57 9.56
C ALA E 222 37.00 15.66 8.67
N SER E 223 36.52 14.43 8.50
CA SER E 223 37.17 13.50 7.59
C SER E 223 36.78 13.81 6.14
N GLU E 224 37.49 13.18 5.20
CA GLU E 224 37.31 13.53 3.78
C GLU E 224 35.93 13.13 3.28
N ASP E 225 35.53 11.87 3.49
CA ASP E 225 34.23 11.39 3.04
C ASP E 225 33.09 12.25 3.56
N ASP E 226 33.33 12.97 4.65
CA ASP E 226 32.35 13.87 5.26
C ASP E 226 32.53 15.31 4.83
N ALA E 227 33.77 15.75 4.65
CA ALA E 227 34.01 17.12 4.17
C ALA E 227 33.47 17.30 2.75
N THR E 228 33.60 16.26 1.91
CA THR E 228 33.07 16.37 0.55
C THR E 228 31.55 16.54 0.56
N ALA E 229 30.87 15.85 1.48
CA ALA E 229 29.43 16.06 1.62
C ALA E 229 29.14 17.44 2.17
N VAL E 230 29.96 17.90 3.13
CA VAL E 230 29.84 19.27 3.62
C VAL E 230 29.79 20.25 2.47
N TYR E 231 30.78 20.19 1.59
CA TYR E 231 30.86 21.21 0.52
C TYR E 231 29.82 20.97 -0.57
N LYS E 232 29.52 19.72 -0.91
CA LYS E 232 28.46 19.44 -1.87
C LYS E 232 27.14 20.07 -1.41
N SER E 233 26.65 19.62 -0.25
CA SER E 233 25.38 20.09 0.29
C SER E 233 25.47 21.50 0.88
N ALA E 234 26.65 22.12 0.90
CA ALA E 234 26.75 23.51 1.33
C ALA E 234 26.74 24.47 0.15
N ALA E 235 27.45 24.12 -0.93
CA ALA E 235 27.37 24.90 -2.15
C ALA E 235 25.93 25.00 -2.64
N MET E 236 25.14 23.94 -2.43
CA MET E 236 23.74 24.09 -2.81
C MET E 236 22.98 25.09 -1.95
N LEU E 237 23.56 25.54 -0.83
CA LEU E 237 22.91 26.50 0.06
C LEU E 237 23.37 27.94 -0.18
N ASP E 238 24.03 28.20 -1.30
CA ASP E 238 24.57 29.52 -1.63
C ASP E 238 25.50 30.04 -0.54
N MET E 239 26.32 29.14 0.00
CA MET E 239 27.41 29.51 0.89
C MET E 239 28.75 29.42 0.18
N THR E 240 28.73 29.32 -1.15
CA THR E 240 29.94 29.34 -1.96
C THR E 240 30.46 30.76 -2.17
N GLY E 241 29.56 31.75 -2.19
CA GLY E 241 29.94 33.11 -2.51
C GLY E 241 30.61 33.85 -1.37
N ALA E 242 31.08 35.05 -1.69
CA ALA E 242 31.74 35.93 -0.74
C ALA E 242 30.87 36.20 0.47
N GLY E 243 31.48 36.55 1.59
CA GLY E 243 30.80 36.72 2.85
C GLY E 243 30.93 35.53 3.78
N TYR E 244 31.33 34.37 3.26
CA TYR E 244 31.62 33.19 4.07
C TYR E 244 33.12 32.95 4.03
N VAL E 245 33.81 33.35 5.09
CA VAL E 245 35.22 33.03 5.25
C VAL E 245 35.32 31.58 5.73
N TRP E 246 36.04 30.76 4.99
CA TRP E 246 36.16 29.33 5.31
C TRP E 246 37.60 29.02 5.72
N LEU E 247 37.77 28.63 6.98
CA LEU E 247 39.03 28.14 7.51
C LEU E 247 38.93 26.63 7.66
N VAL E 248 40.00 25.94 7.27
CA VAL E 248 39.95 24.48 7.14
C VAL E 248 41.38 23.95 7.19
N GLY E 249 41.52 22.71 7.66
CA GLY E 249 42.82 22.07 7.79
C GLY E 249 43.18 21.24 6.58
N GLU E 250 44.18 20.38 6.76
CA GLU E 250 44.69 19.56 5.66
C GLU E 250 43.76 18.41 5.31
N ARG E 251 43.07 17.83 6.31
CA ARG E 251 42.22 16.69 6.03
C ARG E 251 41.10 17.03 5.05
N GLU E 252 40.54 18.23 5.15
CA GLU E 252 39.29 18.57 4.50
C GLU E 252 39.50 19.34 3.20
N ILE E 253 40.72 19.34 2.66
CA ILE E 253 41.03 19.98 1.39
C ILE E 253 41.61 19.00 0.38
N SER E 254 41.57 17.71 0.67
CA SER E 254 42.19 16.69 -0.16
C SER E 254 41.14 15.82 -0.83
N GLY E 255 41.49 15.28 -1.99
CA GLY E 255 40.64 14.33 -2.67
C GLY E 255 39.28 14.91 -3.02
N SER E 256 38.24 14.10 -2.83
CA SER E 256 36.89 14.52 -3.16
C SER E 256 36.47 15.77 -2.38
N ALA E 257 37.00 15.93 -1.16
CA ALA E 257 36.69 17.11 -0.37
C ALA E 257 37.14 18.40 -1.06
N LEU E 258 38.15 18.33 -1.92
CA LEU E 258 38.57 19.48 -2.70
C LEU E 258 37.71 19.64 -3.96
N ARG E 259 37.16 18.52 -4.43
CA ARG E 259 36.52 18.42 -5.74
C ARG E 259 35.31 19.35 -5.86
N TYR E 260 34.54 19.46 -4.78
CA TYR E 260 33.34 20.28 -4.69
C TYR E 260 33.52 21.50 -3.80
N ALA E 261 34.75 21.91 -3.54
CA ALA E 261 35.04 22.97 -2.57
C ALA E 261 34.76 24.35 -3.16
N PRO E 262 34.45 25.34 -2.33
CA PRO E 262 34.11 26.67 -2.85
C PRO E 262 35.34 27.52 -3.13
N ASP E 263 35.20 28.38 -4.13
CA ASP E 263 36.25 29.36 -4.44
C ASP E 263 36.44 30.30 -3.25
N GLY E 264 37.71 30.54 -2.90
CA GLY E 264 38.05 31.47 -1.84
C GLY E 264 38.31 30.83 -0.49
N ILE E 265 38.03 29.53 -0.33
CA ILE E 265 38.27 28.86 0.94
C ILE E 265 39.77 28.88 1.25
N ILE E 266 40.10 28.91 2.54
CA ILE E 266 41.47 29.09 3.02
C ILE E 266 41.93 27.79 3.67
N GLY E 267 43.05 27.24 3.19
CA GLY E 267 43.49 25.92 3.61
C GLY E 267 44.92 25.91 4.11
N LEU E 268 45.32 24.75 4.66
CA LEU E 268 46.62 24.54 5.27
C LEU E 268 47.22 23.21 4.85
N GLN E 269 48.54 23.20 4.67
CA GLN E 269 49.26 21.96 4.39
C GLN E 269 50.57 21.92 5.18
N LEU E 270 51.02 20.70 5.51
CA LEU E 270 52.20 20.53 6.35
C LEU E 270 53.47 20.58 5.51
N ILE E 271 54.45 21.35 6.00
CA ILE E 271 55.71 21.52 5.29
C ILE E 271 56.50 20.22 5.36
N ASN E 272 56.93 19.72 4.20
CA ASN E 272 57.59 18.41 4.10
C ASN E 272 56.73 17.33 4.73
N GLY E 273 55.42 17.38 4.46
CA GLY E 273 54.49 16.51 5.16
C GLY E 273 54.71 15.04 4.88
N LYS E 274 54.95 14.71 3.59
CA LYS E 274 55.19 13.38 3.04
C LYS E 274 56.67 13.06 2.86
N ASN E 275 57.54 14.07 2.84
CA ASN E 275 58.96 13.86 2.56
C ASN E 275 59.57 13.03 3.68
N GLU E 276 59.26 11.73 3.71
CA GLU E 276 59.68 10.86 4.80
C GLU E 276 61.19 10.80 4.90
N SER E 277 61.90 10.96 3.79
CA SER E 277 63.35 11.07 3.84
C SER E 277 63.77 12.24 4.72
N ALA E 278 63.17 13.41 4.49
CA ALA E 278 63.47 14.58 5.32
C ALA E 278 63.13 14.35 6.78
N HIS E 279 62.00 13.69 7.04
CA HIS E 279 61.58 13.44 8.43
C HIS E 279 62.58 12.53 9.15
N ILE E 280 63.00 11.45 8.50
CA ILE E 280 63.97 10.55 9.11
C ILE E 280 65.28 11.29 9.39
N SER E 281 65.73 12.09 8.41
CA SER E 281 66.92 12.91 8.60
C SER E 281 66.83 13.71 9.90
N ASP E 282 65.81 14.56 9.98
CA ASP E 282 65.65 15.44 11.15
C ASP E 282 65.54 14.64 12.44
N ALA E 283 64.82 13.53 12.42
CA ALA E 283 64.57 12.78 13.66
C ALA E 283 65.85 12.19 14.22
N VAL E 284 66.65 11.54 13.37
CA VAL E 284 67.84 10.85 13.85
C VAL E 284 68.81 11.83 14.50
N ALA E 285 68.94 13.04 13.92
CA ALA E 285 69.89 14.01 14.49
C ALA E 285 69.63 14.26 15.97
N VAL E 286 68.40 14.59 16.33
CA VAL E 286 68.14 14.95 17.73
C VAL E 286 67.99 13.73 18.62
N VAL E 287 67.61 12.56 18.09
CA VAL E 287 67.77 11.35 18.90
C VAL E 287 69.22 11.19 19.33
N ALA E 288 70.15 11.50 18.43
CA ALA E 288 71.57 11.41 18.77
C ALA E 288 71.95 12.41 19.86
N GLN E 289 71.51 13.67 19.74
CA GLN E 289 71.95 14.58 20.79
C GLN E 289 71.26 14.32 22.12
N ALA E 290 70.08 13.72 22.09
CA ALA E 290 69.48 13.32 23.37
C ALA E 290 70.23 12.15 23.99
N ILE E 291 70.70 11.20 23.17
CA ILE E 291 71.53 10.11 23.69
C ILE E 291 72.80 10.66 24.32
N HIS E 292 73.42 11.63 23.66
CA HIS E 292 74.61 12.29 24.20
C HIS E 292 74.33 12.90 25.57
N GLU E 293 73.29 13.73 25.65
CA GLU E 293 72.84 14.29 26.92
C GLU E 293 72.63 13.20 27.97
N LEU E 294 72.06 12.07 27.56
CA LEU E 294 71.69 11.03 28.52
C LEU E 294 72.92 10.33 29.08
N PHE E 295 73.96 10.15 28.27
CA PHE E 295 75.09 9.35 28.74
C PHE E 295 76.22 10.18 29.32
N GLU E 296 76.11 11.52 29.36
CA GLU E 296 76.85 12.22 30.43
C GLU E 296 76.18 12.10 31.80
N MET E 297 74.91 11.74 31.85
CA MET E 297 74.17 11.66 33.11
C MET E 297 74.77 10.59 34.03
N GLU E 298 74.22 10.51 35.24
CA GLU E 298 74.59 9.51 36.22
C GLU E 298 73.43 8.57 36.49
N ASN E 299 73.76 7.35 36.91
CA ASN E 299 72.79 6.32 37.29
C ASN E 299 71.86 5.97 36.13
N ILE E 300 72.45 5.66 34.98
CA ILE E 300 71.71 5.21 33.81
C ILE E 300 71.72 3.69 33.79
N THR E 301 70.59 3.11 33.40
CA THR E 301 70.46 1.66 33.27
C THR E 301 70.02 1.29 31.86
N ASP E 302 70.16 0.00 31.53
CA ASP E 302 70.06 -0.59 30.20
C ASP E 302 68.63 -1.01 29.88
N PRO E 303 68.24 -0.89 28.60
CA PRO E 303 66.94 -1.40 28.20
C PRO E 303 66.97 -2.93 28.13
N PRO E 304 65.83 -3.59 28.34
CA PRO E 304 65.81 -5.05 28.28
C PRO E 304 66.16 -5.57 26.90
N ARG E 305 66.70 -6.79 26.86
CA ARG E 305 67.02 -7.48 25.61
C ARG E 305 66.01 -8.60 25.41
N GLY E 306 65.13 -8.42 24.43
CA GLY E 306 64.06 -9.38 24.21
C GLY E 306 62.87 -9.12 25.10
N CYS E 307 61.66 -9.26 24.54
CA CYS E 307 60.45 -8.97 25.30
C CYS E 307 60.10 -10.09 26.28
N VAL E 308 60.44 -11.34 25.94
CA VAL E 308 59.98 -12.48 26.71
C VAL E 308 60.52 -12.43 28.13
N GLY E 309 59.63 -12.63 29.10
CA GLY E 309 60.01 -12.79 30.49
C GLY E 309 60.29 -11.51 31.25
N ASN E 310 60.46 -10.38 30.57
CA ASN E 310 60.84 -9.13 31.24
C ASN E 310 59.58 -8.43 31.75
N THR E 311 59.08 -8.92 32.89
CA THR E 311 57.86 -8.40 33.47
C THR E 311 58.06 -7.05 34.16
N ASN E 312 59.30 -6.68 34.47
CA ASN E 312 59.60 -5.34 34.95
C ASN E 312 59.98 -4.45 33.77
N ILE E 313 59.72 -3.14 33.93
CA ILE E 313 59.80 -2.20 32.83
C ILE E 313 61.18 -1.56 32.74
N TRP E 314 61.47 -0.89 31.63
CA TRP E 314 62.70 -0.10 31.53
C TRP E 314 62.64 1.03 32.55
N LYS E 315 63.63 1.08 33.42
CA LYS E 315 63.58 1.98 34.57
C LYS E 315 64.14 3.36 34.27
N THR E 316 65.03 3.46 33.27
CA THR E 316 65.58 4.74 32.85
C THR E 316 64.69 5.44 31.82
N GLY E 317 63.76 4.70 31.22
CA GLY E 317 62.86 5.22 30.21
C GLY E 317 62.22 6.57 30.47
N PRO E 318 61.59 6.74 31.64
CA PRO E 318 60.99 8.05 31.97
C PRO E 318 61.97 9.21 31.86
N LEU E 319 63.21 9.02 32.30
CA LEU E 319 64.22 10.08 32.17
C LEU E 319 64.50 10.39 30.71
N PHE E 320 64.68 9.36 29.89
CA PHE E 320 64.94 9.57 28.47
C PHE E 320 63.79 10.31 27.81
N LYS E 321 62.56 9.97 28.19
CA LYS E 321 61.39 10.68 27.69
C LYS E 321 61.42 12.15 28.10
N ARG E 322 61.77 12.43 29.36
CA ARG E 322 61.91 13.81 29.81
C ARG E 322 62.98 14.54 29.01
N VAL E 323 64.06 13.85 28.66
CA VAL E 323 65.14 14.46 27.89
C VAL E 323 64.66 14.82 26.50
N LEU E 324 63.98 13.87 25.84
CA LEU E 324 63.40 14.15 24.52
C LEU E 324 62.44 15.32 24.58
N MET E 325 61.70 15.45 25.68
CA MET E 325 60.83 16.61 25.87
C MET E 325 61.56 17.93 25.70
N SER E 326 62.79 18.02 26.18
CA SER E 326 63.52 19.28 26.28
C SER E 326 64.63 19.42 25.24
N SER E 327 64.70 18.53 24.25
CA SER E 327 65.72 18.64 23.22
C SER E 327 65.32 19.66 22.16
N LYS E 328 66.32 20.26 21.52
CA LYS E 328 66.12 21.40 20.64
C LYS E 328 67.04 21.33 19.43
N TYR E 329 66.53 21.71 18.27
CA TYR E 329 67.35 21.82 17.06
C TYR E 329 66.98 23.05 16.25
N PRO E 330 67.91 23.98 16.06
CA PRO E 330 67.58 25.25 15.39
C PRO E 330 67.59 25.17 13.87
N ASP E 331 68.37 24.25 13.31
CA ASP E 331 68.52 24.21 11.85
C ASP E 331 67.75 23.03 11.26
N GLY E 332 66.47 22.91 11.61
CA GLY E 332 65.69 21.79 11.11
C GLY E 332 65.49 21.88 9.61
N VAL E 333 65.37 20.69 9.00
CA VAL E 333 65.12 20.61 7.56
C VAL E 333 63.63 20.66 7.25
N THR E 334 62.78 20.28 8.20
CA THR E 334 61.34 20.52 8.11
C THR E 334 60.91 21.67 9.00
N GLY E 335 61.87 22.44 9.51
CA GLY E 335 61.57 23.58 10.35
C GLY E 335 62.29 23.53 11.68
N ARG E 336 62.43 24.68 12.37
CA ARG E 336 62.97 24.72 13.73
C ARG E 336 62.14 23.92 14.73
N ILE E 337 62.67 22.79 15.15
CA ILE E 337 61.93 21.72 15.81
C ILE E 337 62.26 21.66 17.30
N GLU E 338 61.22 21.73 18.13
CA GLU E 338 61.26 21.34 19.52
C GLU E 338 59.84 20.95 19.92
N PHE E 339 59.65 20.59 21.19
CA PHE E 339 58.43 19.92 21.61
C PHE E 339 57.62 20.76 22.58
N ASN E 340 56.36 20.34 22.75
CA ASN E 340 55.47 20.84 23.79
C ASN E 340 55.35 19.80 24.90
N GLU E 341 54.50 20.10 25.88
CA GLU E 341 54.45 19.29 27.10
C GLU E 341 53.80 17.93 26.89
N ASP E 342 52.99 17.75 25.85
CA ASP E 342 52.40 16.45 25.55
C ASP E 342 53.28 15.59 24.65
N GLY E 343 54.37 16.13 24.14
CA GLY E 343 55.20 15.43 23.18
C GLY E 343 54.90 15.73 21.73
N ASP E 344 54.23 16.85 21.45
CA ASP E 344 53.81 17.19 20.10
C ASP E 344 54.86 18.04 19.41
N ARG E 345 54.88 17.94 18.08
CA ARG E 345 55.79 18.77 17.29
C ARG E 345 55.38 20.24 17.38
N LYS E 346 56.33 21.09 17.74
CA LYS E 346 56.10 22.52 17.81
C LYS E 346 56.86 23.23 16.70
N PHE E 347 56.36 24.42 16.35
CA PHE E 347 56.92 25.28 15.31
C PHE E 347 56.81 24.63 13.93
N ALA E 348 55.80 23.79 13.73
CA ALA E 348 55.54 23.23 12.41
C ALA E 348 55.21 24.34 11.43
N GLN E 349 55.86 24.32 10.28
CA GLN E 349 55.63 25.32 9.25
C GLN E 349 54.51 24.85 8.33
N TYR E 350 53.69 25.80 7.88
CA TYR E 350 52.46 25.46 7.16
C TYR E 350 52.36 26.24 5.86
N SER E 351 51.52 25.73 4.97
CA SER E 351 51.23 26.34 3.67
C SER E 351 49.80 26.84 3.68
N ILE E 352 49.61 28.15 3.48
CA ILE E 352 48.31 28.83 3.60
C ILE E 352 47.79 29.18 2.21
N MET E 353 46.58 28.69 1.92
CA MET E 353 46.09 28.44 0.57
C MET E 353 44.78 29.15 0.26
N ASN E 354 44.61 29.48 -1.02
CA ASN E 354 43.42 30.10 -1.61
C ASN E 354 43.07 29.36 -2.90
N LEU E 355 41.80 29.45 -3.31
CA LEU E 355 41.30 28.68 -4.46
C LEU E 355 40.78 29.66 -5.52
N GLN E 356 41.37 29.59 -6.72
CA GLN E 356 40.93 30.41 -7.86
C GLN E 356 40.89 29.53 -9.11
N ASN E 357 39.71 29.47 -9.76
CA ASN E 357 39.37 28.56 -10.88
C ASN E 357 39.35 27.13 -10.50
N ARG E 358 39.62 26.85 -9.25
CA ARG E 358 39.53 25.50 -8.72
C ARG E 358 40.87 24.77 -8.79
N LYS E 359 41.96 25.48 -9.08
CA LYS E 359 43.23 25.00 -8.56
C LYS E 359 43.55 25.89 -7.34
N LEU E 360 44.80 25.96 -6.95
CA LEU E 360 45.24 26.21 -5.58
C LEU E 360 46.30 27.30 -5.55
N VAL E 361 46.04 28.36 -4.79
CA VAL E 361 46.89 29.54 -4.74
C VAL E 361 47.43 29.65 -3.31
N GLN E 362 48.75 29.60 -3.17
CA GLN E 362 49.37 29.88 -1.89
C GLN E 362 49.45 31.38 -1.70
N VAL E 363 48.65 31.91 -0.77
CA VAL E 363 48.80 33.30 -0.39
C VAL E 363 49.84 33.48 0.71
N GLY E 364 50.18 32.43 1.45
CA GLY E 364 51.19 32.64 2.46
C GLY E 364 51.71 31.35 3.04
N ILE E 365 52.56 31.51 4.05
CA ILE E 365 53.11 30.38 4.81
C ILE E 365 53.06 30.74 6.29
N PHE E 366 53.22 29.71 7.11
CA PHE E 366 53.37 29.86 8.56
C PHE E 366 54.80 29.46 8.90
N ASN E 367 55.59 30.46 9.31
CA ASN E 367 56.99 30.26 9.69
C ASN E 367 57.17 29.39 10.93
N GLY E 368 56.08 28.94 11.55
CA GLY E 368 56.12 28.25 12.82
C GLY E 368 55.79 29.14 14.00
N SER E 369 56.09 30.42 13.91
CA SER E 369 55.76 31.41 14.94
C SER E 369 54.93 32.56 14.41
N TYR E 370 55.35 33.17 13.26
CA TYR E 370 54.67 34.29 12.57
C TYR E 370 54.16 33.91 11.17
N ILE E 371 52.96 34.38 10.77
CA ILE E 371 52.50 34.22 9.40
C ILE E 371 53.30 35.14 8.49
N ILE E 372 53.79 34.60 7.37
CA ILE E 372 54.54 35.35 6.38
C ILE E 372 53.78 35.29 5.07
N GLN E 373 53.60 36.44 4.44
CA GLN E 373 52.81 36.53 3.22
C GLN E 373 53.67 36.43 1.96
N PRO F 2 23.83 -32.66 19.91
CA PRO F 2 24.02 -31.25 20.28
C PRO F 2 25.44 -30.75 19.99
N PRO F 3 25.55 -29.78 19.08
CA PRO F 3 26.87 -29.23 18.74
C PRO F 3 27.54 -28.52 19.92
N SER F 4 28.86 -28.40 19.83
CA SER F 4 29.67 -27.83 20.92
C SER F 4 30.49 -26.64 20.43
N ILE F 5 31.27 -26.11 21.36
CA ILE F 5 32.10 -24.93 21.15
C ILE F 5 33.33 -25.04 22.03
N GLY F 6 34.48 -24.63 21.50
CA GLY F 6 35.76 -24.79 22.18
C GLY F 6 36.21 -23.53 22.89
N ILE F 7 36.77 -23.71 24.09
CA ILE F 7 37.20 -22.64 24.98
C ILE F 7 38.49 -23.07 25.68
N ALA F 8 39.38 -22.11 25.90
CA ALA F 8 40.63 -22.34 26.60
C ALA F 8 40.66 -21.54 27.90
N VAL F 9 41.30 -22.11 28.91
CA VAL F 9 41.49 -21.47 30.20
C VAL F 9 42.99 -21.32 30.39
N ILE F 10 43.49 -20.08 30.27
CA ILE F 10 44.91 -19.79 30.37
C ILE F 10 45.22 -19.34 31.78
N LEU F 11 46.22 -19.99 32.39
CA LEU F 11 46.58 -19.72 33.77
C LEU F 11 48.09 -19.59 33.89
N VAL F 12 48.51 -18.58 34.64
CA VAL F 12 49.89 -18.43 35.08
C VAL F 12 49.92 -18.75 36.57
N GLY F 13 50.56 -19.86 36.93
CA GLY F 13 50.61 -20.28 38.32
C GLY F 13 49.80 -21.53 38.57
N THR F 14 50.41 -22.49 39.28
CA THR F 14 49.74 -23.76 39.54
C THR F 14 48.51 -23.54 40.41
N SER F 15 47.40 -24.15 40.02
CA SER F 15 46.11 -23.85 40.62
C SER F 15 45.41 -25.13 41.04
N ASP F 16 44.10 -25.01 41.22
CA ASP F 16 43.21 -26.14 41.31
C ASP F 16 43.06 -26.76 39.94
N GLU F 17 44.25 -27.19 39.56
CA GLU F 17 44.50 -27.59 38.20
C GLU F 17 43.59 -28.80 37.99
N VAL F 18 42.82 -29.12 39.08
CA VAL F 18 41.91 -30.19 39.53
C VAL F 18 40.65 -29.55 40.23
N ALA F 19 40.14 -30.09 41.41
CA ALA F 19 38.97 -29.74 42.21
C ALA F 19 37.99 -28.71 41.65
N ILE F 20 38.35 -27.89 40.66
CA ILE F 20 37.36 -27.04 40.01
C ILE F 20 36.65 -27.84 38.91
N LYS F 21 37.25 -29.03 38.77
CA LYS F 21 37.41 -29.97 37.66
C LYS F 21 36.33 -31.01 37.70
N ASP F 22 35.13 -30.55 38.05
CA ASP F 22 33.92 -31.32 38.01
C ASP F 22 32.78 -30.35 38.32
N LEU F 32 23.04 -28.42 29.47
CA LEU F 32 22.21 -27.48 28.72
C LEU F 32 22.13 -27.68 27.24
N SER F 33 21.77 -26.55 26.66
CA SER F 33 21.20 -26.38 25.33
C SER F 33 22.27 -26.21 24.27
N VAL F 34 23.55 -26.23 24.67
CA VAL F 34 24.67 -26.31 23.75
C VAL F 34 25.84 -26.81 24.58
N VAL F 35 26.86 -27.34 23.91
CA VAL F 35 27.87 -28.18 24.56
C VAL F 35 29.17 -27.40 24.68
N PRO F 36 29.80 -27.37 25.85
CA PRO F 36 31.10 -26.69 25.99
C PRO F 36 32.28 -27.65 25.93
N ARG F 37 33.42 -27.18 25.41
CA ARG F 37 34.68 -27.90 25.42
C ARG F 37 35.70 -27.01 26.10
N VAL F 38 36.36 -27.52 27.11
CA VAL F 38 37.31 -26.74 27.88
C VAL F 38 38.69 -27.39 27.83
N GLU F 39 39.72 -26.57 27.59
CA GLU F 39 41.09 -27.01 27.76
C GLU F 39 41.78 -26.14 28.80
N LEU F 40 42.78 -26.71 29.47
CA LEU F 40 43.58 -26.01 30.48
C LEU F 40 44.98 -25.80 29.94
N VAL F 41 45.43 -24.55 29.90
CA VAL F 41 46.74 -24.20 29.37
C VAL F 41 47.48 -23.37 30.41
N ALA F 42 48.54 -23.95 30.97
CA ALA F 42 49.46 -23.20 31.81
C ALA F 42 50.43 -22.42 30.93
N MET F 43 50.88 -21.27 31.45
CA MET F 43 51.79 -20.40 30.71
C MET F 43 52.83 -19.88 31.68
N ASN F 44 54.10 -20.09 31.36
CA ASN F 44 55.18 -19.72 32.26
C ASN F 44 55.37 -18.21 32.38
N GLU F 45 54.86 -17.42 31.43
CA GLU F 45 55.24 -16.02 31.38
C GLU F 45 54.04 -15.13 31.09
N THR F 46 54.16 -13.87 31.53
CA THR F 46 53.22 -12.80 31.20
C THR F 46 54.00 -11.63 30.63
N ASP F 47 53.89 -11.44 29.33
CA ASP F 47 54.50 -10.33 28.61
C ASP F 47 53.88 -10.26 27.22
N PRO F 48 54.02 -9.12 26.52
CA PRO F 48 53.41 -9.00 25.18
C PRO F 48 53.66 -10.21 24.29
N LYS F 49 54.95 -10.42 23.98
CA LYS F 49 55.38 -11.50 23.10
C LYS F 49 54.78 -12.84 23.50
N SER F 50 55.00 -13.26 24.75
CA SER F 50 54.66 -14.62 25.15
C SER F 50 53.15 -14.85 25.16
N ILE F 51 52.40 -13.90 25.73
CA ILE F 51 50.95 -14.08 25.84
C ILE F 51 50.33 -14.11 24.43
N ILE F 52 50.67 -13.11 23.60
CA ILE F 52 50.20 -13.12 22.21
C ILE F 52 50.51 -14.46 21.55
N THR F 53 51.76 -14.90 21.69
CA THR F 53 52.24 -16.07 20.98
C THR F 53 51.44 -17.30 21.37
N ARG F 54 51.32 -17.57 22.67
CA ARG F 54 50.61 -18.77 23.10
C ARG F 54 49.15 -18.73 22.69
N ILE F 55 48.50 -17.56 22.78
CA ILE F 55 47.08 -17.51 22.44
C ILE F 55 46.86 -17.80 20.96
N CYS F 56 47.62 -17.16 20.08
CA CYS F 56 47.44 -17.44 18.66
C CYS F 56 47.89 -18.85 18.29
N ASP F 57 48.86 -19.39 19.04
CA ASP F 57 49.24 -20.78 18.85
C ASP F 57 48.08 -21.71 19.18
N LEU F 58 47.33 -21.39 20.23
CA LEU F 58 46.13 -22.15 20.54
C LEU F 58 45.08 -22.00 19.42
N MET F 59 45.00 -20.82 18.82
CA MET F 59 44.06 -20.64 17.73
C MET F 59 44.40 -21.52 16.52
N SER F 60 45.67 -21.58 16.13
CA SER F 60 46.03 -22.38 14.96
C SER F 60 46.16 -23.87 15.28
N ASP F 61 46.24 -24.15 16.59
CA ASP F 61 46.30 -25.44 17.25
C ASP F 61 44.97 -26.19 17.18
N ARG F 62 43.89 -25.55 17.62
CA ARG F 62 42.55 -26.07 17.39
C ARG F 62 41.62 -24.87 17.38
N LYS F 63 40.45 -25.06 16.77
CA LYS F 63 39.45 -24.01 16.80
C LYS F 63 39.09 -23.72 18.26
N ILE F 64 39.33 -22.48 18.68
CA ILE F 64 38.96 -22.02 20.02
C ILE F 64 38.18 -20.73 19.88
N GLN F 65 37.04 -20.65 20.58
CA GLN F 65 36.11 -19.54 20.44
C GLN F 65 36.20 -18.55 21.60
N GLY F 66 37.02 -18.81 22.60
CA GLY F 66 37.10 -17.90 23.73
C GLY F 66 38.15 -18.35 24.73
N VAL F 67 38.60 -17.39 25.54
CA VAL F 67 39.64 -17.61 26.53
C VAL F 67 39.19 -17.01 27.85
N VAL F 68 39.31 -17.80 28.92
CA VAL F 68 39.24 -17.29 30.29
C VAL F 68 40.66 -17.21 30.81
N PHE F 69 41.07 -16.03 31.25
CA PHE F 69 42.46 -15.73 31.56
C PHE F 69 42.53 -15.29 33.02
N ALA F 70 43.41 -15.94 33.78
CA ALA F 70 43.61 -15.55 35.17
C ALA F 70 45.07 -15.72 35.56
N ASP F 71 45.56 -14.81 36.40
CA ASP F 71 46.92 -14.88 36.91
C ASP F 71 46.89 -14.54 38.40
N ASP F 72 48.04 -14.72 39.05
CA ASP F 72 48.19 -14.41 40.47
C ASP F 72 49.14 -13.24 40.69
N THR F 73 49.23 -12.33 39.72
CA THR F 73 50.16 -11.20 39.76
C THR F 73 49.39 -9.89 39.84
N ASP F 74 50.15 -8.80 39.97
CA ASP F 74 49.63 -7.45 39.85
C ASP F 74 49.94 -6.84 38.49
N GLN F 75 50.44 -7.63 37.54
CA GLN F 75 50.84 -7.11 36.24
C GLN F 75 49.63 -6.62 35.49
N GLU F 76 49.33 -5.32 35.65
CA GLU F 76 48.11 -4.73 35.09
C GLU F 76 48.11 -4.79 33.57
N ALA F 77 49.29 -4.66 32.95
CA ALA F 77 49.37 -4.60 31.50
C ALA F 77 48.73 -5.81 30.83
N ILE F 78 48.57 -6.92 31.56
CA ILE F 78 47.87 -8.08 31.01
C ILE F 78 46.56 -7.66 30.38
N ALA F 79 45.72 -6.93 31.13
CA ALA F 79 44.44 -6.48 30.59
C ALA F 79 44.65 -5.62 29.36
N GLN F 80 45.56 -4.65 29.45
CA GLN F 80 45.90 -3.79 28.32
C GLN F 80 46.17 -4.64 27.08
N ILE F 81 46.99 -5.67 27.26
CA ILE F 81 47.39 -6.54 26.16
C ILE F 81 46.20 -7.34 25.66
N LEU F 82 45.42 -7.89 26.59
CA LEU F 82 44.33 -8.78 26.22
C LEU F 82 43.27 -8.03 25.44
N ASP F 83 42.96 -6.80 25.86
CA ASP F 83 42.11 -5.92 25.07
C ASP F 83 42.60 -5.88 23.64
N PHE F 84 43.88 -5.51 23.45
CA PHE F 84 44.45 -5.51 22.10
C PHE F 84 44.10 -6.80 21.36
N ILE F 85 44.42 -7.94 21.97
CA ILE F 85 44.25 -9.23 21.32
C ILE F 85 42.80 -9.43 20.91
N SER F 86 41.88 -9.18 21.85
CA SER F 86 40.46 -9.37 21.58
C SER F 86 40.06 -8.54 20.36
N ALA F 87 40.43 -7.26 20.38
CA ALA F 87 40.05 -6.37 19.29
C ALA F 87 40.56 -6.90 17.96
N GLN F 88 41.68 -7.59 17.97
CA GLN F 88 42.27 -8.02 16.71
C GLN F 88 41.66 -9.30 16.15
N THR F 89 41.05 -10.16 16.98
CA THR F 89 40.65 -11.44 16.39
C THR F 89 39.18 -11.79 16.57
N LEU F 90 38.29 -10.81 16.78
CA LEU F 90 36.86 -11.09 17.00
C LEU F 90 36.66 -12.07 18.15
N THR F 91 37.41 -11.87 19.24
CA THR F 91 37.61 -12.92 20.23
C THR F 91 37.08 -12.52 21.60
N PRO F 92 36.19 -13.31 22.21
CA PRO F 92 35.84 -13.09 23.62
C PRO F 92 37.02 -13.46 24.52
N ILE F 93 37.32 -12.58 25.48
CA ILE F 93 38.34 -12.83 26.49
C ILE F 93 37.80 -12.39 27.84
N LEU F 94 37.81 -13.28 28.81
CA LEU F 94 37.37 -12.99 30.17
C LEU F 94 38.61 -12.83 31.05
N GLY F 95 38.70 -11.69 31.74
CA GLY F 95 39.78 -11.48 32.69
C GLY F 95 39.30 -11.67 34.11
N ILE F 96 39.45 -12.88 34.66
CA ILE F 96 38.74 -13.23 35.89
C ILE F 96 39.57 -13.08 37.15
N HIS F 97 40.88 -12.86 37.05
CA HIS F 97 41.67 -12.67 38.26
C HIS F 97 43.02 -12.07 37.93
N GLY F 98 43.59 -11.38 38.92
CA GLY F 98 44.95 -10.89 38.80
C GLY F 98 45.04 -9.71 37.85
N GLY F 99 46.13 -9.67 37.08
CA GLY F 99 46.32 -8.62 36.11
C GLY F 99 45.21 -8.54 35.08
N SER F 100 44.60 -9.69 34.76
CA SER F 100 43.48 -9.71 33.84
C SER F 100 42.25 -9.02 34.41
N SER F 101 42.13 -8.93 35.74
CA SER F 101 41.00 -8.28 36.40
C SER F 101 41.31 -6.85 36.81
N MET F 102 42.53 -6.37 36.62
CA MET F 102 42.80 -4.94 36.76
C MET F 102 41.98 -4.18 35.73
N ILE F 103 41.15 -3.26 36.19
CA ILE F 103 40.12 -2.65 35.35
C ILE F 103 40.78 -1.82 34.25
N MET F 104 40.49 -2.16 33.01
CA MET F 104 41.08 -1.53 31.83
C MET F 104 40.04 -0.60 31.20
N ALA F 105 40.27 0.70 31.30
CA ALA F 105 39.40 1.68 30.70
C ALA F 105 39.86 2.03 29.28
N ASP F 106 39.01 2.75 28.56
CA ASP F 106 39.28 3.18 27.19
C ASP F 106 39.67 2.01 26.31
N LYS F 107 38.82 0.99 26.29
CA LYS F 107 39.03 -0.17 25.46
C LYS F 107 38.68 0.16 24.01
N ASP F 108 39.07 -0.74 23.10
CA ASP F 108 38.72 -0.58 21.70
C ASP F 108 37.21 -0.71 21.53
N GLU F 109 36.63 0.20 20.73
CA GLU F 109 35.19 0.17 20.48
C GLU F 109 34.74 -1.15 19.85
N SER F 110 35.67 -1.91 19.28
CA SER F 110 35.37 -3.20 18.67
C SER F 110 35.73 -4.38 19.56
N SER F 111 36.39 -4.15 20.68
CA SER F 111 36.90 -5.23 21.51
C SER F 111 35.75 -6.05 22.11
N MET F 112 36.03 -7.34 22.32
CA MET F 112 35.12 -8.25 23.01
C MET F 112 35.71 -8.71 24.34
N PHE F 113 36.61 -7.91 24.92
CA PHE F 113 37.30 -8.24 26.16
C PHE F 113 36.50 -7.72 27.35
N PHE F 114 36.20 -8.60 28.29
CA PHE F 114 35.42 -8.25 29.47
C PHE F 114 36.14 -8.71 30.73
N GLN F 115 35.81 -8.08 31.85
CA GLN F 115 36.54 -8.27 33.09
C GLN F 115 35.59 -8.51 34.25
N PHE F 116 36.05 -9.34 35.20
CA PHE F 116 35.42 -9.43 36.50
C PHE F 116 35.87 -8.26 37.37
N GLY F 117 35.00 -7.85 38.29
CA GLY F 117 35.32 -6.77 39.18
C GLY F 117 34.52 -5.51 38.89
N PRO F 118 34.63 -4.53 39.77
CA PRO F 118 33.82 -3.31 39.62
C PRO F 118 34.41 -2.31 38.66
N SER F 119 33.52 -1.59 37.99
CA SER F 119 33.93 -0.44 37.18
C SER F 119 34.45 0.67 38.07
N ILE F 120 35.17 1.62 37.45
CA ILE F 120 35.70 2.75 38.20
C ILE F 120 34.56 3.60 38.78
N GLU F 121 33.47 3.72 38.03
CA GLU F 121 32.29 4.43 38.51
C GLU F 121 31.83 3.90 39.87
N GLN F 122 31.61 2.58 39.95
CA GLN F 122 31.16 1.97 41.19
C GLN F 122 32.19 2.12 42.30
N GLN F 123 33.48 2.08 41.97
CA GLN F 123 34.50 2.15 43.02
C GLN F 123 34.56 3.52 43.65
N ALA F 124 34.50 4.58 42.82
CA ALA F 124 34.37 5.93 43.37
C ALA F 124 33.11 6.05 44.21
N SER F 125 32.00 5.45 43.75
CA SER F 125 30.77 5.46 44.53
C SER F 125 30.96 4.87 45.92
N VAL F 126 31.57 3.68 45.99
CA VAL F 126 31.79 3.02 47.27
C VAL F 126 32.67 3.87 48.18
N MET F 127 33.73 4.45 47.61
CA MET F 127 34.62 5.28 48.41
C MET F 127 33.87 6.47 49.02
N LEU F 128 32.94 7.06 48.28
CA LEU F 128 32.17 8.16 48.86
C LEU F 128 31.19 7.67 49.92
N ASN F 129 30.59 6.50 49.71
CA ASN F 129 29.76 5.92 50.76
C ASN F 129 30.52 5.85 52.07
N ILE F 130 31.78 5.43 52.04
CA ILE F 130 32.38 5.44 53.37
C ILE F 130 32.87 6.84 53.79
N MET F 131 33.33 7.68 52.85
CA MET F 131 33.70 9.02 53.30
C MET F 131 32.56 9.71 54.03
N GLU F 132 31.32 9.42 53.65
CA GLU F 132 30.19 9.83 54.49
C GLU F 132 30.21 9.11 55.83
N GLU F 133 30.55 7.81 55.81
CA GLU F 133 30.59 7.08 57.07
C GLU F 133 31.44 7.78 58.12
N TYR F 134 32.49 8.49 57.70
CA TYR F 134 33.33 9.21 58.65
C TYR F 134 33.39 10.70 58.33
N ASP F 135 32.21 11.29 58.00
CA ASP F 135 31.95 12.48 57.15
C ASP F 135 33.18 13.32 56.82
N TRP F 136 34.19 12.63 56.33
CA TRP F 136 35.39 13.12 55.66
C TRP F 136 35.01 14.06 54.51
N TYR F 137 34.30 15.15 54.82
CA TYR F 137 33.80 16.03 53.77
C TYR F 137 34.94 16.73 53.05
N ILE F 138 36.06 16.94 53.72
CA ILE F 138 37.20 17.60 53.11
C ILE F 138 38.08 16.51 52.49
N PHE F 139 38.50 16.72 51.25
CA PHE F 139 39.37 15.73 50.61
C PHE F 139 40.05 16.33 49.39
N SER F 140 41.00 15.58 48.86
CA SER F 140 41.74 15.96 47.67
C SER F 140 42.04 14.71 46.85
N ILE F 141 42.32 14.89 45.56
CA ILE F 141 42.49 13.76 44.65
C ILE F 141 43.84 13.89 43.94
N VAL F 142 44.57 12.78 43.89
CA VAL F 142 45.84 12.68 43.18
C VAL F 142 45.78 11.48 42.24
N THR F 143 46.18 11.71 41.00
CA THR F 143 46.19 10.68 39.96
C THR F 143 47.41 10.86 39.08
N THR F 144 47.72 9.81 38.34
CA THR F 144 48.70 9.87 37.26
C THR F 144 47.94 9.86 35.93
N TYR F 145 48.63 9.54 34.84
CA TYR F 145 48.03 9.57 33.52
C TYR F 145 47.33 8.28 33.14
N PHE F 146 47.01 7.47 34.08
CA PHE F 146 46.72 6.12 33.63
C PHE F 146 45.21 5.89 33.58
N PRO F 147 44.74 5.30 32.47
CA PRO F 147 43.33 5.44 32.08
C PRO F 147 42.35 5.14 33.21
N GLY F 148 41.16 5.74 33.09
CA GLY F 148 40.23 5.87 34.19
C GLY F 148 40.39 7.14 35.00
N TYR F 149 41.58 7.74 34.96
CA TYR F 149 41.95 9.00 35.57
C TYR F 149 40.89 10.10 35.39
N GLN F 150 40.71 10.57 34.16
CA GLN F 150 39.60 11.48 33.86
C GLN F 150 38.29 10.93 34.38
N ASP F 151 38.02 9.65 34.09
CA ASP F 151 36.74 9.05 34.43
C ASP F 151 36.52 9.04 35.94
N PHE F 152 37.55 8.70 36.71
CA PHE F 152 37.46 8.72 38.16
C PHE F 152 37.13 10.12 38.68
N VAL F 153 37.96 11.10 38.33
CA VAL F 153 37.75 12.42 38.91
C VAL F 153 36.43 13.01 38.43
N ASN F 154 35.96 12.63 37.24
CA ASN F 154 34.70 13.18 36.78
C ASN F 154 33.50 12.52 37.45
N LYS F 155 33.56 11.21 37.69
CA LYS F 155 32.57 10.57 38.56
C LYS F 155 32.45 11.32 39.89
N ILE F 156 33.59 11.59 40.53
CA ILE F 156 33.55 12.22 41.85
C ILE F 156 33.02 13.65 41.77
N ARG F 157 33.57 14.46 40.85
CA ARG F 157 33.14 15.84 40.72
C ARG F 157 31.65 15.93 40.39
N SER F 158 31.17 15.00 39.56
CA SER F 158 29.74 14.92 39.27
C SER F 158 28.95 14.67 40.55
N THR F 159 29.41 13.74 41.38
CA THR F 159 28.71 13.48 42.63
C THR F 159 28.75 14.69 43.56
N ILE F 160 29.80 15.51 43.49
CA ILE F 160 29.90 16.67 44.37
C ILE F 160 28.97 17.78 43.92
N GLU F 161 28.88 18.02 42.61
CA GLU F 161 27.98 19.06 42.10
C GLU F 161 26.54 18.83 42.56
N ASN F 162 26.12 17.56 42.62
CA ASN F 162 24.78 17.20 43.09
C ASN F 162 24.77 16.78 44.55
N SER F 163 25.77 17.19 45.32
CA SER F 163 25.80 16.93 46.75
C SER F 163 25.07 18.04 47.49
N PHE F 164 24.15 17.62 48.37
CA PHE F 164 23.61 18.48 49.40
C PHE F 164 24.46 18.46 50.68
N VAL F 165 25.79 18.45 50.50
CA VAL F 165 26.80 18.75 51.51
C VAL F 165 27.99 19.37 50.78
N GLY F 166 28.61 20.38 51.40
CA GLY F 166 29.75 21.04 50.79
C GLY F 166 31.07 20.31 50.94
N TRP F 167 31.26 19.27 50.14
CA TRP F 167 32.56 18.60 50.07
C TRP F 167 33.61 19.59 49.59
N GLU F 168 34.63 19.82 50.42
CA GLU F 168 35.77 20.66 50.04
C GLU F 168 36.79 19.84 49.25
N LEU F 169 36.52 19.68 47.96
CA LEU F 169 37.54 19.21 47.03
C LEU F 169 38.64 20.27 46.96
N GLU F 170 39.54 20.25 47.96
CA GLU F 170 40.48 21.34 48.17
C GLU F 170 41.38 21.55 46.95
N GLU F 171 42.25 20.58 46.66
CA GLU F 171 43.11 20.64 45.48
C GLU F 171 43.11 19.26 44.83
N VAL F 172 43.34 19.24 43.52
CA VAL F 172 43.43 17.98 42.78
C VAL F 172 44.69 18.04 41.92
N LEU F 173 45.44 16.94 41.88
CA LEU F 173 46.77 16.93 41.32
C LEU F 173 46.89 15.93 40.19
N LEU F 174 47.67 16.28 39.18
CA LEU F 174 48.06 15.38 38.11
C LEU F 174 49.58 15.23 38.14
N LEU F 175 50.04 13.99 38.15
CA LEU F 175 51.46 13.68 38.11
C LEU F 175 51.79 12.94 36.82
N ASP F 176 52.88 13.34 36.18
CA ASP F 176 53.32 12.73 34.93
C ASP F 176 54.35 11.67 35.25
N MET F 177 53.97 10.40 35.06
CA MET F 177 54.82 9.28 35.41
C MET F 177 55.52 8.65 34.21
N SER F 178 55.25 9.14 33.00
CA SER F 178 56.09 8.77 31.87
C SER F 178 57.37 9.58 31.83
N LEU F 179 57.53 10.57 32.70
CA LEU F 179 58.66 11.46 32.72
C LEU F 179 59.45 11.33 34.01
N ASP F 180 60.72 11.73 33.93
CA ASP F 180 61.64 11.66 35.06
C ASP F 180 61.23 12.62 36.16
N ASP F 181 61.59 12.26 37.40
CA ASP F 181 61.37 13.11 38.56
C ASP F 181 62.68 13.54 39.19
N GLY F 182 63.72 13.76 38.39
CA GLY F 182 64.91 14.42 38.88
C GLY F 182 64.71 15.87 39.23
N ASP F 183 63.56 16.44 38.86
CA ASP F 183 63.18 17.79 39.23
C ASP F 183 62.46 17.84 40.58
N SER F 184 61.96 16.71 41.05
CA SER F 184 61.02 16.64 42.16
C SER F 184 59.72 17.39 41.86
N LYS F 185 59.40 17.49 40.55
CA LYS F 185 58.06 17.90 40.08
C LYS F 185 56.96 17.30 40.91
N ILE F 186 57.03 15.98 41.10
CA ILE F 186 56.01 15.21 41.80
C ILE F 186 55.94 15.62 43.27
N GLN F 187 57.11 15.76 43.91
CA GLN F 187 57.17 16.25 45.29
C GLN F 187 56.48 17.60 45.43
N ASN F 188 56.85 18.55 44.57
CA ASN F 188 56.29 19.89 44.64
C ASN F 188 54.78 19.87 44.46
N GLN F 189 54.28 19.08 43.50
CA GLN F 189 52.84 18.97 43.35
C GLN F 189 52.19 18.43 44.62
N LEU F 190 52.76 17.38 45.22
CA LEU F 190 52.13 16.77 46.38
C LEU F 190 52.04 17.73 47.56
N LYS F 191 52.91 18.74 47.63
CA LYS F 191 52.79 19.68 48.73
C LYS F 191 51.53 20.55 48.66
N LYS F 192 50.87 20.62 47.49
CA LYS F 192 49.57 21.29 47.42
C LYS F 192 48.51 20.62 48.28
N LEU F 193 48.79 19.44 48.83
CA LEU F 193 47.83 18.70 49.62
C LEU F 193 47.98 19.07 51.10
N GLN F 194 46.93 19.68 51.65
CA GLN F 194 46.80 19.85 53.09
C GLN F 194 45.63 19.10 53.67
N SER F 195 44.68 18.68 52.82
CA SER F 195 43.42 18.14 53.28
C SER F 195 43.62 16.79 53.98
N PRO F 196 42.79 16.48 54.99
CA PRO F 196 43.00 15.25 55.75
C PRO F 196 42.95 13.98 54.91
N ILE F 197 42.07 13.90 53.93
CA ILE F 197 41.81 12.67 53.19
C ILE F 197 42.23 12.84 51.75
N ILE F 198 43.04 11.91 51.25
CA ILE F 198 43.56 11.98 49.89
C ILE F 198 43.20 10.69 49.15
N LEU F 199 42.74 10.86 47.91
CA LEU F 199 42.27 9.76 47.06
C LEU F 199 43.30 9.55 45.97
N LEU F 200 43.92 8.37 45.93
CA LEU F 200 45.01 8.13 44.99
C LEU F 200 44.59 7.11 43.94
N TYR F 201 44.70 7.49 42.67
CA TYR F 201 44.35 6.61 41.55
C TYR F 201 45.55 6.51 40.60
N CYS F 202 46.13 5.31 40.52
CA CYS F 202 47.23 5.00 39.61
C CYS F 202 47.47 3.51 39.68
N THR F 203 48.60 3.06 39.11
CA THR F 203 48.98 1.66 39.23
C THR F 203 49.65 1.41 40.57
N LYS F 204 49.68 0.14 40.97
CA LYS F 204 50.27 -0.24 42.26
C LYS F 204 51.72 0.22 42.36
N GLU F 205 52.50 0.05 41.30
CA GLU F 205 53.90 0.44 41.44
C GLU F 205 54.07 1.95 41.37
N GLU F 206 53.14 2.66 40.74
CA GLU F 206 53.15 4.10 40.87
C GLU F 206 52.74 4.52 42.27
N ALA F 207 51.80 3.81 42.89
CA ALA F 207 51.48 4.09 44.28
C ALA F 207 52.69 3.87 45.17
N THR F 208 53.54 2.89 44.83
CA THR F 208 54.77 2.68 45.58
C THR F 208 55.67 3.91 45.54
N TYR F 209 55.98 4.38 44.32
CA TYR F 209 56.83 5.57 44.18
C TYR F 209 56.18 6.80 44.84
N ILE F 210 54.91 7.02 44.52
CA ILE F 210 54.19 8.20 45.02
C ILE F 210 54.09 8.15 46.54
N PHE F 211 54.02 6.96 47.14
CA PHE F 211 53.99 6.90 48.59
C PHE F 211 55.37 7.05 49.19
N GLU F 212 56.44 6.68 48.48
CA GLU F 212 57.75 7.13 48.92
C GLU F 212 57.80 8.66 48.99
N VAL F 213 57.22 9.32 47.99
CA VAL F 213 57.23 10.79 47.97
C VAL F 213 56.34 11.36 49.08
N ALA F 214 55.07 10.93 49.11
CA ALA F 214 54.13 11.38 50.13
C ALA F 214 54.60 11.05 51.53
N ASN F 215 55.42 10.01 51.67
CA ASN F 215 56.10 9.76 52.93
C ASN F 215 57.15 10.82 53.17
N SER F 216 58.00 11.09 52.18
CA SER F 216 59.09 12.05 52.34
C SER F 216 58.60 13.46 52.64
N VAL F 217 57.34 13.78 52.38
CA VAL F 217 56.82 15.10 52.74
C VAL F 217 55.73 15.01 53.81
N GLY F 218 55.66 13.91 54.53
CA GLY F 218 54.85 13.81 55.72
C GLY F 218 53.36 13.59 55.52
N LEU F 219 52.91 13.38 54.29
CA LEU F 219 51.48 13.21 54.05
C LEU F 219 50.98 11.79 54.32
N THR F 220 51.90 10.82 54.45
CA THR F 220 51.50 9.52 54.97
C THR F 220 51.36 9.53 56.49
N GLY F 221 51.90 10.56 57.15
CA GLY F 221 51.74 10.68 58.59
C GLY F 221 50.28 10.80 58.97
N TYR F 222 50.03 10.89 60.25
CA TYR F 222 48.64 10.85 60.60
C TYR F 222 48.07 12.15 61.07
N GLY F 223 46.78 12.04 61.22
CA GLY F 223 46.02 13.16 60.76
C GLY F 223 45.73 13.08 59.28
N TYR F 224 46.31 12.10 58.57
CA TYR F 224 46.09 11.90 57.15
C TYR F 224 45.73 10.46 56.87
N THR F 225 44.74 10.28 56.01
CA THR F 225 44.23 8.98 55.64
C THR F 225 43.95 8.94 54.15
N TRP F 226 44.30 7.81 53.54
CA TRP F 226 44.24 7.65 52.10
C TRP F 226 43.22 6.58 51.73
N ILE F 227 42.49 6.85 50.65
CA ILE F 227 41.57 5.88 50.08
C ILE F 227 41.98 5.65 48.63
N VAL F 228 42.17 4.38 48.27
CA VAL F 228 42.74 4.02 46.97
C VAL F 228 41.98 2.81 46.43
N PRO F 229 41.61 2.80 45.14
CA PRO F 229 40.79 1.70 44.61
C PRO F 229 41.51 0.38 44.50
N SER F 230 40.84 -0.59 43.87
CA SER F 230 41.36 -1.96 43.74
C SER F 230 42.55 -2.04 42.79
N LEU F 231 42.79 -1.02 41.97
CA LEU F 231 43.89 -1.05 41.03
C LEU F 231 45.26 -0.97 41.71
N VAL F 232 45.30 -0.64 42.99
CA VAL F 232 46.52 -0.63 43.75
C VAL F 232 46.56 -1.74 44.81
N ALA F 233 45.41 -2.13 45.36
CA ALA F 233 45.37 -3.25 46.28
C ALA F 233 45.97 -4.50 45.63
N GLY F 234 45.50 -4.86 44.44
CA GLY F 234 46.06 -5.98 43.70
C GLY F 234 45.95 -7.26 44.48
N ASP F 235 47.02 -8.06 44.43
CA ASP F 235 47.13 -9.20 45.32
C ASP F 235 47.10 -8.68 46.75
N THR F 236 45.92 -8.73 47.38
CA THR F 236 45.73 -8.16 48.71
C THR F 236 46.66 -8.74 49.75
N ASP F 237 47.44 -9.76 49.41
CA ASP F 237 48.40 -10.38 50.33
C ASP F 237 49.77 -9.72 50.31
N THR F 238 50.04 -8.88 49.31
CA THR F 238 51.38 -8.31 49.12
C THR F 238 51.33 -6.80 49.33
N VAL F 239 52.00 -6.34 50.39
CA VAL F 239 52.22 -4.91 50.62
C VAL F 239 53.72 -4.68 50.70
N PRO F 240 54.33 -4.07 49.69
CA PRO F 240 55.78 -3.84 49.73
C PRO F 240 56.17 -2.95 50.91
N SER F 241 57.45 -3.08 51.31
CA SER F 241 58.02 -2.35 52.45
C SER F 241 58.05 -0.84 52.23
N GLU F 242 57.44 -0.33 51.17
CA GLU F 242 57.45 1.09 50.84
C GLU F 242 56.12 1.76 51.15
N PHE F 243 55.15 1.03 51.69
CA PHE F 243 53.78 1.49 51.88
C PHE F 243 53.53 1.89 53.33
N PRO F 244 52.78 2.97 53.54
CA PRO F 244 52.34 3.30 54.90
C PRO F 244 51.18 2.43 55.34
N THR F 245 50.92 2.44 56.64
CA THR F 245 49.76 1.73 57.16
C THR F 245 48.59 2.68 57.31
N GLY F 246 47.52 2.18 57.93
CA GLY F 246 46.28 2.94 57.98
C GLY F 246 45.80 3.38 56.62
N LEU F 247 45.94 2.51 55.63
CA LEU F 247 45.40 2.84 54.32
C LEU F 247 44.05 2.16 54.16
N ILE F 248 43.21 2.71 53.29
CA ILE F 248 41.91 2.11 53.04
C ILE F 248 41.77 1.84 51.55
N SER F 249 41.16 0.70 51.23
CA SER F 249 40.95 0.33 49.83
C SER F 249 39.64 -0.42 49.69
N VAL F 250 39.20 -0.54 48.45
CA VAL F 250 38.14 -1.44 48.07
C VAL F 250 38.74 -2.51 47.18
N SER F 251 38.11 -3.68 47.15
CA SER F 251 38.57 -4.68 46.20
C SER F 251 37.46 -5.70 45.96
N TYR F 252 37.66 -6.50 44.91
CA TYR F 252 36.86 -7.69 44.72
C TYR F 252 37.09 -8.64 45.87
N ASP F 253 36.01 -9.13 46.47
CA ASP F 253 36.09 -9.96 47.67
C ASP F 253 36.56 -11.35 47.28
N GLU F 254 37.83 -11.42 46.91
CA GLU F 254 38.45 -12.66 46.43
C GLU F 254 38.59 -13.71 47.52
N TRP F 255 38.33 -13.35 48.78
CA TRP F 255 38.41 -14.33 49.87
C TRP F 255 37.12 -15.13 50.00
N ASP F 256 35.97 -14.48 49.84
CA ASP F 256 34.68 -15.13 49.95
C ASP F 256 34.04 -15.41 48.60
N TYR F 257 34.78 -15.20 47.51
CA TYR F 257 34.36 -15.56 46.16
C TYR F 257 35.61 -16.18 45.52
N GLY F 258 35.77 -17.48 45.71
CA GLY F 258 37.00 -18.15 45.34
C GLY F 258 37.17 -18.36 43.85
N LEU F 259 38.32 -18.92 43.49
CA LEU F 259 38.59 -19.17 42.07
C LEU F 259 37.64 -20.17 41.43
N PRO F 260 37.26 -21.29 42.06
CA PRO F 260 36.29 -22.19 41.41
C PRO F 260 35.00 -21.49 41.01
N ALA F 261 34.50 -20.59 41.85
CA ALA F 261 33.28 -19.85 41.52
C ALA F 261 33.47 -18.99 40.28
N ARG F 262 34.58 -18.25 40.21
CA ARG F 262 34.82 -17.39 39.06
C ARG F 262 35.11 -18.18 37.79
N VAL F 263 35.71 -19.37 37.91
CA VAL F 263 35.95 -20.21 36.74
C VAL F 263 34.63 -20.79 36.23
N ARG F 264 33.79 -21.25 37.15
CA ARG F 264 32.46 -21.71 36.78
C ARG F 264 31.70 -20.60 36.05
N ASP F 265 31.75 -19.39 36.60
CA ASP F 265 31.17 -18.23 35.92
C ASP F 265 31.81 -18.02 34.56
N GLY F 266 33.13 -18.18 34.45
CA GLY F 266 33.81 -17.89 33.21
C GLY F 266 33.36 -18.78 32.07
N ILE F 267 33.29 -20.09 32.33
CA ILE F 267 32.80 -20.99 31.29
C ILE F 267 31.32 -20.77 31.03
N ALA F 268 30.54 -20.52 32.09
CA ALA F 268 29.10 -20.50 31.91
C ALA F 268 28.64 -19.24 31.16
N ILE F 269 29.31 -18.10 31.37
CA ILE F 269 29.06 -16.92 30.53
C ILE F 269 29.14 -17.28 29.06
N ILE F 270 30.32 -17.77 28.65
CA ILE F 270 30.60 -18.03 27.24
C ILE F 270 29.63 -19.06 26.68
N THR F 271 29.35 -20.12 27.45
CA THR F 271 28.53 -21.20 26.92
C THR F 271 27.06 -20.81 26.83
N THR F 272 26.55 -20.05 27.81
CA THR F 272 25.20 -19.53 27.70
C THR F 272 25.07 -18.62 26.48
N ALA F 273 26.08 -17.78 26.24
CA ALA F 273 26.09 -16.94 25.05
C ALA F 273 26.02 -17.78 23.78
N ALA F 274 26.87 -18.82 23.72
CA ALA F 274 26.86 -19.72 22.56
C ALA F 274 25.49 -20.31 22.32
N SER F 275 24.87 -20.83 23.39
CA SER F 275 23.55 -21.44 23.28
C SER F 275 22.55 -20.49 22.65
N ASP F 276 22.44 -19.28 23.19
CA ASP F 276 21.37 -18.39 22.75
C ASP F 276 21.61 -17.87 21.34
N MET F 277 22.85 -17.43 21.05
CA MET F 277 23.14 -16.94 19.70
C MET F 277 22.89 -18.02 18.65
N LEU F 278 23.35 -19.25 18.92
CA LEU F 278 23.15 -20.32 17.94
C LEU F 278 21.68 -20.71 17.84
N SER F 279 20.96 -20.70 18.96
CA SER F 279 19.56 -21.08 18.93
C SER F 279 18.72 -20.10 18.14
N GLU F 280 19.15 -18.84 18.05
CA GLU F 280 18.33 -17.86 17.35
C GLU F 280 18.85 -17.46 15.97
N HIS F 281 20.16 -17.37 15.75
CA HIS F 281 20.72 -17.02 14.45
C HIS F 281 21.30 -18.20 13.70
N SER F 282 21.25 -19.41 14.28
CA SER F 282 21.62 -20.66 13.62
C SER F 282 23.11 -20.77 13.31
N PHE F 283 23.97 -19.96 13.90
CA PHE F 283 25.39 -20.19 13.72
C PHE F 283 26.19 -19.60 14.88
N ILE F 284 27.39 -20.14 15.07
CA ILE F 284 28.39 -19.61 15.98
C ILE F 284 29.62 -19.27 15.14
N PRO F 285 30.16 -18.05 15.22
CA PRO F 285 31.23 -17.65 14.30
C PRO F 285 32.41 -18.62 14.31
N GLU F 286 32.98 -18.84 13.11
CA GLU F 286 34.09 -19.76 12.92
C GLU F 286 35.41 -19.06 13.25
N PRO F 287 36.35 -19.76 13.89
CA PRO F 287 37.56 -19.09 14.42
C PRO F 287 38.51 -18.67 13.31
N LYS F 288 38.82 -17.38 13.20
CA LYS F 288 39.86 -17.05 12.23
C LYS F 288 41.20 -17.22 12.92
N SER F 289 41.81 -18.37 12.67
CA SER F 289 43.14 -18.78 13.10
C SER F 289 44.24 -17.84 12.60
N SER F 290 43.86 -16.76 11.93
CA SER F 290 44.83 -15.87 11.30
C SER F 290 45.68 -15.17 12.35
N CYS F 291 46.99 -15.17 12.12
CA CYS F 291 47.93 -14.44 12.97
C CYS F 291 48.84 -13.59 12.11
N GLN F 301 31.42 -9.87 9.09
CA GLN F 301 31.75 -10.49 10.37
C GLN F 301 31.12 -9.70 11.52
N SER F 302 30.61 -10.43 12.52
CA SER F 302 29.87 -9.81 13.60
C SER F 302 30.40 -10.27 14.95
N ASN F 303 30.55 -9.31 15.85
CA ASN F 303 30.70 -9.57 17.27
C ASN F 303 29.34 -9.73 17.92
N MET F 304 28.37 -10.31 17.21
CA MET F 304 27.01 -10.39 17.73
C MET F 304 26.97 -10.97 19.14
N LEU F 305 27.93 -11.84 19.45
CA LEU F 305 28.04 -12.42 20.79
C LEU F 305 27.98 -11.38 21.89
N ASN F 306 28.51 -10.18 21.65
CA ASN F 306 28.50 -9.14 22.67
C ASN F 306 27.10 -8.91 23.21
N ARG F 307 26.09 -8.86 22.34
CA ARG F 307 24.72 -8.75 22.82
C ARG F 307 24.41 -9.85 23.82
N TYR F 308 24.68 -11.08 23.45
CA TYR F 308 24.45 -12.23 24.33
C TYR F 308 25.54 -12.39 25.37
N LEU F 309 26.59 -11.58 25.33
CA LEU F 309 27.58 -11.55 26.40
C LEU F 309 27.29 -10.47 27.43
N ILE F 310 26.56 -9.43 27.06
CA ILE F 310 26.16 -8.41 28.02
C ILE F 310 25.18 -9.00 29.04
N ASN F 311 24.05 -9.50 28.56
CA ASN F 311 22.95 -9.94 29.41
C ASN F 311 23.01 -11.46 29.51
N VAL F 312 23.45 -11.97 30.67
CA VAL F 312 23.77 -13.38 30.84
C VAL F 312 23.21 -13.88 32.17
N THR F 313 22.77 -15.14 32.20
CA THR F 313 22.20 -15.74 33.40
C THR F 313 22.47 -17.24 33.41
N PHE F 314 22.93 -17.73 34.55
CA PHE F 314 23.05 -19.16 34.87
C PHE F 314 23.21 -19.28 36.38
N GLU F 315 23.50 -20.49 36.85
CA GLU F 315 23.59 -20.82 38.27
C GLU F 315 22.58 -20.10 39.14
N GLY F 316 21.47 -19.61 38.59
CA GLY F 316 20.68 -18.85 39.52
C GLY F 316 21.26 -17.49 39.85
N ARG F 317 22.35 -17.08 39.26
CA ARG F 317 22.74 -15.72 39.55
C ARG F 317 22.83 -14.89 38.29
N ASP F 318 23.28 -13.66 38.51
CA ASP F 318 23.19 -12.56 37.57
C ASP F 318 24.61 -12.27 37.08
N LEU F 319 24.87 -12.63 35.82
CA LEU F 319 26.18 -12.52 35.22
C LEU F 319 26.16 -11.54 34.06
N SER F 320 25.33 -10.52 34.19
CA SER F 320 25.24 -9.46 33.20
C SER F 320 26.40 -8.49 33.36
N PHE F 321 26.95 -8.09 32.23
CA PHE F 321 27.93 -7.02 32.19
C PHE F 321 27.24 -5.73 31.75
N SER F 322 27.83 -4.60 32.16
CA SER F 322 27.31 -3.33 31.66
C SER F 322 27.64 -3.17 30.19
N GLU F 323 26.81 -2.40 29.50
CA GLU F 323 27.12 -1.91 28.17
C GLU F 323 28.56 -1.40 28.09
N ASP F 324 29.03 -0.81 29.19
CA ASP F 324 30.37 -0.26 29.28
C ASP F 324 31.44 -1.35 29.16
N GLY F 325 31.14 -2.56 29.63
CA GLY F 325 32.09 -3.65 29.55
C GLY F 325 32.61 -4.11 30.90
N TYR F 326 31.80 -3.94 31.94
CA TYR F 326 32.17 -4.33 33.29
C TYR F 326 30.95 -4.91 33.99
N GLN F 327 31.22 -5.72 35.01
CA GLN F 327 30.15 -6.42 35.72
C GLN F 327 29.15 -5.45 36.29
N MET F 328 27.87 -5.72 36.05
CA MET F 328 26.82 -4.95 36.72
C MET F 328 26.80 -5.21 38.22
N HIS F 329 27.23 -6.39 38.66
CA HIS F 329 27.13 -6.79 40.07
C HIS F 329 28.45 -7.38 40.53
N PRO F 330 29.46 -6.54 40.71
CA PRO F 330 30.69 -7.00 41.36
C PRO F 330 30.47 -7.12 42.86
N LYS F 331 31.10 -8.11 43.47
CA LYS F 331 31.02 -8.33 44.91
C LYS F 331 32.20 -7.64 45.55
N LEU F 332 31.92 -6.74 46.49
CA LEU F 332 32.93 -5.83 47.01
C LEU F 332 33.26 -6.13 48.47
N VAL F 333 34.51 -5.90 48.83
CA VAL F 333 34.94 -5.87 50.22
C VAL F 333 35.71 -4.57 50.45
N ILE F 334 35.51 -3.98 51.62
CA ILE F 334 36.12 -2.72 52.02
C ILE F 334 37.14 -3.05 53.11
N ILE F 335 38.41 -2.70 52.85
CA ILE F 335 39.54 -3.23 53.59
C ILE F 335 40.42 -2.11 54.13
N LEU F 336 41.12 -2.42 55.22
CA LEU F 336 42.04 -1.50 55.89
C LEU F 336 43.41 -2.16 55.96
N LEU F 337 44.46 -1.42 55.61
CA LEU F 337 45.83 -1.83 55.88
C LEU F 337 46.16 -1.38 57.31
N ASN F 338 46.36 -2.37 58.19
CA ASN F 338 46.16 -2.30 59.63
C ASN F 338 47.47 -2.29 60.42
N LYS F 339 47.34 -2.52 61.73
CA LYS F 339 48.43 -2.65 62.69
C LYS F 339 49.58 -3.52 62.20
N GLU F 340 49.25 -4.61 61.51
CA GLU F 340 50.21 -5.65 61.18
C GLU F 340 50.54 -5.71 59.70
N ARG F 341 50.23 -4.64 58.96
CA ARG F 341 50.52 -4.54 57.52
C ARG F 341 49.86 -5.67 56.74
N LYS F 342 48.63 -6.00 57.11
CA LYS F 342 47.80 -6.96 56.39
C LYS F 342 46.42 -6.37 56.20
N TRP F 343 45.83 -6.59 55.02
CA TRP F 343 44.53 -6.02 54.74
C TRP F 343 43.45 -6.72 55.56
N GLU F 344 42.58 -5.92 56.15
CA GLU F 344 41.64 -6.34 57.19
C GLU F 344 40.24 -6.07 56.65
N ARG F 345 39.35 -7.06 56.77
CA ARG F 345 37.97 -6.93 56.27
C ARG F 345 37.14 -6.09 57.24
N VAL F 346 37.01 -4.79 56.97
CA VAL F 346 36.31 -3.86 57.84
C VAL F 346 34.87 -3.62 57.39
N LYS G 3 27.06 -19.11 -9.96
CA LYS G 3 26.10 -18.50 -9.05
C LYS G 3 25.03 -19.54 -8.69
N LEU G 4 23.74 -19.21 -8.72
CA LEU G 4 22.74 -20.14 -8.19
C LEU G 4 21.48 -20.12 -9.03
N GLN G 5 20.80 -21.26 -9.09
CA GLN G 5 19.51 -21.34 -9.78
C GLN G 5 18.64 -22.42 -9.17
N GLU G 6 17.36 -22.09 -8.94
CA GLU G 6 16.38 -23.03 -8.38
C GLU G 6 15.89 -24.02 -9.44
N SER G 7 15.38 -25.15 -8.95
CA SER G 7 14.76 -26.15 -9.82
C SER G 7 13.96 -27.14 -8.98
N GLY G 8 12.90 -27.66 -9.58
CA GLY G 8 12.08 -28.69 -9.02
C GLY G 8 10.68 -28.29 -8.58
N GLY G 9 10.12 -27.20 -9.13
CA GLY G 9 8.85 -26.69 -8.68
C GLY G 9 7.65 -27.43 -9.26
N GLY G 10 6.48 -26.81 -9.12
CA GLY G 10 5.28 -27.38 -9.71
C GLY G 10 4.09 -27.22 -8.79
N SER G 11 3.09 -28.08 -9.01
CA SER G 11 1.83 -28.03 -8.29
C SER G 11 1.52 -29.41 -7.71
N VAL G 12 1.19 -29.43 -6.42
CA VAL G 12 0.77 -30.68 -5.76
C VAL G 12 -0.39 -30.41 -4.82
N LYS G 13 -0.94 -31.49 -4.26
CA LYS G 13 -2.20 -31.46 -3.56
C LYS G 13 -2.01 -31.28 -2.06
N LEU G 14 -3.14 -31.01 -1.39
CA LEU G 14 -3.12 -30.76 0.04
C LEU G 14 -2.60 -31.96 0.80
N GLY G 15 -1.86 -31.70 1.88
CA GLY G 15 -1.27 -32.76 2.67
C GLY G 15 -0.15 -33.53 2.01
N GLY G 16 0.15 -33.24 0.75
CA GLY G 16 1.19 -33.93 0.03
C GLY G 16 2.56 -33.34 0.31
N SER G 17 3.48 -33.61 -0.61
CA SER G 17 4.87 -33.19 -0.44
C SER G 17 5.49 -32.86 -1.78
N LEU G 18 6.53 -32.03 -1.73
CA LEU G 18 7.28 -31.59 -2.91
C LEU G 18 8.68 -31.21 -2.46
N LYS G 19 9.68 -31.62 -3.22
CA LYS G 19 11.07 -31.32 -2.90
C LYS G 19 11.64 -30.32 -3.90
N LEU G 20 12.13 -29.20 -3.40
CA LEU G 20 12.79 -28.18 -4.18
C LEU G 20 14.29 -28.24 -3.92
N SER G 21 15.08 -27.89 -4.92
CA SER G 21 16.52 -27.81 -4.69
C SER G 21 17.09 -26.75 -5.61
N CYS G 22 18.35 -26.40 -5.38
CA CYS G 22 18.97 -25.42 -6.24
C CYS G 22 20.44 -25.73 -6.46
N VAL G 23 20.87 -25.43 -7.70
CA VAL G 23 22.22 -25.60 -8.21
C VAL G 23 23.08 -24.44 -7.74
N VAL G 24 24.29 -24.77 -7.29
CA VAL G 24 25.23 -23.87 -6.64
C VAL G 24 26.50 -23.81 -7.48
N SER G 25 27.07 -22.61 -7.61
CA SER G 25 28.24 -22.42 -8.47
C SER G 25 28.99 -21.17 -8.06
N GLY G 26 30.28 -21.31 -7.81
CA GLY G 26 31.17 -20.17 -7.70
C GLY G 26 31.58 -19.76 -6.30
N PHE G 27 31.19 -20.53 -5.26
CA PHE G 27 31.32 -20.17 -3.83
C PHE G 27 31.74 -21.40 -3.03
N THR G 28 32.69 -21.27 -2.09
CA THR G 28 32.94 -22.38 -1.18
C THR G 28 31.64 -22.63 -0.41
N PHE G 29 30.85 -23.56 -0.92
CA PHE G 29 29.49 -23.81 -0.41
C PHE G 29 29.51 -24.19 1.06
N SER G 30 30.57 -24.86 1.52
CA SER G 30 30.59 -25.37 2.88
C SER G 30 30.84 -24.29 3.92
N THR G 31 30.96 -23.03 3.54
CA THR G 31 31.16 -21.93 4.48
C THR G 31 29.97 -20.99 4.54
N TYR G 32 28.80 -21.48 4.10
CA TYR G 32 27.66 -20.73 3.56
C TYR G 32 26.40 -20.98 4.39
N TYR G 33 25.86 -19.95 5.05
CA TYR G 33 24.60 -20.13 5.75
C TYR G 33 23.47 -19.88 4.76
N MET G 34 22.66 -20.88 4.48
CA MET G 34 21.71 -20.73 3.40
C MET G 34 20.26 -20.80 3.87
N SER G 35 19.41 -20.05 3.15
CA SER G 35 18.07 -19.69 3.55
C SER G 35 17.09 -19.93 2.41
N TRP G 36 15.83 -20.11 2.81
CA TRP G 36 14.69 -20.33 1.95
C TRP G 36 13.63 -19.31 2.34
N VAL G 37 13.15 -18.53 1.36
CA VAL G 37 12.16 -17.50 1.62
C VAL G 37 10.95 -17.67 0.71
N ARG G 38 9.86 -17.05 1.13
CA ARG G 38 8.55 -17.17 0.53
C ARG G 38 8.09 -15.81 0.04
N GLN G 39 7.73 -15.70 -1.22
CA GLN G 39 6.94 -14.59 -1.72
C GLN G 39 5.52 -15.11 -1.87
N THR G 40 4.65 -14.74 -0.94
CA THR G 40 3.24 -15.03 -1.11
C THR G 40 2.74 -14.34 -2.38
N PRO G 41 1.82 -14.96 -3.12
CA PRO G 41 1.33 -14.31 -4.35
C PRO G 41 0.77 -12.92 -4.14
N GLU G 42 0.42 -12.55 -2.90
CA GLU G 42 0.04 -11.18 -2.54
C GLU G 42 1.23 -10.23 -2.49
N LYS G 43 2.39 -10.71 -2.91
CA LYS G 43 3.62 -9.92 -2.94
C LYS G 43 3.97 -9.37 -1.56
N ARG G 44 4.21 -10.32 -0.65
CA ARG G 44 4.82 -10.06 0.64
C ARG G 44 5.86 -11.15 0.87
N LEU G 45 7.00 -10.77 1.43
CA LEU G 45 8.08 -11.72 1.64
C LEU G 45 8.05 -12.24 3.07
N GLU G 46 8.48 -13.49 3.22
CA GLU G 46 8.47 -14.16 4.51
C GLU G 46 9.57 -15.20 4.53
N LEU G 47 10.23 -15.34 5.68
CA LEU G 47 11.31 -16.32 5.81
C LEU G 47 10.73 -17.69 6.10
N VAL G 48 11.16 -18.68 5.33
CA VAL G 48 10.66 -20.04 5.45
C VAL G 48 11.60 -20.93 6.26
N ALA G 49 12.91 -20.83 6.03
CA ALA G 49 13.80 -21.69 6.80
C ALA G 49 15.25 -21.29 6.57
N VAL G 50 16.10 -21.60 7.55
CA VAL G 50 17.53 -21.33 7.42
C VAL G 50 18.32 -22.50 7.99
N ILE G 51 19.54 -22.70 7.49
CA ILE G 51 20.39 -23.78 7.94
C ILE G 51 21.83 -23.32 8.07
N ASN G 52 22.51 -23.87 9.09
CA ASN G 52 23.87 -23.62 9.49
C ASN G 52 24.87 -23.99 8.39
N SER G 53 26.17 -23.76 8.65
CA SER G 53 27.21 -24.24 7.77
C SER G 53 27.11 -25.74 7.51
N ASN G 54 26.45 -26.48 8.44
CA ASN G 54 26.64 -27.91 8.60
C ASN G 54 25.42 -28.68 9.08
N GLY G 55 24.20 -28.14 9.02
CA GLY G 55 23.08 -28.82 9.63
C GLY G 55 22.94 -28.63 11.12
N GLY G 56 23.96 -28.08 11.78
CA GLY G 56 23.96 -27.93 13.23
C GLY G 56 22.77 -27.18 13.78
N ASN G 57 22.09 -26.40 12.95
CA ASN G 57 20.84 -25.76 13.35
C ASN G 57 19.94 -25.67 12.13
N THR G 58 18.81 -26.36 12.18
CA THR G 58 17.74 -26.20 11.19
C THR G 58 16.66 -25.32 11.84
N TYR G 59 16.48 -24.11 11.31
CA TYR G 59 15.46 -23.22 11.82
C TYR G 59 14.31 -23.13 10.83
N TYR G 60 13.10 -23.18 11.38
CA TYR G 60 11.86 -22.89 10.70
C TYR G 60 11.04 -21.98 11.60
N PRO G 61 10.33 -21.01 11.05
CA PRO G 61 9.29 -20.35 11.84
C PRO G 61 8.20 -21.36 12.15
N ASP G 62 7.47 -21.11 13.24
CA ASP G 62 6.43 -22.04 13.64
C ASP G 62 5.35 -22.20 12.58
N ASN G 63 5.38 -21.40 11.52
CA ASN G 63 4.39 -21.49 10.45
C ASN G 63 4.57 -22.76 9.62
N VAL G 64 5.81 -23.21 9.44
CA VAL G 64 6.07 -24.39 8.63
C VAL G 64 6.96 -25.36 9.39
N LYS G 65 7.19 -25.10 10.68
CA LYS G 65 7.96 -26.03 11.49
C LYS G 65 7.27 -27.39 11.53
N GLY G 66 8.05 -28.43 11.31
CA GLY G 66 7.50 -29.77 11.13
C GLY G 66 7.00 -29.96 9.71
N ARG G 67 6.34 -28.93 9.19
CA ARG G 67 5.80 -29.00 7.83
C ARG G 67 6.92 -29.11 6.79
N PHE G 68 8.04 -28.42 7.03
CA PHE G 68 9.13 -28.34 6.06
C PHE G 68 10.42 -28.91 6.66
N THR G 69 11.43 -29.09 5.81
CA THR G 69 12.74 -29.54 6.27
C THR G 69 13.81 -29.16 5.26
N ILE G 70 14.94 -28.61 5.74
CA ILE G 70 16.08 -28.23 4.90
C ILE G 70 17.14 -29.31 4.96
N SER G 71 17.83 -29.51 3.84
CA SER G 71 19.03 -30.34 3.77
C SER G 71 20.11 -29.63 2.97
N ARG G 72 21.33 -30.03 3.24
CA ARG G 72 22.50 -29.54 2.54
C ARG G 72 23.23 -30.73 1.92
N ASP G 73 23.95 -30.46 0.85
CA ASP G 73 25.00 -31.37 0.38
C ASP G 73 26.24 -30.51 0.19
N ASN G 74 27.18 -30.64 1.15
CA ASN G 74 28.42 -29.87 1.19
C ASN G 74 29.47 -30.37 0.21
N ALA G 75 29.31 -31.56 -0.34
CA ALA G 75 30.21 -32.06 -1.37
C ALA G 75 29.68 -31.82 -2.77
N GLU G 76 28.40 -32.08 -3.00
CA GLU G 76 27.78 -31.89 -4.31
C GLU G 76 27.15 -30.51 -4.45
N ASN G 77 27.35 -29.62 -3.48
CA ASN G 77 26.92 -28.24 -3.54
C ASN G 77 25.43 -28.12 -3.89
N THR G 78 24.59 -28.67 -3.03
CA THR G 78 23.15 -28.58 -3.32
C THR G 78 22.41 -28.05 -2.11
N LEU G 79 21.51 -27.08 -2.35
CA LEU G 79 20.57 -26.65 -1.34
C LEU G 79 19.25 -27.39 -1.54
N TYR G 80 18.70 -27.94 -0.45
CA TYR G 80 17.58 -28.88 -0.47
C TYR G 80 16.49 -28.40 0.48
N LEU G 81 15.23 -28.56 0.07
CA LEU G 81 14.12 -28.33 1.01
C LEU G 81 12.95 -29.19 0.59
N GLN G 82 12.48 -30.06 1.48
CA GLN G 82 11.25 -30.81 1.26
C GLN G 82 10.13 -30.19 2.07
N MET G 83 9.00 -29.95 1.41
CA MET G 83 7.78 -29.48 2.05
C MET G 83 6.77 -30.63 2.07
N SER G 84 6.11 -30.81 3.21
CA SER G 84 5.24 -31.97 3.39
C SER G 84 4.11 -31.61 4.33
N SER G 85 3.05 -32.42 4.30
CA SER G 85 1.80 -32.13 5.01
C SER G 85 1.31 -30.73 4.67
N LEU G 86 1.23 -30.45 3.37
CA LEU G 86 1.07 -29.10 2.87
C LEU G 86 -0.36 -28.59 3.09
N LYS G 87 -0.46 -27.26 3.14
CA LYS G 87 -1.72 -26.55 3.17
C LYS G 87 -1.80 -25.61 1.97
N SER G 88 -3.01 -25.14 1.67
CA SER G 88 -3.19 -24.14 0.63
C SER G 88 -2.40 -22.87 0.94
N GLU G 89 -2.03 -22.67 2.21
CA GLU G 89 -1.27 -21.49 2.61
C GLU G 89 0.12 -21.46 1.99
N ASP G 90 0.65 -22.61 1.58
CA ASP G 90 2.03 -22.72 1.15
C ASP G 90 2.23 -22.40 -0.33
N THR G 91 1.18 -21.99 -1.04
CA THR G 91 1.33 -21.57 -2.43
C THR G 91 2.12 -20.26 -2.48
N ALA G 92 3.23 -20.26 -3.22
CA ALA G 92 4.09 -19.08 -3.24
C ALA G 92 5.21 -19.28 -4.26
N LEU G 93 5.95 -18.20 -4.49
CA LEU G 93 7.22 -18.28 -5.20
C LEU G 93 8.32 -18.45 -4.18
N TYR G 94 9.13 -19.50 -4.31
CA TYR G 94 10.14 -19.83 -3.32
C TYR G 94 11.52 -19.47 -3.84
N TYR G 95 12.29 -18.77 -3.00
CA TYR G 95 13.65 -18.37 -3.34
C TYR G 95 14.66 -19.02 -2.42
N CYS G 96 15.83 -19.29 -2.99
CA CYS G 96 17.03 -19.62 -2.24
C CYS G 96 17.87 -18.35 -2.09
N ALA G 97 18.37 -18.13 -0.88
CA ALA G 97 19.24 -16.99 -0.61
C ALA G 97 20.31 -17.45 0.36
N ARG G 98 21.26 -16.56 0.65
CA ARG G 98 22.42 -17.14 1.29
C ARG G 98 23.26 -16.05 1.95
N ARG G 99 23.78 -16.36 3.11
CA ARG G 99 24.00 -15.31 4.07
C ARG G 99 25.46 -14.88 4.06
N ASP G 100 25.81 -13.93 4.92
CA ASP G 100 26.90 -13.01 4.61
C ASP G 100 28.07 -13.14 5.56
N TYR G 101 28.23 -14.30 6.17
CA TYR G 101 29.53 -14.62 6.75
C TYR G 101 29.70 -14.00 8.13
N ASP G 102 29.07 -14.61 9.12
CA ASP G 102 29.24 -14.30 10.53
C ASP G 102 28.75 -12.91 10.96
N GLY G 103 27.62 -12.39 10.43
CA GLY G 103 26.90 -12.82 9.25
C GLY G 103 25.50 -13.39 9.31
N PHE G 104 24.50 -12.52 9.31
CA PHE G 104 23.09 -12.91 9.39
C PHE G 104 22.33 -12.68 8.09
N ALA G 105 22.46 -11.49 7.49
CA ALA G 105 21.60 -11.05 6.40
C ALA G 105 21.68 -12.03 5.22
N MET G 106 20.75 -11.85 4.28
CA MET G 106 20.70 -12.67 3.06
C MET G 106 21.38 -11.91 1.94
N ASP G 107 22.65 -12.27 1.70
CA ASP G 107 23.51 -11.65 0.69
C ASP G 107 22.96 -11.77 -0.73
N TYR G 108 23.02 -12.97 -1.28
CA TYR G 108 22.74 -13.21 -2.68
C TYR G 108 21.53 -14.12 -2.80
N TRP G 109 20.77 -13.92 -3.87
CA TRP G 109 19.46 -14.55 -4.03
C TRP G 109 19.39 -15.31 -5.34
N GLY G 110 18.57 -16.35 -5.33
CA GLY G 110 18.24 -17.07 -6.55
C GLY G 110 17.13 -16.37 -7.31
N GLN G 111 16.57 -17.08 -8.27
CA GLN G 111 15.57 -16.52 -9.15
C GLN G 111 14.15 -16.95 -8.83
N GLY G 112 13.99 -18.04 -8.08
CA GLY G 112 12.69 -18.47 -7.60
C GLY G 112 12.01 -19.50 -8.46
N THR G 113 11.41 -20.50 -7.82
CA THR G 113 10.58 -21.48 -8.50
C THR G 113 9.18 -21.47 -7.89
N SER G 114 8.17 -21.75 -8.71
CA SER G 114 6.79 -21.59 -8.30
C SER G 114 6.25 -22.88 -7.70
N VAL G 115 5.64 -22.75 -6.52
CA VAL G 115 4.95 -23.87 -5.87
C VAL G 115 3.48 -23.49 -5.77
N THR G 116 2.64 -24.30 -6.40
CA THR G 116 1.20 -24.12 -6.35
C THR G 116 0.57 -25.31 -5.62
N VAL G 117 -0.09 -25.01 -4.52
CA VAL G 117 -0.72 -26.01 -3.66
C VAL G 117 -2.22 -26.00 -3.96
N SER G 118 -2.68 -27.05 -4.64
CA SER G 118 -4.09 -27.22 -4.94
C SER G 118 -4.29 -28.66 -5.39
N SER G 119 -5.55 -29.05 -5.49
CA SER G 119 -5.90 -30.39 -5.96
C SER G 119 -5.99 -30.49 -7.47
N ALA G 120 -5.85 -29.38 -8.19
CA ALA G 120 -6.19 -29.34 -9.61
C ALA G 120 -5.22 -30.18 -10.43
N LYS G 121 -5.67 -30.54 -11.64
CA LYS G 121 -4.93 -31.40 -12.54
C LYS G 121 -4.16 -30.56 -13.55
N THR G 122 -3.02 -31.10 -13.99
CA THR G 122 -2.16 -30.40 -14.94
C THR G 122 -2.83 -30.34 -16.31
N THR G 123 -2.80 -29.17 -16.92
CA THR G 123 -3.28 -29.02 -18.29
C THR G 123 -2.44 -28.00 -19.04
N PRO G 124 -1.86 -28.39 -20.18
CA PRO G 124 -1.05 -27.45 -20.95
C PRO G 124 -1.94 -26.43 -21.65
N PRO G 125 -1.37 -25.33 -22.12
CA PRO G 125 -2.17 -24.34 -22.83
C PRO G 125 -2.31 -24.66 -24.30
N SER G 126 -3.29 -24.04 -24.93
CA SER G 126 -3.36 -23.97 -26.38
C SER G 126 -2.83 -22.62 -26.82
N VAL G 127 -2.05 -22.62 -27.90
CA VAL G 127 -1.40 -21.41 -28.41
C VAL G 127 -2.00 -21.06 -29.75
N TYR G 128 -2.69 -19.92 -29.79
CA TYR G 128 -3.32 -19.41 -31.00
C TYR G 128 -2.56 -18.17 -31.47
N PRO G 129 -1.94 -18.19 -32.65
CA PRO G 129 -1.23 -17.02 -33.13
C PRO G 129 -2.17 -15.87 -33.45
N LEU G 130 -1.62 -14.65 -33.50
CA LEU G 130 -2.43 -13.46 -33.70
C LEU G 130 -1.76 -12.53 -34.69
N ALA G 131 -2.48 -12.18 -35.76
CA ALA G 131 -2.11 -11.17 -36.71
C ALA G 131 -3.28 -10.20 -36.88
N PRO G 132 -3.00 -8.93 -37.17
CA PRO G 132 -4.09 -7.94 -37.31
C PRO G 132 -5.07 -8.33 -38.42
N THR G 138 -0.14 1.11 -43.18
CA THR G 138 1.09 0.79 -42.47
C THR G 138 0.75 0.27 -41.06
N ASN G 139 1.57 -0.56 -40.39
CA ASN G 139 2.98 -0.95 -40.62
C ASN G 139 3.96 0.17 -40.26
N SER G 140 3.65 0.91 -39.19
CA SER G 140 4.55 1.96 -38.69
C SER G 140 4.63 1.99 -37.15
N MET G 141 5.17 0.93 -36.53
CA MET G 141 5.58 -0.30 -37.18
C MET G 141 4.60 -1.40 -36.73
N VAL G 142 4.87 -2.67 -37.09
CA VAL G 142 3.80 -3.66 -37.08
C VAL G 142 3.74 -4.37 -35.73
N THR G 143 2.51 -4.70 -35.32
CA THR G 143 2.22 -5.45 -34.10
C THR G 143 1.68 -6.82 -34.45
N LEU G 144 2.23 -7.85 -33.80
CA LEU G 144 1.84 -9.25 -33.94
C LEU G 144 1.68 -9.83 -32.53
N GLY G 145 1.18 -11.06 -32.44
CA GLY G 145 0.97 -11.55 -31.09
C GLY G 145 0.71 -13.04 -31.00
N CYS G 146 0.52 -13.47 -29.76
CA CYS G 146 0.32 -14.87 -29.40
C CYS G 146 -0.65 -14.95 -28.24
N LEU G 147 -1.64 -15.84 -28.32
CA LEU G 147 -2.59 -16.05 -27.24
C LEU G 147 -2.35 -17.43 -26.64
N VAL G 148 -2.17 -17.50 -25.33
CA VAL G 148 -1.86 -18.74 -24.64
C VAL G 148 -2.99 -18.97 -23.65
N LYS G 149 -3.91 -19.86 -23.98
CA LYS G 149 -5.20 -19.93 -23.30
C LYS G 149 -5.42 -21.31 -22.68
N GLY G 150 -6.03 -21.30 -21.48
CA GLY G 150 -6.62 -22.52 -20.94
C GLY G 150 -5.64 -23.49 -20.33
N TYR G 151 -4.81 -23.02 -19.40
CA TYR G 151 -3.77 -23.85 -18.81
C TYR G 151 -3.74 -23.69 -17.31
N PHE G 152 -3.04 -24.62 -16.68
CA PHE G 152 -2.79 -24.70 -15.24
C PHE G 152 -1.69 -25.73 -15.04
N PRO G 153 -0.80 -25.55 -14.06
CA PRO G 153 -0.65 -24.40 -13.17
C PRO G 153 0.35 -23.38 -13.68
N GLU G 154 0.56 -22.31 -12.92
CA GLU G 154 1.69 -21.45 -13.17
C GLU G 154 2.98 -22.20 -12.88
N PRO G 155 4.09 -21.86 -13.54
CA PRO G 155 4.25 -20.81 -14.54
C PRO G 155 4.20 -21.30 -15.99
N VAL G 156 4.17 -20.34 -16.92
CA VAL G 156 4.32 -20.60 -18.33
C VAL G 156 5.36 -19.61 -18.85
N THR G 157 6.08 -19.99 -19.90
CA THR G 157 7.19 -19.23 -20.43
C THR G 157 6.92 -18.88 -21.88
N VAL G 158 7.05 -17.60 -22.23
CA VAL G 158 6.85 -17.13 -23.59
C VAL G 158 8.15 -16.49 -24.07
N THR G 159 8.69 -17.00 -25.17
CA THR G 159 9.79 -16.40 -25.89
C THR G 159 9.41 -16.41 -27.36
N TRP G 160 10.39 -16.19 -28.21
CA TRP G 160 10.16 -16.66 -29.54
C TRP G 160 11.42 -16.51 -30.31
N ASN G 161 11.19 -16.52 -31.61
CA ASN G 161 12.23 -16.73 -32.61
C ASN G 161 13.50 -17.25 -31.94
N SER G 162 13.28 -18.20 -31.03
CA SER G 162 14.31 -18.79 -30.14
C SER G 162 15.09 -17.73 -29.37
N GLY G 163 14.44 -16.61 -29.03
CA GLY G 163 15.07 -15.61 -28.21
C GLY G 163 16.08 -14.73 -28.90
N SER G 164 16.32 -14.92 -30.20
CA SER G 164 17.15 -13.98 -30.94
C SER G 164 16.53 -12.58 -31.00
N LEU G 165 15.23 -12.41 -30.75
CA LEU G 165 14.58 -11.14 -31.06
C LEU G 165 13.99 -10.63 -29.74
N SER G 166 14.81 -9.83 -29.04
CA SER G 166 14.82 -9.56 -27.60
C SER G 166 14.77 -8.06 -27.33
N SER G 167 13.83 -7.35 -27.96
CA SER G 167 13.71 -5.92 -27.71
C SER G 167 12.30 -5.53 -27.31
N GLY G 168 11.47 -5.18 -28.29
CA GLY G 168 10.14 -4.67 -28.01
C GLY G 168 9.12 -5.75 -27.69
N VAL G 169 9.11 -6.23 -26.44
CA VAL G 169 8.28 -7.34 -26.02
C VAL G 169 7.36 -6.86 -24.91
N HIS G 170 6.07 -7.21 -25.00
CA HIS G 170 5.16 -7.04 -23.87
C HIS G 170 4.48 -8.37 -23.59
N THR G 171 4.91 -9.05 -22.52
CA THR G 171 4.34 -10.32 -22.12
C THR G 171 3.49 -10.10 -20.87
N PHE G 172 2.29 -10.67 -20.86
CA PHE G 172 1.34 -10.28 -19.82
C PHE G 172 1.19 -11.35 -18.74
N PRO G 173 0.87 -10.93 -17.53
CA PRO G 173 0.48 -11.91 -16.50
C PRO G 173 -0.84 -12.56 -16.87
N ALA G 174 -0.97 -13.83 -16.53
CA ALA G 174 -2.23 -14.53 -16.76
C ALA G 174 -3.23 -14.17 -15.66
N VAL G 175 -4.50 -14.46 -15.93
CA VAL G 175 -5.56 -14.23 -14.97
C VAL G 175 -6.35 -15.52 -14.80
N LEU G 176 -6.97 -15.66 -13.64
CA LEU G 176 -7.74 -16.86 -13.31
C LEU G 176 -9.17 -16.67 -13.80
N GLN G 177 -9.48 -17.18 -14.98
CA GLN G 177 -10.83 -17.07 -15.52
C GLN G 177 -11.79 -18.03 -14.83
N SER G 178 -11.35 -19.27 -14.59
CA SER G 178 -12.18 -20.28 -13.98
C SER G 178 -11.30 -21.34 -13.31
N ASP G 179 -11.08 -22.45 -13.99
CA ASP G 179 -10.06 -23.41 -13.59
C ASP G 179 -8.70 -23.09 -14.19
N LEU G 180 -8.66 -22.25 -15.22
CA LEU G 180 -7.49 -22.13 -16.08
C LEU G 180 -7.00 -20.69 -16.10
N TYR G 181 -5.73 -20.56 -16.43
CA TYR G 181 -5.13 -19.25 -16.70
C TYR G 181 -5.10 -18.98 -18.20
N THR G 182 -5.14 -17.70 -18.55
CA THR G 182 -5.08 -17.27 -19.93
C THR G 182 -4.23 -16.01 -19.99
N LEU G 183 -3.27 -15.99 -20.89
CA LEU G 183 -2.39 -14.84 -21.06
C LEU G 183 -2.17 -14.60 -22.56
N SER G 184 -1.42 -13.54 -22.86
CA SER G 184 -1.11 -13.18 -24.22
C SER G 184 0.26 -12.50 -24.24
N SER G 185 0.84 -12.43 -25.44
CA SER G 185 2.17 -11.88 -25.64
C SER G 185 2.17 -11.06 -26.92
N SER G 186 2.63 -9.82 -26.83
CA SER G 186 2.59 -8.88 -27.94
C SER G 186 4.00 -8.51 -28.39
N VAL G 187 4.16 -8.45 -29.71
CA VAL G 187 5.44 -8.19 -30.36
C VAL G 187 5.25 -6.99 -31.27
N THR G 188 6.15 -6.02 -31.19
CA THR G 188 6.16 -4.90 -32.11
C THR G 188 7.51 -4.84 -32.78
N VAL G 189 7.51 -4.85 -34.12
CA VAL G 189 8.77 -4.91 -34.87
C VAL G 189 8.72 -3.93 -36.03
N PRO G 190 9.89 -3.48 -36.48
CA PRO G 190 9.95 -2.74 -37.74
C PRO G 190 9.36 -3.56 -38.87
N SER G 191 8.47 -2.92 -39.64
CA SER G 191 7.71 -3.62 -40.68
C SER G 191 8.55 -3.98 -41.89
N SER G 192 9.81 -3.55 -41.95
CA SER G 192 10.67 -3.87 -43.08
C SER G 192 10.97 -5.36 -43.12
N THR G 193 10.48 -6.12 -42.14
CA THR G 193 10.77 -7.53 -42.05
C THR G 193 9.58 -8.45 -41.80
N TRP G 194 8.38 -7.95 -41.39
CA TRP G 194 7.26 -8.89 -41.14
C TRP G 194 6.90 -9.69 -42.39
N PRO G 195 6.79 -9.08 -43.58
CA PRO G 195 6.49 -9.90 -44.76
C PRO G 195 7.69 -10.65 -45.31
N SER G 196 8.87 -10.55 -44.71
CA SER G 196 10.03 -11.29 -45.18
C SER G 196 10.51 -12.27 -44.13
N GLU G 197 11.26 -11.79 -43.14
CA GLU G 197 11.79 -12.62 -42.06
C GLU G 197 10.64 -12.89 -41.09
N THR G 198 9.91 -13.97 -41.35
CA THR G 198 8.64 -14.19 -40.69
C THR G 198 8.83 -14.56 -39.22
N VAL G 199 7.89 -14.11 -38.38
CA VAL G 199 7.98 -14.23 -36.93
C VAL G 199 7.20 -15.45 -36.47
N THR G 200 7.79 -16.23 -35.57
CA THR G 200 7.12 -17.32 -34.89
C THR G 200 7.30 -17.14 -33.39
N CYS G 201 6.45 -17.82 -32.61
CA CYS G 201 6.47 -17.72 -31.16
C CYS G 201 6.73 -19.08 -30.54
N ASN G 202 7.43 -19.06 -29.40
CA ASN G 202 7.85 -20.26 -28.69
C ASN G 202 7.29 -20.21 -27.27
N VAL G 203 6.53 -21.23 -26.90
CA VAL G 203 5.91 -21.27 -25.58
C VAL G 203 6.36 -22.55 -24.89
N ALA G 204 6.47 -22.51 -23.57
CA ALA G 204 6.84 -23.69 -22.80
C ALA G 204 6.02 -23.71 -21.52
N HIS G 205 5.56 -24.89 -21.14
CA HIS G 205 4.83 -25.07 -19.88
C HIS G 205 5.52 -26.24 -19.17
N PRO G 206 6.47 -25.96 -18.27
CA PRO G 206 7.21 -27.04 -17.63
C PRO G 206 6.35 -27.95 -16.78
N ALA G 207 5.19 -27.46 -16.31
CA ALA G 207 4.31 -28.30 -15.51
C ALA G 207 3.83 -29.50 -16.31
N SER G 208 3.30 -29.27 -17.50
CA SER G 208 3.03 -30.34 -18.44
C SER G 208 4.29 -30.78 -19.20
N SER G 209 5.43 -30.18 -18.88
CA SER G 209 6.70 -30.40 -19.59
C SER G 209 6.48 -30.40 -21.10
N THR G 210 6.02 -29.25 -21.59
CA THR G 210 5.65 -29.12 -22.99
C THR G 210 6.34 -27.91 -23.61
N LYS G 211 6.58 -28.00 -24.91
CA LYS G 211 7.07 -26.89 -25.73
C LYS G 211 6.22 -26.79 -26.98
N VAL G 212 5.91 -25.56 -27.38
CA VAL G 212 4.96 -25.23 -28.44
C VAL G 212 5.60 -24.18 -29.35
N ASP G 213 5.27 -24.27 -30.65
CA ASP G 213 5.86 -23.40 -31.66
C ASP G 213 4.81 -23.10 -32.73
N LYS G 214 4.51 -21.81 -32.95
CA LYS G 214 3.51 -21.44 -33.95
C LYS G 214 3.92 -20.15 -34.67
N LYS G 215 3.58 -20.05 -35.97
CA LYS G 215 3.97 -18.94 -36.84
C LYS G 215 2.74 -18.14 -37.31
N ILE G 216 2.99 -16.88 -37.71
CA ILE G 216 2.00 -15.82 -37.82
C ILE G 216 1.64 -15.55 -39.28
N VAL G 217 0.34 -15.52 -39.56
CA VAL G 217 -0.22 -15.14 -40.86
C VAL G 217 -1.53 -14.42 -40.62
N PRO G 218 -1.87 -13.44 -41.49
CA PRO G 218 -3.16 -12.73 -41.33
C PRO G 218 -4.37 -13.63 -41.08
N ARG G 219 -4.63 -14.56 -42.02
CA ARG G 219 -5.56 -15.68 -41.78
C ARG G 219 -6.06 -16.56 -42.91
N ASP G 220 -6.55 -15.88 -43.92
CA ASP G 220 -5.46 -15.24 -44.58
C ASP G 220 -5.84 -13.82 -45.04
N CYS G 221 -6.81 -13.79 -45.96
CA CYS G 221 -7.91 -12.80 -45.82
C CYS G 221 -9.12 -13.54 -45.27
N ASP H 1 8.98 -11.42 19.35
CA ASP H 1 8.65 -11.40 17.93
C ASP H 1 8.40 -9.96 17.47
N ILE H 2 8.98 -9.60 16.33
CA ILE H 2 9.13 -8.20 15.92
C ILE H 2 8.25 -7.92 14.72
N GLN H 3 7.65 -6.74 14.70
CA GLN H 3 6.77 -6.28 13.64
C GLN H 3 7.46 -5.21 12.80
N LEU H 4 6.96 -5.01 11.58
CA LEU H 4 7.54 -4.03 10.66
C LEU H 4 6.43 -3.23 9.98
N THR H 5 6.59 -1.91 9.95
CA THR H 5 5.65 -0.98 9.34
C THR H 5 6.39 -0.18 8.28
N GLN H 6 6.12 -0.49 7.01
CA GLN H 6 6.70 0.26 5.91
C GLN H 6 5.80 1.43 5.55
N SER H 7 6.43 2.58 5.28
CA SER H 7 5.68 3.80 5.02
C SER H 7 6.50 4.73 4.13
N PRO H 8 5.92 5.25 3.03
CA PRO H 8 4.57 4.95 2.55
C PRO H 8 4.51 3.61 1.81
N ALA H 9 3.31 3.19 1.41
CA ALA H 9 3.15 1.94 0.68
C ALA H 9 3.35 2.09 -0.82
N SER H 10 3.23 3.30 -1.34
CA SER H 10 3.44 3.57 -2.76
C SER H 10 3.59 5.07 -2.96
N LEU H 11 4.39 5.45 -3.96
CA LEU H 11 4.67 6.86 -4.21
C LEU H 11 5.07 7.04 -5.67
N ALA H 12 5.04 8.30 -6.10
CA ALA H 12 5.45 8.69 -7.45
C ALA H 12 6.42 9.86 -7.34
N VAL H 13 7.56 9.75 -8.03
CA VAL H 13 8.60 10.76 -7.97
C VAL H 13 9.02 11.16 -9.37
N SER H 14 9.36 12.43 -9.55
CA SER H 14 9.91 12.88 -10.81
C SER H 14 11.32 12.34 -10.98
N LEU H 15 11.73 12.22 -12.25
CA LEU H 15 13.07 11.72 -12.54
C LEU H 15 14.10 12.77 -12.18
N GLY H 16 15.11 12.36 -11.41
CA GLY H 16 16.08 13.26 -10.86
C GLY H 16 15.79 13.73 -9.45
N GLN H 17 14.52 13.63 -9.02
CA GLN H 17 14.03 14.02 -7.68
C GLN H 17 14.38 12.94 -6.64
N ARG H 18 14.40 13.34 -5.36
CA ARG H 18 14.71 12.42 -4.26
C ARG H 18 13.50 11.56 -3.90
N ALA H 19 13.76 10.27 -3.59
CA ALA H 19 12.68 9.39 -3.17
C ALA H 19 13.04 8.73 -1.85
N THR H 20 12.04 8.59 -0.98
CA THR H 20 12.27 8.14 0.38
C THR H 20 11.23 7.09 0.79
N ILE H 21 11.72 5.93 1.21
CA ILE H 21 10.93 4.91 1.89
C ILE H 21 11.43 4.84 3.33
N SER H 22 10.57 4.46 4.26
CA SER H 22 11.04 4.27 5.62
C SER H 22 10.24 3.15 6.27
N CYS H 23 10.67 2.78 7.48
CA CYS H 23 10.07 1.66 8.18
C CYS H 23 10.34 1.79 9.66
N ARG H 24 9.36 1.33 10.44
CA ARG H 24 9.40 1.34 11.89
C ARG H 24 9.23 -0.08 12.41
N ALA H 25 9.88 -0.37 13.53
CA ALA H 25 9.84 -1.69 14.14
C ALA H 25 9.30 -1.59 15.56
N SER H 26 8.74 -2.70 16.03
CA SER H 26 8.20 -2.75 17.39
C SER H 26 9.29 -2.59 18.43
N GLN H 27 10.52 -2.99 18.11
CA GLN H 27 11.60 -3.01 19.08
C GLN H 27 12.82 -2.29 18.53
N SER H 28 13.70 -1.93 19.46
CA SER H 28 15.06 -1.55 19.08
C SER H 28 15.75 -2.72 18.41
N VAL H 29 16.32 -2.48 17.24
CA VAL H 29 16.99 -3.54 16.50
C VAL H 29 18.46 -3.19 16.33
N SER H 30 19.01 -2.47 17.30
CA SER H 30 20.40 -2.04 17.21
C SER H 30 21.02 -2.02 18.60
N THR H 31 22.34 -2.09 18.62
CA THR H 31 23.12 -1.96 19.84
C THR H 31 23.75 -0.57 19.89
N SER H 32 24.43 -0.27 21.00
CA SER H 32 25.19 0.97 21.07
C SER H 32 26.51 0.87 20.31
N ARG H 33 26.76 -0.24 19.62
CA ARG H 33 27.97 -0.43 18.84
C ARG H 33 27.71 -0.62 17.35
N TYR H 34 26.52 -1.12 16.96
CA TYR H 34 26.24 -1.66 15.62
C TYR H 34 24.72 -1.77 15.43
N SER H 35 24.27 -1.60 14.17
CA SER H 35 22.85 -1.60 13.84
C SER H 35 22.58 -2.60 12.71
N TYR H 36 21.38 -3.20 12.73
CA TYR H 36 21.13 -4.48 12.03
C TYR H 36 19.85 -4.43 11.19
N MET H 37 19.97 -3.96 9.95
CA MET H 37 18.85 -3.92 9.02
C MET H 37 19.35 -4.28 7.63
N HIS H 38 18.41 -4.48 6.69
CA HIS H 38 18.81 -4.56 5.29
C HIS H 38 17.61 -4.31 4.37
N TRP H 39 17.92 -3.87 3.14
CA TRP H 39 16.90 -3.42 2.19
C TRP H 39 17.06 -4.11 0.84
N TYR H 40 15.92 -4.48 0.22
CA TYR H 40 15.86 -5.22 -1.03
C TYR H 40 14.91 -4.56 -2.01
N GLN H 41 15.09 -4.88 -3.30
CA GLN H 41 14.31 -4.31 -4.39
C GLN H 41 13.81 -5.40 -5.32
N HIS H 42 12.71 -5.08 -6.01
CA HIS H 42 11.93 -6.00 -6.84
C HIS H 42 11.48 -5.30 -8.11
N LYS H 43 12.03 -5.69 -9.23
CA LYS H 43 11.42 -5.39 -10.52
C LYS H 43 10.51 -6.55 -10.91
N PRO H 44 9.74 -6.43 -11.99
CA PRO H 44 8.84 -7.55 -12.35
C PRO H 44 9.63 -8.78 -12.81
N GLY H 45 9.20 -9.95 -12.33
CA GLY H 45 9.87 -11.20 -12.67
C GLY H 45 11.35 -11.19 -12.37
N GLN H 46 11.74 -10.68 -11.21
CA GLN H 46 13.17 -10.48 -10.99
C GLN H 46 13.64 -11.07 -9.67
N PRO H 47 14.85 -11.59 -9.66
CA PRO H 47 15.51 -12.00 -8.42
C PRO H 47 15.66 -10.82 -7.49
N PRO H 48 15.08 -10.90 -6.28
CA PRO H 48 15.23 -9.81 -5.32
C PRO H 48 16.70 -9.54 -5.04
N LYS H 49 17.13 -8.30 -5.21
CA LYS H 49 18.53 -7.96 -5.02
C LYS H 49 18.73 -7.10 -3.80
N LEU H 50 19.80 -7.39 -3.07
CA LEU H 50 20.17 -6.61 -1.89
C LEU H 50 20.55 -5.19 -2.31
N LEU H 51 19.94 -4.21 -1.65
CA LEU H 51 20.24 -2.80 -1.85
C LEU H 51 21.10 -2.22 -0.74
N ILE H 52 20.70 -2.44 0.51
CA ILE H 52 21.42 -1.90 1.66
C ILE H 52 21.79 -3.04 2.60
N LYS H 53 23.04 -3.04 3.04
CA LYS H 53 23.70 -4.18 3.68
C LYS H 53 23.38 -4.30 5.16
N TYR H 54 23.76 -3.29 5.95
CA TYR H 54 23.59 -3.33 7.40
C TYR H 54 22.66 -2.27 7.94
N ALA H 55 22.82 -1.01 7.52
CA ALA H 55 22.00 0.09 8.02
C ALA H 55 22.20 1.32 7.14
N SER H 56 23.44 1.55 6.74
CA SER H 56 23.83 2.65 5.88
C SER H 56 25.02 2.18 5.04
N ASN H 57 24.81 1.12 4.27
CA ASN H 57 25.92 0.41 3.62
C ASN H 57 25.51 0.04 2.21
N LEU H 58 26.22 0.63 1.24
CA LEU H 58 25.94 0.42 -0.17
C LEU H 58 26.53 -0.91 -0.62
N GLU H 59 25.70 -1.75 -1.24
CA GLU H 59 26.14 -3.09 -1.61
C GLU H 59 27.17 -3.05 -2.73
N SER H 60 28.09 -4.02 -2.70
CA SER H 60 29.12 -4.18 -3.73
C SER H 60 28.44 -4.58 -5.04
N GLY H 61 27.90 -3.59 -5.74
CA GLY H 61 27.28 -3.85 -7.02
C GLY H 61 26.02 -3.08 -7.31
N VAL H 62 25.62 -2.19 -6.40
CA VAL H 62 24.45 -1.34 -6.63
C VAL H 62 24.93 0.10 -6.74
N PRO H 63 24.25 0.95 -7.51
CA PRO H 63 24.78 2.28 -7.79
C PRO H 63 24.79 3.17 -6.55
N ALA H 64 25.69 4.17 -6.60
CA ALA H 64 25.81 5.13 -5.51
C ALA H 64 24.53 5.93 -5.27
N ARG H 65 23.56 5.86 -6.19
CA ARG H 65 22.32 6.60 -6.03
C ARG H 65 21.60 6.25 -4.74
N PHE H 66 21.83 5.06 -4.20
CA PHE H 66 21.10 4.57 -3.04
C PHE H 66 21.89 4.83 -1.77
N SER H 67 21.17 5.13 -0.69
CA SER H 67 21.81 5.30 0.61
C SER H 67 20.77 5.09 1.71
N GLY H 68 21.16 4.38 2.76
CA GLY H 68 20.31 4.14 3.90
C GLY H 68 20.70 4.99 5.09
N SER H 69 19.80 5.01 6.07
CA SER H 69 20.06 5.76 7.30
C SER H 69 19.13 5.25 8.38
N GLY H 70 19.52 5.46 9.63
CA GLY H 70 18.67 5.19 10.77
C GLY H 70 19.32 4.33 11.82
N SER H 71 18.57 4.11 12.89
CA SER H 71 19.03 3.33 14.03
C SER H 71 17.80 3.08 14.91
N GLY H 72 18.02 2.52 16.10
CA GLY H 72 16.93 2.25 17.03
C GLY H 72 15.73 1.57 16.42
N THR H 73 14.73 2.36 16.01
CA THR H 73 13.50 1.83 15.42
C THR H 73 13.09 2.56 14.14
N ASP H 74 14.08 3.15 13.39
CA ASP H 74 14.02 4.47 12.71
C ASP H 74 14.23 4.53 11.17
N PHE H 75 14.22 3.42 10.42
CA PHE H 75 15.14 3.22 9.32
C PHE H 75 14.57 3.72 7.98
N THR H 76 15.47 4.20 7.13
CA THR H 76 15.16 4.98 5.94
C THR H 76 16.00 4.52 4.75
N LEU H 77 15.34 4.39 3.61
CA LEU H 77 15.96 4.10 2.31
C LEU H 77 15.78 5.31 1.41
N ASN H 78 16.89 5.86 0.92
CA ASN H 78 16.90 7.07 0.11
C ASN H 78 17.47 6.77 -1.26
N ILE H 79 16.82 7.35 -2.27
CA ILE H 79 17.25 7.24 -3.67
C ILE H 79 17.40 8.66 -4.20
N HIS H 80 18.64 9.05 -4.46
CA HIS H 80 18.94 10.30 -5.16
C HIS H 80 20.03 10.07 -6.19
N PRO H 81 19.87 10.53 -7.46
CA PRO H 81 18.60 10.98 -8.05
C PRO H 81 17.87 9.79 -8.61
N VAL H 82 16.56 9.85 -8.79
CA VAL H 82 15.81 8.65 -9.11
C VAL H 82 15.88 8.41 -10.61
N GLU H 83 16.05 7.15 -10.99
CA GLU H 83 16.12 6.73 -12.38
C GLU H 83 14.87 5.95 -12.78
N GLU H 84 14.74 5.83 -14.11
CA GLU H 84 13.80 4.94 -14.77
C GLU H 84 14.15 3.47 -14.50
N GLU H 85 15.41 3.19 -14.18
CA GLU H 85 15.95 1.87 -13.90
C GLU H 85 15.56 1.36 -12.53
N ASP H 86 14.97 2.21 -11.68
CA ASP H 86 14.71 1.86 -10.28
C ASP H 86 13.24 1.55 -10.02
N THR H 87 12.43 1.42 -11.07
CA THR H 87 11.00 1.11 -10.93
C THR H 87 10.81 -0.19 -10.17
N ALA H 88 10.19 -0.13 -8.99
CA ALA H 88 10.33 -1.36 -8.22
C ALA H 88 9.49 -1.35 -6.95
N THR H 89 9.13 -2.55 -6.51
CA THR H 89 8.72 -2.75 -5.13
C THR H 89 9.98 -2.85 -4.25
N TYR H 90 9.83 -2.47 -2.99
CA TYR H 90 10.95 -2.46 -2.08
C TYR H 90 10.54 -3.07 -0.76
N TYR H 91 11.47 -3.84 -0.17
CA TYR H 91 11.19 -4.61 1.03
C TYR H 91 12.23 -4.33 2.10
N CYS H 92 11.74 -4.28 3.33
CA CYS H 92 12.52 -3.91 4.50
C CYS H 92 12.69 -5.13 5.39
N GLN H 93 13.88 -5.31 5.95
CA GLN H 93 14.18 -6.51 6.70
C GLN H 93 15.04 -6.21 7.92
N HIS H 94 14.83 -7.00 8.96
CA HIS H 94 15.63 -6.99 10.17
C HIS H 94 16.16 -8.39 10.41
N SER H 95 17.26 -8.47 11.16
CA SER H 95 17.89 -9.74 11.49
C SER H 95 18.28 -9.77 12.96
N TRP H 96 17.31 -9.48 13.85
CA TRP H 96 17.61 -9.47 15.27
C TRP H 96 17.08 -10.72 15.97
N GLU H 97 15.76 -10.82 16.14
CA GLU H 97 15.23 -12.03 16.75
C GLU H 97 15.23 -13.16 15.73
N ASN H 98 14.98 -14.38 16.22
CA ASN H 98 15.04 -15.54 15.35
C ASN H 98 14.08 -15.46 14.15
N PRO H 99 12.83 -14.97 14.26
CA PRO H 99 12.03 -14.86 13.04
C PRO H 99 12.42 -13.61 12.26
N TYR H 100 13.41 -13.74 11.39
CA TYR H 100 13.70 -12.67 10.44
C TYR H 100 12.47 -12.42 9.60
N THR H 101 12.07 -11.16 9.48
CA THR H 101 10.85 -10.82 8.79
C THR H 101 11.12 -9.79 7.70
N PHE H 102 10.09 -9.57 6.89
CA PHE H 102 10.06 -8.56 5.86
C PHE H 102 8.93 -7.58 6.16
N GLY H 103 9.03 -6.39 5.58
CA GLY H 103 7.92 -5.46 5.63
C GLY H 103 6.80 -5.90 4.70
N GLY H 104 5.69 -5.16 4.77
CA GLY H 104 4.58 -5.42 3.86
C GLY H 104 4.91 -5.12 2.42
N GLY H 105 5.89 -4.26 2.17
CA GLY H 105 6.31 -3.87 0.84
C GLY H 105 5.86 -2.46 0.50
N THR H 106 6.59 -1.84 -0.42
CA THR H 106 6.22 -0.50 -0.88
C THR H 106 6.55 -0.35 -2.36
N LYS H 107 5.68 0.33 -3.10
CA LYS H 107 5.84 0.43 -4.55
C LYS H 107 6.41 1.78 -4.95
N LEU H 108 7.32 1.75 -5.94
CA LEU H 108 7.87 2.94 -6.56
C LEU H 108 7.49 2.92 -8.04
N GLU H 109 6.61 3.85 -8.40
CA GLU H 109 6.07 4.06 -9.74
C GLU H 109 6.51 5.45 -10.19
N ILE H 110 7.22 5.51 -11.31
CA ILE H 110 7.91 6.74 -11.70
C ILE H 110 6.95 7.72 -12.35
N LYS H 111 7.13 9.00 -12.02
CA LYS H 111 6.35 10.07 -12.64
C LYS H 111 6.77 10.26 -14.10
N ARG H 112 5.79 10.28 -15.00
CA ARG H 112 6.07 10.22 -16.44
C ARG H 112 5.05 11.07 -17.19
N ALA H 113 5.51 11.67 -18.29
CA ALA H 113 4.64 12.49 -19.13
C ALA H 113 3.63 11.62 -19.87
N ASP H 114 2.62 12.28 -20.45
CA ASP H 114 1.54 11.58 -21.11
C ASP H 114 2.03 10.77 -22.30
N ALA H 115 1.43 9.60 -22.51
CA ALA H 115 1.76 8.73 -23.63
C ALA H 115 0.53 7.91 -24.01
N ALA H 116 0.15 7.98 -25.28
CA ALA H 116 -1.03 7.29 -25.79
C ALA H 116 -0.69 5.84 -26.17
N PRO H 117 -1.66 4.94 -26.09
CA PRO H 117 -1.37 3.52 -26.35
C PRO H 117 -1.33 3.20 -27.84
N THR H 118 -0.61 2.13 -28.15
CA THR H 118 -0.64 1.53 -29.48
C THR H 118 -1.77 0.51 -29.49
N VAL H 119 -2.89 0.88 -30.11
CA VAL H 119 -4.08 0.04 -30.14
C VAL H 119 -3.98 -0.88 -31.35
N SER H 120 -4.10 -2.19 -31.09
CA SER H 120 -4.07 -3.17 -32.17
C SER H 120 -5.15 -4.21 -31.90
N ILE H 121 -6.09 -4.33 -32.83
CA ILE H 121 -7.21 -5.27 -32.73
C ILE H 121 -6.87 -6.52 -33.53
N PHE H 122 -7.21 -7.67 -32.97
CA PHE H 122 -6.88 -8.96 -33.58
C PHE H 122 -8.13 -9.82 -33.62
N PRO H 123 -8.53 -10.28 -34.80
CA PRO H 123 -9.56 -11.30 -34.90
C PRO H 123 -9.04 -12.63 -34.38
N PRO H 124 -9.91 -13.60 -34.11
CA PRO H 124 -9.43 -14.92 -33.70
C PRO H 124 -8.63 -15.57 -34.81
N SER H 125 -7.78 -16.52 -34.40
CA SER H 125 -6.93 -17.19 -35.36
C SER H 125 -7.73 -18.17 -36.22
N SER H 126 -7.13 -18.56 -37.35
CA SER H 126 -7.72 -19.58 -38.20
C SER H 126 -7.64 -20.97 -37.59
N GLU H 127 -6.98 -21.11 -36.43
CA GLU H 127 -6.81 -22.39 -35.76
C GLU H 127 -7.52 -22.45 -34.43
N GLN H 128 -8.06 -21.34 -33.94
CA GLN H 128 -8.73 -21.33 -32.64
C GLN H 128 -10.11 -21.99 -32.71
N LEU H 129 -10.93 -21.58 -33.68
CA LEU H 129 -12.27 -22.15 -33.82
C LEU H 129 -12.26 -23.59 -34.29
N THR H 130 -11.09 -24.20 -34.50
CA THR H 130 -11.02 -25.63 -34.77
C THR H 130 -11.40 -26.45 -33.55
N SER H 131 -11.55 -25.84 -32.37
CA SER H 131 -12.04 -26.52 -31.19
C SER H 131 -13.42 -26.05 -30.75
N GLY H 132 -13.80 -24.80 -31.06
CA GLY H 132 -15.12 -24.31 -30.75
C GLY H 132 -15.18 -22.93 -30.13
N GLY H 133 -14.05 -22.48 -29.56
CA GLY H 133 -13.98 -21.19 -28.93
C GLY H 133 -13.27 -20.15 -29.79
N ALA H 134 -13.42 -18.89 -29.39
CA ALA H 134 -12.92 -17.77 -30.17
C ALA H 134 -12.74 -16.57 -29.24
N SER H 135 -11.95 -15.62 -29.70
CA SER H 135 -11.67 -14.43 -28.91
C SER H 135 -11.24 -13.31 -29.84
N VAL H 136 -11.61 -12.09 -29.47
CA VAL H 136 -11.08 -10.88 -30.10
C VAL H 136 -10.14 -10.24 -29.09
N VAL H 137 -8.91 -10.00 -29.51
CA VAL H 137 -7.86 -9.53 -28.59
C VAL H 137 -7.48 -8.11 -28.97
N CYS H 138 -7.58 -7.20 -28.02
CA CYS H 138 -7.06 -5.85 -28.17
C CYS H 138 -5.80 -5.70 -27.34
N PHE H 139 -4.73 -5.23 -27.97
CA PHE H 139 -3.52 -4.84 -27.28
C PHE H 139 -3.48 -3.33 -27.20
N LEU H 140 -3.41 -2.79 -25.98
CA LEU H 140 -3.11 -1.39 -25.76
C LEU H 140 -1.69 -1.41 -25.19
N ASN H 141 -0.71 -1.27 -26.08
CA ASN H 141 0.62 -1.83 -25.86
C ASN H 141 1.55 -0.94 -25.04
N ASN H 142 1.28 0.36 -24.94
CA ASN H 142 2.24 1.25 -24.29
C ASN H 142 1.63 2.61 -23.99
N PHE H 143 1.36 2.91 -22.71
CA PHE H 143 0.68 4.14 -22.37
C PHE H 143 1.02 4.58 -20.95
N TYR H 144 0.75 5.86 -20.70
CA TYR H 144 0.70 6.49 -19.38
C TYR H 144 -0.17 7.71 -19.52
N PRO H 145 -1.00 8.06 -18.52
CA PRO H 145 -1.21 7.56 -17.15
C PRO H 145 -1.65 6.10 -17.01
N LYS H 146 -1.56 5.61 -15.78
CA LYS H 146 -2.04 4.27 -15.46
C LYS H 146 -3.52 4.13 -15.83
N ASP H 147 -4.28 5.14 -15.42
CA ASP H 147 -5.65 5.55 -15.74
C ASP H 147 -6.17 5.13 -17.10
N ILE H 148 -6.51 3.83 -17.34
CA ILE H 148 -7.31 3.68 -18.55
C ILE H 148 -8.50 2.76 -18.39
N ASN H 149 -9.37 2.84 -19.40
CA ASN H 149 -10.72 2.27 -19.18
C ASN H 149 -11.11 1.80 -20.58
N VAL H 150 -11.40 0.49 -20.81
CA VAL H 150 -11.57 -0.05 -22.15
C VAL H 150 -12.88 -0.79 -22.26
N LYS H 151 -13.50 -0.78 -23.45
CA LYS H 151 -14.80 -1.42 -23.65
C LYS H 151 -14.89 -2.01 -25.05
N TRP H 152 -15.52 -3.17 -25.13
CA TRP H 152 -15.79 -3.87 -26.39
C TRP H 152 -17.21 -3.62 -26.85
N LYS H 153 -17.40 -3.52 -28.16
CA LYS H 153 -18.72 -3.35 -28.74
C LYS H 153 -18.92 -4.34 -29.89
N ILE H 154 -19.97 -5.13 -29.79
CA ILE H 154 -20.35 -6.08 -30.84
C ILE H 154 -21.52 -5.50 -31.61
N ASP H 155 -21.33 -5.33 -32.93
CA ASP H 155 -22.30 -4.67 -33.80
C ASP H 155 -22.65 -3.25 -33.32
N GLY H 156 -21.81 -2.66 -32.48
CA GLY H 156 -22.02 -1.30 -32.01
C GLY H 156 -22.63 -1.18 -30.62
N SER H 157 -23.07 -2.29 -30.03
CA SER H 157 -23.70 -2.27 -28.71
C SER H 157 -22.75 -2.83 -27.66
N GLU H 158 -23.12 -2.64 -26.40
CA GLU H 158 -22.24 -2.99 -25.28
C GLU H 158 -22.28 -4.48 -24.99
N ARG H 159 -21.11 -5.02 -24.63
CA ARG H 159 -21.03 -6.36 -24.06
C ARG H 159 -19.76 -6.43 -23.21
N GLN H 160 -19.92 -6.59 -21.91
CA GLN H 160 -18.80 -6.75 -21.01
C GLN H 160 -18.84 -8.06 -20.25
N ASN H 161 -19.72 -8.99 -20.64
CA ASN H 161 -19.96 -10.19 -19.82
C ASN H 161 -18.73 -11.09 -19.75
N GLY H 162 -17.98 -11.22 -20.84
CA GLY H 162 -16.93 -12.21 -20.87
C GLY H 162 -15.54 -11.70 -21.21
N VAL H 163 -15.17 -10.54 -20.66
CA VAL H 163 -13.90 -9.89 -20.97
C VAL H 163 -12.90 -10.19 -19.87
N LEU H 164 -11.69 -10.59 -20.28
CA LEU H 164 -10.56 -10.78 -19.37
C LEU H 164 -9.57 -9.65 -19.61
N ASN H 165 -9.30 -8.86 -18.57
CA ASN H 165 -8.41 -7.70 -18.69
C ASN H 165 -7.19 -7.93 -17.80
N SER H 166 -6.02 -7.99 -18.43
CA SER H 166 -4.77 -8.19 -17.72
C SER H 166 -3.87 -6.97 -17.91
N TRP H 167 -3.07 -6.70 -16.88
CA TRP H 167 -2.26 -5.49 -16.80
C TRP H 167 -0.81 -5.85 -16.54
N THR H 168 0.11 -5.11 -17.16
CA THR H 168 1.48 -5.14 -16.72
C THR H 168 1.73 -3.94 -15.83
N ASP H 169 2.66 -4.09 -14.89
CA ASP H 169 3.09 -2.92 -14.15
C ASP H 169 4.16 -2.18 -14.95
N GLN H 170 4.63 -1.07 -14.38
CA GLN H 170 5.44 -0.10 -15.12
C GLN H 170 6.66 -0.75 -15.75
N ASP H 171 6.81 -0.56 -17.06
CA ASP H 171 7.97 -1.07 -17.78
C ASP H 171 9.16 -0.14 -17.55
N SER H 172 10.27 -0.73 -17.08
CA SER H 172 11.38 0.07 -16.57
C SER H 172 12.19 0.78 -17.64
N LYS H 173 12.00 0.45 -18.92
CA LYS H 173 12.64 1.21 -19.99
C LYS H 173 11.76 2.33 -20.52
N ASP H 174 10.45 2.22 -20.35
CA ASP H 174 9.50 3.20 -20.87
C ASP H 174 8.93 4.13 -19.80
N SER H 175 8.85 3.65 -18.56
CA SER H 175 8.05 4.29 -17.51
C SER H 175 6.59 4.38 -17.93
N THR H 176 6.09 3.33 -18.59
CA THR H 176 4.72 3.28 -19.06
C THR H 176 4.13 1.91 -18.76
N TYR H 177 2.82 1.77 -19.01
CA TYR H 177 2.06 0.57 -18.71
C TYR H 177 1.49 -0.02 -19.99
N SER H 178 0.85 -1.18 -19.87
CA SER H 178 0.26 -1.86 -21.03
C SER H 178 -0.84 -2.80 -20.58
N MET H 179 -1.78 -3.05 -21.50
CA MET H 179 -3.02 -3.75 -21.20
C MET H 179 -3.39 -4.75 -22.30
N SER H 180 -3.84 -5.93 -21.86
CA SER H 180 -4.36 -6.98 -22.73
C SER H 180 -5.85 -7.17 -22.45
N SER H 181 -6.68 -6.95 -23.47
CA SER H 181 -8.13 -7.12 -23.36
C SER H 181 -8.54 -8.30 -24.23
N THR H 182 -9.04 -9.35 -23.60
CA THR H 182 -9.40 -10.59 -24.29
C THR H 182 -10.91 -10.78 -24.19
N LEU H 183 -11.62 -10.55 -25.30
CA LEU H 183 -13.06 -10.78 -25.34
C LEU H 183 -13.29 -12.21 -25.83
N THR H 184 -13.70 -13.08 -24.91
CA THR H 184 -13.83 -14.51 -25.15
C THR H 184 -15.29 -14.89 -25.35
N LEU H 185 -15.53 -15.73 -26.36
CA LEU H 185 -16.88 -16.14 -26.74
C LEU H 185 -16.73 -17.35 -27.66
N THR H 186 -17.84 -17.99 -27.98
CA THR H 186 -17.74 -19.23 -28.74
C THR H 186 -18.16 -19.02 -30.19
N LYS H 187 -18.21 -20.12 -30.95
CA LYS H 187 -18.58 -20.06 -32.35
C LYS H 187 -20.05 -19.65 -32.52
N ASP H 188 -20.90 -20.02 -31.56
CA ASP H 188 -22.33 -19.79 -31.70
C ASP H 188 -22.65 -18.30 -31.76
N GLU H 189 -22.11 -17.54 -30.81
CA GLU H 189 -22.40 -16.11 -30.72
C GLU H 189 -21.59 -15.32 -31.74
N TYR H 190 -20.33 -15.71 -31.95
CA TYR H 190 -19.49 -15.06 -32.96
C TYR H 190 -20.13 -15.12 -34.34
N GLU H 191 -20.74 -16.27 -34.66
CA GLU H 191 -21.37 -16.58 -35.93
C GLU H 191 -22.58 -15.68 -36.21
N ARG H 192 -22.93 -14.78 -35.28
CA ARG H 192 -24.17 -14.01 -35.39
C ARG H 192 -23.96 -12.50 -35.40
N HIS H 193 -22.71 -12.04 -35.56
CA HIS H 193 -22.43 -10.62 -35.65
C HIS H 193 -21.31 -10.39 -36.67
N ASN H 194 -21.09 -9.14 -37.03
CA ASN H 194 -20.12 -8.83 -38.08
C ASN H 194 -19.07 -7.83 -37.67
N SER H 195 -19.42 -6.85 -36.84
CA SER H 195 -18.52 -5.76 -36.49
C SER H 195 -18.06 -5.93 -35.05
N TYR H 196 -16.75 -6.03 -34.85
CA TYR H 196 -16.18 -6.07 -33.50
C TYR H 196 -15.29 -4.85 -33.33
N THR H 197 -15.70 -3.95 -32.45
CA THR H 197 -15.03 -2.68 -32.23
C THR H 197 -14.50 -2.62 -30.81
N CYS H 198 -13.37 -1.94 -30.64
CA CYS H 198 -12.79 -1.72 -29.32
C CYS H 198 -12.58 -0.23 -29.14
N GLU H 199 -13.19 0.32 -28.09
CA GLU H 199 -13.03 1.71 -27.71
C GLU H 199 -12.25 1.79 -26.40
N ALA H 200 -11.45 2.85 -26.27
CA ALA H 200 -10.67 3.06 -25.06
C ALA H 200 -10.73 4.50 -24.62
N THR H 201 -10.95 4.67 -23.31
CA THR H 201 -10.92 5.96 -22.61
C THR H 201 -9.58 6.16 -21.95
N HIS H 202 -8.95 7.28 -22.30
CA HIS H 202 -7.62 7.71 -21.88
C HIS H 202 -7.63 9.23 -21.71
N LYS H 203 -6.70 9.71 -20.89
CA LYS H 203 -6.46 11.15 -20.72
C LYS H 203 -6.03 11.84 -22.01
N THR H 204 -5.71 11.07 -23.06
CA THR H 204 -5.09 11.63 -24.25
C THR H 204 -6.09 12.42 -25.09
N SER H 205 -7.31 11.92 -25.24
CA SER H 205 -8.30 12.56 -26.10
C SER H 205 -9.68 12.49 -25.47
N THR H 206 -10.46 13.56 -25.66
CA THR H 206 -11.87 13.52 -25.28
C THR H 206 -12.59 12.37 -25.95
N SER H 207 -12.17 12.02 -27.16
CA SER H 207 -12.69 10.89 -27.91
C SER H 207 -12.02 9.60 -27.47
N PRO H 208 -12.75 8.47 -27.51
CA PRO H 208 -12.10 7.18 -27.30
C PRO H 208 -11.26 6.82 -28.52
N ILE H 209 -10.14 6.15 -28.26
CA ILE H 209 -9.37 5.58 -29.36
C ILE H 209 -10.01 4.26 -29.75
N VAL H 210 -10.29 4.11 -31.05
CA VAL H 210 -11.14 3.02 -31.55
C VAL H 210 -10.45 2.33 -32.70
N LYS H 211 -10.47 0.99 -32.68
CA LYS H 211 -10.19 0.20 -33.87
C LYS H 211 -11.14 -0.98 -33.89
N SER H 212 -11.48 -1.44 -35.10
CA SER H 212 -12.52 -2.44 -35.26
C SER H 212 -12.22 -3.29 -36.48
N PHE H 213 -13.02 -4.34 -36.66
CA PHE H 213 -12.99 -5.06 -37.93
C PHE H 213 -14.35 -5.67 -38.22
N ASN H 214 -14.63 -5.75 -39.53
CA ASN H 214 -15.81 -6.40 -40.10
C ASN H 214 -15.51 -7.88 -40.33
N ARG H 215 -16.56 -8.62 -40.69
CA ARG H 215 -16.43 -10.05 -40.94
C ARG H 215 -17.12 -10.46 -42.23
#